data_7KQ8
#
_entry.id   7KQ8
#
_cell.length_a   139.643
_cell.length_b   88.861
_cell.length_c   97.360
_cell.angle_alpha   90.000
_cell.angle_beta   90.000
_cell.angle_gamma   90.000
#
_symmetry.space_group_name_H-M   'P 21 21 2'
#
loop_
_entity.id
_entity.type
_entity.pdbx_description
1 polymer 'Protein MEMO1'
2 non-polymer GLUTATHIONE
3 non-polymer 1,2-ETHANEDIOL
4 non-polymer 'FE (II) ION'
5 non-polymer GLYCEROL
6 non-polymer DI(HYDROXYETHYL)ETHER
7 water water
#
_entity_poly.entity_id   1
_entity_poly.type   'polypeptide(L)'
_entity_poly.pdbx_seq_one_letter_code
;RVVCREASHAGSWYTASGPQLNAQLEGWLSQVQSTKRPARAIIAPHAGYTYCGSCAAHAYKQVDPSITRRIFILGPSHHV
PLSRCALSSVDIYRTPLYDLRIDQKIYGELWKTGMFERMSLQTDEDEHSIEMHLPYTAKAMESHKDEFTIIPVLVGALSE
SKEQEFGKLFSKYLADPSNLFVVSSDFCHWGQRFRYSYYDESQGEIYRSIEHLDKMGMSIIEQLDPVSFSNYLKKYHNTI
CGRHPIGVLLNAITELQKNGMNMSFSFLNYAQSSQCRNWQDSSVSYAAGALTVH
;
_entity_poly.pdbx_strand_id   A,B,C,D
#
loop_
_chem_comp.id
_chem_comp.type
_chem_comp.name
_chem_comp.formula
EDO non-polymer 1,2-ETHANEDIOL 'C2 H6 O2'
FE2 non-polymer 'FE (II) ION' 'Fe 2'
GOL non-polymer GLYCEROL 'C3 H8 O3'
GSH non-polymer GLUTATHIONE 'C10 H17 N3 O6 S'
PEG non-polymer DI(HYDROXYETHYL)ETHER 'C4 H10 O3'
#
# COMPACT_ATOMS: atom_id res chain seq x y z
N ARG A 1 27.16 -1.40 -24.44
CA ARG A 1 26.63 -2.30 -23.43
C ARG A 1 25.38 -3.02 -23.94
N VAL A 2 25.07 -4.17 -23.36
CA VAL A 2 23.90 -4.94 -23.73
C VAL A 2 22.74 -4.48 -22.87
N VAL A 3 21.60 -4.17 -23.50
CA VAL A 3 20.47 -3.61 -22.78
C VAL A 3 19.48 -4.68 -22.33
N CYS A 4 19.45 -5.84 -22.97
CA CYS A 4 18.42 -6.84 -22.74
C CYS A 4 19.03 -8.17 -22.33
N ARG A 5 18.48 -8.78 -21.28
CA ARG A 5 18.77 -10.16 -20.97
C ARG A 5 17.85 -11.05 -21.81
N GLU A 6 18.44 -11.87 -22.67
CA GLU A 6 17.64 -12.76 -23.49
C GLU A 6 16.96 -13.82 -22.63
N ALA A 7 15.81 -14.32 -23.11
CA ALA A 7 15.09 -15.39 -22.44
C ALA A 7 15.79 -16.71 -22.77
N SER A 8 16.93 -16.92 -22.09
CA SER A 8 17.88 -17.94 -22.50
C SER A 8 17.36 -19.36 -22.31
N HIS A 9 16.28 -19.54 -21.54
CA HIS A 9 15.71 -20.87 -21.34
C HIS A 9 14.37 -21.05 -22.04
N ALA A 10 13.94 -20.07 -22.84
CA ALA A 10 12.75 -20.26 -23.64
C ALA A 10 13.00 -21.36 -24.67
N GLY A 11 12.00 -22.22 -24.84
CA GLY A 11 12.12 -23.36 -25.72
C GLY A 11 12.55 -24.64 -25.04
N SER A 12 13.10 -24.56 -23.85
CA SER A 12 13.60 -25.75 -23.17
C SER A 12 13.02 -25.92 -21.77
N TRP A 13 12.80 -24.82 -21.05
CA TRP A 13 12.12 -24.86 -19.76
C TRP A 13 10.67 -24.44 -19.84
N TYR A 14 10.26 -23.81 -20.93
CA TYR A 14 8.89 -23.39 -21.17
C TYR A 14 8.75 -23.10 -22.66
N THR A 15 7.50 -23.02 -23.11
CA THR A 15 7.24 -22.85 -24.53
C THR A 15 7.81 -21.53 -25.04
N ALA A 16 8.50 -21.59 -26.19
CA ALA A 16 9.13 -20.40 -26.75
C ALA A 16 8.14 -19.54 -27.54
N SER A 17 7.05 -20.10 -28.02
CA SER A 17 6.05 -19.34 -28.74
C SER A 17 5.23 -18.50 -27.76
N GLY A 18 5.28 -17.18 -27.92
CA GLY A 18 4.52 -16.26 -27.09
C GLY A 18 3.05 -16.58 -26.95
N PRO A 19 2.32 -16.68 -28.07
CA PRO A 19 0.88 -16.99 -27.98
C PRO A 19 0.56 -18.32 -27.31
N GLN A 20 1.31 -19.38 -27.64
N GLN A 20 1.31 -19.38 -27.64
CA GLN A 20 1.08 -20.67 -27.01
CA GLN A 20 1.08 -20.68 -27.02
C GLN A 20 1.36 -20.63 -25.51
C GLN A 20 1.37 -20.63 -25.52
N LEU A 21 2.47 -19.98 -25.13
CA LEU A 21 2.80 -19.86 -23.71
C LEU A 21 1.75 -19.05 -22.95
N ASN A 22 1.28 -17.95 -23.56
CA ASN A 22 0.22 -17.14 -22.97
C ASN A 22 -1.02 -17.97 -22.73
N ALA A 23 -1.39 -18.80 -23.71
CA ALA A 23 -2.57 -19.66 -23.56
C ALA A 23 -2.36 -20.69 -22.45
N GLN A 24 -1.18 -21.30 -22.38
CA GLN A 24 -0.90 -22.29 -21.34
C GLN A 24 -1.05 -21.67 -19.95
N LEU A 25 -0.44 -20.50 -19.78
CA LEU A 25 -0.51 -19.82 -18.48
C LEU A 25 -1.94 -19.44 -18.14
N GLU A 26 -2.72 -18.99 -19.14
CA GLU A 26 -4.11 -18.64 -18.90
C GLU A 26 -4.91 -19.85 -18.44
N GLY A 27 -4.71 -21.01 -19.08
CA GLY A 27 -5.40 -22.21 -18.61
C GLY A 27 -5.09 -22.55 -17.17
N TRP A 28 -3.79 -22.57 -16.84
CA TRP A 28 -3.40 -22.88 -15.46
C TRP A 28 -4.01 -21.90 -14.48
N LEU A 29 -3.97 -20.61 -14.80
CA LEU A 29 -4.51 -19.61 -13.88
C LEU A 29 -6.03 -19.72 -13.76
N SER A 30 -6.71 -20.06 -14.85
CA SER A 30 -8.16 -20.20 -14.83
C SER A 30 -8.60 -21.38 -13.98
N GLN A 31 -7.72 -22.36 -13.75
CA GLN A 31 -8.11 -23.41 -12.83
C GLN A 31 -8.10 -22.99 -11.36
N VAL A 32 -7.61 -21.80 -11.01
CA VAL A 32 -7.37 -21.41 -9.62
C VAL A 32 -8.36 -20.31 -9.21
N GLN A 33 -8.96 -20.46 -8.04
CA GLN A 33 -9.79 -19.41 -7.45
C GLN A 33 -8.94 -18.56 -6.51
N SER A 34 -8.99 -17.25 -6.69
CA SER A 34 -8.19 -16.36 -5.86
C SER A 34 -8.76 -16.30 -4.44
N THR A 35 -7.87 -16.48 -3.45
CA THR A 35 -8.27 -16.42 -2.04
C THR A 35 -7.38 -15.53 -1.19
N LYS A 36 -6.21 -15.13 -1.70
CA LYS A 36 -5.24 -14.36 -0.89
C LYS A 36 -4.83 -13.05 -1.59
N ARG A 37 -5.74 -12.46 -2.36
CA ARG A 37 -5.46 -11.15 -2.98
C ARG A 37 -5.58 -10.07 -1.90
N PRO A 38 -4.77 -8.99 -1.91
CA PRO A 38 -3.66 -8.80 -2.85
C PRO A 38 -2.31 -9.25 -2.28
N ALA A 39 -1.74 -10.32 -2.83
CA ALA A 39 -0.52 -10.91 -2.24
C ALA A 39 0.65 -9.92 -2.15
N ARG A 40 1.21 -9.83 -0.96
CA ARG A 40 2.42 -9.03 -0.79
C ARG A 40 3.67 -9.84 -1.09
N ALA A 41 3.61 -11.15 -0.91
CA ALA A 41 4.72 -11.98 -1.37
C ALA A 41 4.16 -13.33 -1.79
N ILE A 42 4.93 -14.06 -2.60
CA ILE A 42 4.57 -15.44 -2.96
C ILE A 42 5.83 -16.30 -2.95
N ILE A 43 5.63 -17.58 -2.70
CA ILE A 43 6.64 -18.61 -2.94
C ILE A 43 6.14 -19.46 -4.09
N ALA A 44 6.99 -19.67 -5.09
CA ALA A 44 6.60 -20.36 -6.31
C ALA A 44 7.78 -21.17 -6.83
N PRO A 45 7.52 -22.31 -7.47
CA PRO A 45 8.61 -23.16 -7.96
C PRO A 45 9.25 -22.57 -9.22
N HIS A 46 10.42 -23.11 -9.56
CA HIS A 46 11.17 -22.65 -10.73
C HIS A 46 11.60 -23.81 -11.61
N ALA A 47 10.86 -24.92 -11.61
CA ALA A 47 11.14 -26.00 -12.53
C ALA A 47 10.52 -25.69 -13.89
N GLY A 48 10.72 -26.61 -14.84
CA GLY A 48 10.04 -26.48 -16.11
C GLY A 48 8.54 -26.47 -15.94
N TYR A 49 7.86 -25.68 -16.79
CA TYR A 49 6.42 -25.48 -16.64
C TYR A 49 5.64 -26.78 -16.79
N THR A 50 6.11 -27.71 -17.62
CA THR A 50 5.43 -29.00 -17.73
C THR A 50 5.36 -29.69 -16.38
N TYR A 51 6.34 -29.46 -15.51
CA TYR A 51 6.34 -30.08 -14.19
C TYR A 51 5.60 -29.25 -13.15
N CYS A 52 5.71 -27.92 -13.16
CA CYS A 52 5.26 -27.13 -12.03
C CYS A 52 4.35 -25.95 -12.38
N GLY A 53 3.94 -25.79 -13.65
CA GLY A 53 3.18 -24.61 -14.02
C GLY A 53 1.79 -24.54 -13.39
N SER A 54 1.10 -25.67 -13.35
CA SER A 54 -0.22 -25.69 -12.72
C SER A 54 -0.11 -25.42 -11.22
N CYS A 55 0.97 -25.85 -10.59
CA CYS A 55 1.22 -25.51 -9.19
C CYS A 55 1.50 -24.02 -9.02
N ALA A 56 2.39 -23.47 -9.85
CA ALA A 56 2.78 -22.06 -9.73
C ALA A 56 1.58 -21.13 -9.94
N ALA A 57 0.61 -21.55 -10.74
CA ALA A 57 -0.60 -20.73 -10.92
C ALA A 57 -1.30 -20.45 -9.59
N HIS A 58 -1.20 -21.34 -8.61
CA HIS A 58 -1.86 -21.11 -7.33
C HIS A 58 -1.25 -19.92 -6.59
N ALA A 59 0.05 -19.68 -6.79
CA ALA A 59 0.67 -18.48 -6.25
C ALA A 59 0.33 -17.26 -7.09
N TYR A 60 0.45 -17.38 -8.42
CA TYR A 60 0.33 -16.19 -9.26
C TYR A 60 -1.11 -15.69 -9.36
N LYS A 61 -2.12 -16.54 -9.14
CA LYS A 61 -3.49 -16.08 -9.13
C LYS A 61 -3.78 -15.12 -7.97
N GLN A 62 -2.96 -15.15 -6.92
CA GLN A 62 -3.18 -14.31 -5.75
C GLN A 62 -2.63 -12.90 -5.94
N VAL A 63 -1.97 -12.62 -7.05
CA VAL A 63 -1.47 -11.28 -7.35
C VAL A 63 -2.62 -10.43 -7.86
N ASP A 64 -2.80 -9.23 -7.29
CA ASP A 64 -3.78 -8.27 -7.78
C ASP A 64 -3.08 -7.28 -8.69
N PRO A 65 -3.26 -7.36 -10.01
CA PRO A 65 -2.51 -6.48 -10.92
C PRO A 65 -2.90 -5.01 -10.84
N SER A 66 -4.06 -4.66 -10.27
CA SER A 66 -4.40 -3.25 -10.11
C SER A 66 -3.73 -2.63 -8.89
N ILE A 67 -3.12 -3.43 -8.02
CA ILE A 67 -2.42 -2.96 -6.83
C ILE A 67 -0.91 -3.06 -7.00
N THR A 68 -0.42 -4.20 -7.49
CA THR A 68 1.01 -4.43 -7.57
C THR A 68 1.62 -3.61 -8.71
N ARG A 69 2.72 -2.90 -8.43
CA ARG A 69 3.44 -2.11 -9.43
C ARG A 69 4.92 -2.46 -9.55
N ARG A 70 5.52 -3.10 -8.55
CA ARG A 70 6.94 -3.40 -8.56
C ARG A 70 7.13 -4.82 -8.04
N ILE A 71 7.78 -5.67 -8.83
CA ILE A 71 7.86 -7.08 -8.51
C ILE A 71 9.32 -7.46 -8.32
N PHE A 72 9.72 -7.67 -7.07
CA PHE A 72 11.01 -8.26 -6.74
C PHE A 72 10.94 -9.75 -6.99
N ILE A 73 11.99 -10.30 -7.60
CA ILE A 73 12.09 -11.74 -7.83
C ILE A 73 13.42 -12.19 -7.23
N LEU A 74 13.35 -12.95 -6.15
CA LEU A 74 14.53 -13.44 -5.43
C LEU A 74 14.70 -14.91 -5.75
N GLY A 75 15.72 -15.24 -6.54
CA GLY A 75 15.98 -16.60 -6.93
C GLY A 75 17.36 -17.08 -6.50
N PRO A 76 17.46 -18.35 -6.14
CA PRO A 76 18.76 -18.90 -5.71
C PRO A 76 19.69 -19.11 -6.88
N SER A 77 20.99 -18.96 -6.61
CA SER A 77 22.01 -19.18 -7.64
C SER A 77 22.37 -20.67 -7.71
N HIS A 78 22.34 -21.22 -8.92
CA HIS A 78 22.65 -22.62 -9.13
C HIS A 78 24.05 -22.86 -9.70
N HIS A 79 24.66 -21.88 -10.36
CA HIS A 79 25.86 -22.13 -11.14
C HIS A 79 27.11 -21.40 -10.67
N VAL A 80 26.98 -20.36 -9.86
CA VAL A 80 28.13 -19.54 -9.51
C VAL A 80 28.33 -19.55 -8.00
N PRO A 81 29.57 -19.50 -7.51
CA PRO A 81 29.79 -19.28 -6.08
C PRO A 81 29.46 -17.85 -5.72
N LEU A 82 28.47 -17.66 -4.86
CA LEU A 82 28.00 -16.33 -4.50
C LEU A 82 27.67 -16.35 -3.02
N SER A 83 28.35 -15.53 -2.24
CA SER A 83 28.09 -15.45 -0.80
C SER A 83 27.21 -14.27 -0.42
N ARG A 84 26.82 -13.42 -1.37
CA ARG A 84 25.90 -12.33 -1.08
C ARG A 84 24.72 -12.39 -2.06
N CYS A 85 24.16 -11.22 -2.39
CA CYS A 85 23.17 -11.09 -3.46
C CYS A 85 23.75 -10.27 -4.60
N ALA A 86 23.18 -10.45 -5.80
CA ALA A 86 23.67 -9.82 -7.01
C ALA A 86 22.53 -9.20 -7.81
N LEU A 87 22.82 -8.05 -8.42
CA LEU A 87 21.90 -7.33 -9.28
C LEU A 87 22.34 -7.44 -10.73
N SER A 88 21.35 -7.39 -11.63
CA SER A 88 21.60 -7.51 -13.06
C SER A 88 22.31 -6.26 -13.60
N SER A 89 23.04 -6.45 -14.70
CA SER A 89 23.71 -5.35 -15.37
C SER A 89 22.94 -4.82 -16.58
N VAL A 90 21.79 -5.40 -16.90
CA VAL A 90 21.02 -4.95 -18.05
C VAL A 90 19.83 -4.12 -17.57
N ASP A 91 19.01 -3.65 -18.52
CA ASP A 91 17.86 -2.83 -18.19
C ASP A 91 16.52 -3.51 -18.47
N ILE A 92 16.51 -4.55 -19.28
CA ILE A 92 15.28 -5.18 -19.75
C ILE A 92 15.44 -6.70 -19.66
N TYR A 93 14.44 -7.37 -19.11
CA TYR A 93 14.36 -8.83 -19.14
C TYR A 93 13.34 -9.24 -20.19
N ARG A 94 13.78 -9.93 -21.24
CA ARG A 94 12.89 -10.36 -22.30
C ARG A 94 12.10 -11.59 -21.87
N THR A 95 10.85 -11.67 -22.34
CA THR A 95 10.03 -12.87 -22.22
C THR A 95 9.30 -13.06 -23.54
N PRO A 96 8.79 -14.27 -23.78
CA PRO A 96 8.01 -14.48 -25.02
C PRO A 96 6.68 -13.72 -25.08
N LEU A 97 6.17 -13.25 -23.94
CA LEU A 97 4.91 -12.49 -23.94
C LEU A 97 5.19 -11.03 -24.26
N TYR A 98 5.89 -10.34 -23.37
CA TYR A 98 6.39 -9.00 -23.64
C TYR A 98 7.56 -8.77 -22.68
N ASP A 99 8.34 -7.73 -22.98
CA ASP A 99 9.58 -7.50 -22.26
C ASP A 99 9.35 -6.70 -20.98
N LEU A 100 10.13 -7.01 -19.95
CA LEU A 100 9.96 -6.44 -18.63
C LEU A 100 11.12 -5.52 -18.30
N ARG A 101 10.80 -4.36 -17.73
CA ARG A 101 11.80 -3.34 -17.42
C ARG A 101 12.18 -3.38 -15.96
N ILE A 102 13.48 -3.25 -15.70
CA ILE A 102 13.99 -3.20 -14.33
C ILE A 102 13.73 -1.82 -13.75
N ASP A 103 13.33 -1.78 -12.47
CA ASP A 103 13.06 -0.53 -11.78
C ASP A 103 14.38 0.16 -11.46
N GLN A 104 14.68 1.24 -12.19
CA GLN A 104 15.98 1.87 -12.07
C GLN A 104 16.15 2.58 -10.73
N LYS A 105 15.09 3.20 -10.22
CA LYS A 105 15.18 3.88 -8.94
C LYS A 105 15.55 2.90 -7.82
N ILE A 106 14.83 1.78 -7.76
CA ILE A 106 15.07 0.79 -6.69
C ILE A 106 16.46 0.15 -6.88
N TYR A 107 16.81 -0.17 -8.13
CA TYR A 107 18.13 -0.78 -8.41
C TYR A 107 19.25 0.15 -7.90
N GLY A 108 19.09 1.45 -8.13
CA GLY A 108 20.05 2.43 -7.62
C GLY A 108 20.09 2.46 -6.11
N GLU A 109 18.94 2.43 -5.46
CA GLU A 109 18.92 2.41 -3.99
C GLU A 109 19.60 1.14 -3.47
N LEU A 110 19.21 -0.01 -4.01
CA LEU A 110 19.79 -1.28 -3.60
C LEU A 110 21.29 -1.28 -3.80
N TRP A 111 21.76 -0.80 -4.96
CA TRP A 111 23.20 -0.75 -5.21
C TRP A 111 23.88 0.15 -4.21
N LYS A 112 23.26 1.28 -3.86
CA LYS A 112 23.84 2.20 -2.91
C LYS A 112 23.90 1.63 -1.50
N THR A 113 23.12 0.59 -1.17
CA THR A 113 23.33 -0.04 0.14
C THR A 113 24.73 -0.63 0.29
N GLY A 114 25.41 -0.95 -0.81
CA GLY A 114 26.72 -1.55 -0.74
C GLY A 114 26.74 -3.03 -0.41
N MET A 115 25.59 -3.69 -0.35
CA MET A 115 25.50 -5.10 0.01
CA MET A 115 25.51 -5.10 0.01
C MET A 115 25.41 -6.03 -1.19
N PHE A 116 25.34 -5.50 -2.40
CA PHE A 116 25.14 -6.29 -3.60
C PHE A 116 26.37 -6.28 -4.50
N GLU A 117 26.59 -7.41 -5.18
CA GLU A 117 27.54 -7.46 -6.29
C GLU A 117 26.79 -7.37 -7.62
N ARG A 118 27.53 -7.10 -8.70
CA ARG A 118 26.96 -7.04 -10.03
C ARG A 118 27.23 -8.37 -10.74
N MET A 119 26.16 -9.06 -11.10
CA MET A 119 26.26 -10.31 -11.85
C MET A 119 26.48 -10.00 -13.32
N SER A 120 27.46 -10.67 -13.93
CA SER A 120 27.70 -10.52 -15.36
C SER A 120 26.52 -11.03 -16.18
N LEU A 121 26.48 -10.60 -17.44
CA LEU A 121 25.42 -11.02 -18.35
C LEU A 121 25.38 -12.53 -18.51
N GLN A 122 26.55 -13.16 -18.61
CA GLN A 122 26.61 -14.62 -18.74
C GLN A 122 26.04 -15.30 -17.51
N THR A 123 26.46 -14.88 -16.31
CA THR A 123 25.84 -15.41 -15.09
C THR A 123 24.34 -15.17 -15.09
N ASP A 124 23.93 -13.97 -15.49
CA ASP A 124 22.51 -13.60 -15.50
C ASP A 124 21.70 -14.55 -16.37
N GLU A 125 22.17 -14.78 -17.61
CA GLU A 125 21.46 -15.59 -18.59
C GLU A 125 21.57 -17.08 -18.31
N ASP A 126 22.65 -17.51 -17.66
CA ASP A 126 22.83 -18.92 -17.36
C ASP A 126 21.84 -19.39 -16.30
N GLU A 127 21.56 -18.56 -15.32
CA GLU A 127 20.64 -18.92 -14.24
C GLU A 127 19.21 -18.98 -14.75
N HIS A 128 18.43 -19.92 -14.20
CA HIS A 128 17.01 -20.06 -14.54
C HIS A 128 16.06 -19.67 -13.43
N SER A 129 16.52 -19.56 -12.19
CA SER A 129 15.63 -19.45 -11.05
C SER A 129 14.87 -18.12 -11.00
N ILE A 130 15.38 -17.07 -11.64
CA ILE A 130 14.59 -15.84 -11.76
C ILE A 130 13.76 -15.88 -13.04
N GLU A 131 14.36 -16.38 -14.13
CA GLU A 131 13.71 -16.39 -15.44
C GLU A 131 12.36 -17.09 -15.42
N MET A 132 12.25 -18.19 -14.67
CA MET A 132 11.01 -18.96 -14.68
C MET A 132 9.82 -18.20 -14.10
N HIS A 133 10.06 -17.07 -13.47
CA HIS A 133 8.98 -16.24 -12.97
C HIS A 133 8.64 -15.09 -13.91
N LEU A 134 9.46 -14.85 -14.91
CA LEU A 134 9.14 -13.77 -15.87
C LEU A 134 7.86 -14.05 -16.67
N PRO A 135 7.67 -15.22 -17.36
CA PRO A 135 6.42 -15.44 -18.09
C PRO A 135 5.18 -15.31 -17.18
N TYR A 136 5.22 -15.94 -16.01
CA TYR A 136 4.07 -15.91 -15.08
C TYR A 136 3.81 -14.47 -14.58
N THR A 137 4.86 -13.74 -14.25
CA THR A 137 4.71 -12.33 -13.83
C THR A 137 4.12 -11.55 -15.01
N ALA A 138 4.68 -11.76 -16.20
CA ALA A 138 4.15 -11.04 -17.35
C ALA A 138 2.67 -11.36 -17.53
N LYS A 139 2.30 -12.63 -17.30
CA LYS A 139 0.92 -13.01 -17.54
C LYS A 139 0.02 -12.42 -16.47
N ALA A 140 0.48 -12.42 -15.21
CA ALA A 140 -0.40 -11.96 -14.13
C ALA A 140 -0.65 -10.47 -14.22
N MET A 141 0.31 -9.71 -14.73
CA MET A 141 0.29 -8.25 -14.79
C MET A 141 -0.22 -7.70 -16.12
N GLU A 142 -0.67 -8.55 -17.04
CA GLU A 142 -0.87 -8.12 -18.42
C GLU A 142 -1.91 -7.01 -18.53
N SER A 143 -2.93 -7.00 -17.66
CA SER A 143 -3.92 -5.93 -17.71
C SER A 143 -3.31 -4.57 -17.40
N HIS A 144 -2.11 -4.54 -16.82
CA HIS A 144 -1.38 -3.32 -16.51
C HIS A 144 0.04 -3.42 -17.03
N LYS A 145 0.21 -3.98 -18.22
CA LYS A 145 1.54 -4.34 -18.73
C LYS A 145 2.48 -3.14 -18.83
N ASP A 146 1.94 -1.94 -19.06
CA ASP A 146 2.77 -0.76 -19.25
C ASP A 146 3.07 -0.01 -17.96
N GLU A 147 2.64 -0.52 -16.80
CA GLU A 147 2.70 0.28 -15.57
C GLU A 147 3.42 -0.43 -14.42
N PHE A 148 4.24 -1.44 -14.70
CA PHE A 148 4.94 -2.12 -13.63
C PHE A 148 6.38 -2.38 -14.03
N THR A 149 7.22 -2.59 -13.01
CA THR A 149 8.64 -2.87 -13.18
C THR A 149 9.00 -4.12 -12.37
N ILE A 150 10.20 -4.65 -12.62
CA ILE A 150 10.71 -5.79 -11.87
C ILE A 150 12.04 -5.42 -11.24
N ILE A 151 12.37 -6.14 -10.18
CA ILE A 151 13.64 -5.97 -9.47
C ILE A 151 14.28 -7.36 -9.33
N PRO A 152 15.05 -7.81 -10.30
CA PRO A 152 15.67 -9.14 -10.20
C PRO A 152 16.79 -9.15 -9.17
N VAL A 153 16.81 -10.19 -8.34
CA VAL A 153 17.84 -10.33 -7.31
C VAL A 153 18.30 -11.78 -7.28
N LEU A 154 19.58 -12.01 -7.56
CA LEU A 154 20.17 -13.35 -7.42
C LEU A 154 20.64 -13.51 -5.98
N VAL A 155 20.17 -14.55 -5.31
CA VAL A 155 20.45 -14.80 -3.90
C VAL A 155 21.45 -15.95 -3.81
N GLY A 156 22.61 -15.69 -3.20
CA GLY A 156 23.65 -16.69 -3.05
C GLY A 156 23.51 -17.51 -1.79
N ALA A 157 24.62 -18.16 -1.42
CA ALA A 157 24.65 -19.05 -0.25
C ALA A 157 24.83 -18.20 1.00
N LEU A 158 23.75 -17.55 1.41
CA LEU A 158 23.80 -16.60 2.50
C LEU A 158 24.03 -17.29 3.84
N SER A 159 24.90 -16.70 4.65
CA SER A 159 24.97 -17.04 6.06
C SER A 159 23.69 -16.60 6.76
N GLU A 160 23.51 -17.07 8.00
CA GLU A 160 22.34 -16.67 8.76
C GLU A 160 22.31 -15.16 8.98
N SER A 161 23.46 -14.58 9.33
CA SER A 161 23.53 -13.14 9.53
C SER A 161 23.23 -12.39 8.24
N LYS A 162 23.68 -12.90 7.09
CA LYS A 162 23.36 -12.23 5.85
C LYS A 162 21.87 -12.35 5.52
N GLU A 163 21.27 -13.50 5.85
CA GLU A 163 19.82 -13.62 5.71
C GLU A 163 19.10 -12.57 6.55
N GLN A 164 19.57 -12.35 7.78
CA GLN A 164 18.96 -11.32 8.62
C GLN A 164 19.18 -9.92 8.05
N GLU A 165 20.41 -9.63 7.59
CA GLU A 165 20.71 -8.30 7.08
C GLU A 165 19.88 -8.00 5.83
N PHE A 166 19.82 -8.94 4.89
CA PHE A 166 19.04 -8.74 3.69
C PHE A 166 17.54 -8.72 3.99
N GLY A 167 17.09 -9.48 4.98
CA GLY A 167 15.69 -9.38 5.37
C GLY A 167 15.34 -8.00 5.89
N LYS A 168 16.20 -7.45 6.76
CA LYS A 168 15.99 -6.09 7.24
C LYS A 168 16.02 -5.10 6.09
N LEU A 169 16.97 -5.24 5.17
CA LEU A 169 17.06 -4.36 4.02
C LEU A 169 15.76 -4.37 3.21
N PHE A 170 15.25 -5.57 2.90
CA PHE A 170 14.11 -5.68 2.02
C PHE A 170 12.78 -5.38 2.72
N SER A 171 12.76 -5.40 4.06
CA SER A 171 11.50 -5.17 4.78
C SER A 171 10.88 -3.82 4.46
N LYS A 172 11.70 -2.79 4.26
CA LYS A 172 11.14 -1.47 3.94
C LYS A 172 10.36 -1.50 2.63
N TYR A 173 10.77 -2.34 1.67
CA TYR A 173 10.01 -2.51 0.44
C TYR A 173 8.83 -3.45 0.63
N LEU A 174 8.99 -4.49 1.44
CA LEU A 174 7.90 -5.43 1.67
C LEU A 174 6.70 -4.75 2.30
N ALA A 175 6.93 -3.71 3.11
CA ALA A 175 5.85 -3.00 3.76
C ALA A 175 5.04 -2.11 2.81
N ASP A 176 5.54 -1.87 1.60
CA ASP A 176 4.85 -1.02 0.63
C ASP A 176 3.84 -1.84 -0.16
N PRO A 177 2.55 -1.49 -0.15
CA PRO A 177 1.55 -2.31 -0.86
C PRO A 177 1.72 -2.36 -2.36
N SER A 178 2.46 -1.44 -2.97
CA SER A 178 2.67 -1.54 -4.41
C SER A 178 3.76 -2.55 -4.77
N ASN A 179 4.43 -3.14 -3.79
CA ASN A 179 5.53 -4.06 -4.09
C ASN A 179 5.06 -5.50 -3.90
N LEU A 180 5.70 -6.40 -4.64
CA LEU A 180 5.43 -7.82 -4.51
C LEU A 180 6.76 -8.56 -4.50
N PHE A 181 6.93 -9.47 -3.55
CA PHE A 181 8.16 -10.25 -3.48
C PHE A 181 7.88 -11.66 -3.95
N VAL A 182 8.49 -12.04 -5.07
CA VAL A 182 8.46 -13.42 -5.55
C VAL A 182 9.69 -14.12 -5.03
N VAL A 183 9.49 -15.16 -4.23
CA VAL A 183 10.56 -15.94 -3.65
C VAL A 183 10.59 -17.29 -4.35
N SER A 184 11.67 -17.55 -5.07
CA SER A 184 11.76 -18.71 -5.96
C SER A 184 12.38 -19.88 -5.21
N SER A 185 11.66 -21.00 -5.17
CA SER A 185 12.21 -22.20 -4.56
C SER A 185 11.40 -23.41 -5.01
N ASP A 186 12.10 -24.52 -5.20
CA ASP A 186 11.51 -25.84 -5.22
C ASP A 186 11.70 -26.48 -3.85
N PHE A 187 10.96 -27.54 -3.58
CA PHE A 187 11.14 -28.17 -2.28
C PHE A 187 11.89 -29.48 -2.45
N CYS A 188 11.56 -30.52 -1.67
CA CYS A 188 12.45 -31.67 -1.52
C CYS A 188 12.89 -32.24 -2.85
N HIS A 189 14.21 -32.37 -3.02
CA HIS A 189 14.80 -33.17 -4.09
C HIS A 189 15.22 -34.49 -3.45
N TRP A 190 14.46 -35.55 -3.70
CA TRP A 190 14.64 -36.84 -3.05
C TRP A 190 15.18 -37.86 -4.05
N GLY A 191 16.19 -38.59 -3.63
CA GLY A 191 16.79 -39.62 -4.47
C GLY A 191 18.30 -39.67 -4.33
N GLN A 192 18.89 -40.77 -4.79
CA GLN A 192 20.36 -40.94 -4.74
C GLN A 192 21.05 -39.94 -5.66
N ARG A 193 20.37 -39.53 -6.74
CA ARG A 193 20.94 -38.53 -7.66
C ARG A 193 21.09 -37.19 -6.93
N PHE A 194 20.34 -36.99 -5.85
CA PHE A 194 20.42 -35.75 -5.05
C PHE A 194 21.14 -36.02 -3.74
N ARG A 195 21.63 -37.26 -3.57
CA ARG A 195 22.30 -37.66 -2.31
C ARG A 195 21.40 -37.31 -1.12
N TYR A 196 20.10 -37.58 -1.24
CA TYR A 196 19.16 -37.27 -0.16
C TYR A 196 18.08 -38.35 -0.11
N SER A 197 18.11 -39.15 0.96
CA SER A 197 17.18 -40.26 1.08
C SER A 197 16.51 -40.30 2.45
N TYR A 198 16.33 -39.15 3.10
CA TYR A 198 15.65 -39.16 4.39
C TYR A 198 14.27 -39.80 4.23
N TYR A 199 13.93 -40.66 5.16
CA TYR A 199 12.68 -41.42 5.09
C TYR A 199 12.16 -41.64 6.50
N ASP A 200 10.94 -41.19 6.75
CA ASP A 200 10.24 -41.40 8.02
C ASP A 200 9.21 -42.50 7.78
N GLU A 201 9.48 -43.68 8.33
CA GLU A 201 8.66 -44.85 8.02
C GLU A 201 7.34 -44.83 8.78
N SER A 202 7.15 -43.90 9.73
CA SER A 202 5.83 -43.72 10.31
C SER A 202 4.84 -43.11 9.33
N GLN A 203 5.34 -42.57 8.21
CA GLN A 203 4.47 -41.88 7.24
C GLN A 203 3.97 -42.82 6.14
N GLY A 204 4.60 -43.97 5.99
CA GLY A 204 4.15 -44.96 5.01
C GLY A 204 5.01 -44.99 3.77
N GLU A 205 4.41 -44.77 2.62
CA GLU A 205 5.18 -44.78 1.35
C GLU A 205 6.18 -43.62 1.31
N ILE A 206 7.25 -43.77 0.55
CA ILE A 206 8.30 -42.73 0.49
C ILE A 206 7.67 -41.39 0.08
N TYR A 207 6.78 -41.39 -0.90
CA TYR A 207 6.23 -40.10 -1.31
C TYR A 207 5.42 -39.45 -0.20
N ARG A 208 4.81 -40.26 0.67
CA ARG A 208 4.12 -39.70 1.84
C ARG A 208 5.11 -39.15 2.86
N SER A 209 6.26 -39.82 3.03
CA SER A 209 7.30 -39.28 3.89
C SER A 209 7.84 -37.96 3.35
N ILE A 210 8.02 -37.88 2.02
CA ILE A 210 8.47 -36.63 1.41
C ILE A 210 7.45 -35.52 1.63
N GLU A 211 6.17 -35.84 1.39
CA GLU A 211 5.11 -34.86 1.60
C GLU A 211 5.11 -34.37 3.05
N HIS A 212 5.29 -35.28 4.01
CA HIS A 212 5.33 -34.89 5.42
C HIS A 212 6.52 -33.98 5.73
N LEU A 213 7.68 -34.31 5.23
CA LEU A 213 8.90 -33.48 5.46
C LEU A 213 8.70 -32.09 4.88
N ASP A 214 8.24 -32.04 3.60
CA ASP A 214 7.97 -30.76 2.96
C ASP A 214 6.96 -29.95 3.75
N LYS A 215 5.88 -30.59 4.21
CA LYS A 215 4.84 -29.85 4.90
C LYS A 215 5.25 -29.45 6.31
N MET A 216 6.19 -30.15 6.95
CA MET A 216 6.76 -29.60 8.17
C MET A 216 7.47 -28.28 7.89
N GLY A 217 8.28 -28.25 6.83
CA GLY A 217 8.92 -26.99 6.45
C GLY A 217 7.91 -25.91 6.09
N MET A 218 6.89 -26.27 5.32
CA MET A 218 5.86 -25.31 4.89
C MET A 218 5.11 -24.74 6.09
N SER A 219 4.80 -25.59 7.08
CA SER A 219 4.12 -25.12 8.28
C SER A 219 5.01 -24.16 9.06
N ILE A 220 6.31 -24.44 9.12
CA ILE A 220 7.22 -23.55 9.81
C ILE A 220 7.26 -22.19 9.12
N ILE A 221 7.24 -22.19 7.79
CA ILE A 221 7.17 -20.92 7.06
C ILE A 221 5.88 -20.21 7.39
N GLU A 222 4.78 -20.96 7.48
CA GLU A 222 3.51 -20.36 7.87
C GLU A 222 3.53 -19.82 9.30
N GLN A 223 4.46 -20.28 10.14
CA GLN A 223 4.67 -19.68 11.45
C GLN A 223 5.50 -18.40 11.40
N LEU A 224 5.97 -18.00 10.22
CA LEU A 224 6.74 -16.75 10.04
C LEU A 224 7.96 -16.71 10.95
N ASP A 225 8.64 -17.83 11.11
CA ASP A 225 9.70 -17.97 12.11
C ASP A 225 11.01 -18.39 11.46
N PRO A 226 11.90 -17.44 11.16
CA PRO A 226 13.15 -17.81 10.46
C PRO A 226 14.07 -18.70 11.30
N VAL A 227 14.11 -18.49 12.61
CA VAL A 227 14.97 -19.32 13.45
C VAL A 227 14.53 -20.77 13.41
N SER A 228 13.22 -21.01 13.49
N SER A 228 13.22 -21.02 13.49
CA SER A 228 12.72 -22.38 13.44
CA SER A 228 12.75 -22.40 13.45
C SER A 228 12.93 -23.00 12.07
C SER A 228 12.93 -23.02 12.07
N PHE A 229 12.81 -22.22 11.01
CA PHE A 229 13.10 -22.72 9.67
C PHE A 229 14.56 -23.12 9.55
N SER A 230 15.47 -22.30 10.08
CA SER A 230 16.89 -22.65 10.10
C SER A 230 17.14 -23.92 10.90
N ASN A 231 16.47 -24.06 12.06
CA ASN A 231 16.66 -25.27 12.86
C ASN A 231 16.15 -26.51 12.11
N TYR A 232 15.04 -26.36 11.40
CA TYR A 232 14.50 -27.44 10.59
C TYR A 232 15.47 -27.85 9.50
N LEU A 233 16.09 -26.88 8.83
CA LEU A 233 17.10 -27.19 7.83
C LEU A 233 18.30 -27.89 8.48
N LYS A 234 18.71 -27.46 9.67
CA LYS A 234 19.85 -28.10 10.32
C LYS A 234 19.52 -29.52 10.77
N LYS A 235 18.24 -29.79 11.06
CA LYS A 235 17.85 -31.08 11.58
C LYS A 235 17.67 -32.11 10.47
N TYR A 236 17.00 -31.75 9.38
CA TYR A 236 16.73 -32.73 8.34
C TYR A 236 17.50 -32.49 7.04
N HIS A 237 18.05 -31.30 6.84
CA HIS A 237 18.78 -30.97 5.60
C HIS A 237 17.92 -31.20 4.38
N ASN A 238 16.63 -30.87 4.48
CA ASN A 238 15.75 -30.99 3.33
C ASN A 238 16.32 -30.17 2.18
N THR A 239 16.28 -30.77 0.99
CA THR A 239 16.88 -30.17 -0.22
C THR A 239 16.00 -29.05 -0.78
N ILE A 240 15.76 -28.00 0.03
N ILE A 240 15.76 -28.04 -0.03
CA ILE A 240 14.94 -26.85 -0.40
CA ILE A 240 14.92 -26.92 -0.47
C ILE A 240 15.87 -25.91 -1.17
C ILE A 240 15.78 -25.97 -1.29
N CYS A 241 15.71 -25.87 -2.49
N CYS A 241 15.55 -25.80 -2.58
CA CYS A 241 16.59 -25.11 -3.39
CA CYS A 241 16.55 -24.98 -3.34
C CYS A 241 16.72 -23.62 -3.02
C CYS A 241 16.59 -23.49 -2.99
N GLY A 242 15.59 -22.94 -2.80
N GLY A 242 15.44 -22.81 -2.81
CA GLY A 242 15.59 -21.52 -2.40
CA GLY A 242 15.61 -21.44 -2.40
C GLY A 242 15.39 -21.32 -0.92
C GLY A 242 15.46 -21.22 -0.91
N ARG A 243 16.16 -22.02 -0.09
CA ARG A 243 16.08 -21.81 1.35
C ARG A 243 16.65 -20.45 1.74
N HIS A 244 17.64 -19.94 1.00
CA HIS A 244 18.20 -18.64 1.35
C HIS A 244 17.25 -17.50 1.00
N PRO A 245 16.62 -17.45 -0.19
CA PRO A 245 15.57 -16.45 -0.40
C PRO A 245 14.44 -16.57 0.62
N ILE A 246 14.07 -17.78 1.01
CA ILE A 246 13.02 -17.96 2.00
C ILE A 246 13.44 -17.38 3.35
N GLY A 247 14.69 -17.64 3.75
CA GLY A 247 15.18 -17.06 5.00
C GLY A 247 15.18 -15.54 4.96
N VAL A 248 15.55 -14.96 3.81
CA VAL A 248 15.47 -13.51 3.65
C VAL A 248 14.03 -13.04 3.86
N LEU A 249 13.08 -13.71 3.20
CA LEU A 249 11.67 -13.32 3.33
C LEU A 249 11.19 -13.42 4.79
N LEU A 250 11.57 -14.50 5.48
CA LEU A 250 11.11 -14.68 6.85
C LEU A 250 11.69 -13.62 7.79
N ASN A 251 12.96 -13.26 7.61
CA ASN A 251 13.53 -12.19 8.43
C ASN A 251 12.89 -10.83 8.12
N ALA A 252 12.60 -10.57 6.83
CA ALA A 252 11.86 -9.35 6.49
C ALA A 252 10.50 -9.33 7.17
N ILE A 253 9.81 -10.47 7.19
CA ILE A 253 8.50 -10.55 7.84
C ILE A 253 8.62 -10.25 9.32
N THR A 254 9.64 -10.80 9.99
CA THR A 254 9.83 -10.54 11.41
CA THR A 254 9.80 -10.52 11.42
C THR A 254 10.10 -9.06 11.66
N GLU A 255 10.78 -8.37 10.74
CA GLU A 255 11.04 -6.91 10.87
C GLU A 255 9.73 -6.13 10.81
N LEU A 256 8.83 -6.51 9.92
CA LEU A 256 7.52 -5.83 9.78
C LEU A 256 6.64 -6.10 11.01
N GLN A 257 6.78 -7.26 11.66
CA GLN A 257 5.96 -7.61 12.84
C GLN A 257 6.43 -6.75 14.00
N LYS A 258 7.73 -6.46 14.06
CA LYS A 258 8.28 -5.62 15.13
C LYS A 258 7.89 -4.16 14.88
N ASN A 259 7.16 -3.88 13.80
CA ASN A 259 6.81 -2.48 13.43
C ASN A 259 5.29 -2.36 13.43
N GLY A 260 4.60 -3.33 14.00
CA GLY A 260 3.14 -3.24 14.16
C GLY A 260 2.34 -3.89 13.07
N MET A 261 2.99 -4.42 12.04
CA MET A 261 2.18 -4.94 10.91
C MET A 261 1.67 -6.35 11.18
N ASN A 262 0.48 -6.65 10.68
CA ASN A 262 -0.10 -7.97 10.87
C ASN A 262 0.02 -8.74 9.56
N MET A 263 0.45 -10.00 9.64
CA MET A 263 0.71 -10.75 8.42
C MET A 263 0.29 -12.20 8.53
N SER A 264 0.00 -12.80 7.37
CA SER A 264 -0.33 -14.21 7.36
C SER A 264 0.18 -14.84 6.07
N PHE A 265 0.72 -16.06 6.18
CA PHE A 265 1.22 -16.80 5.03
C PHE A 265 0.47 -18.13 4.91
N SER A 266 0.01 -18.45 3.71
CA SER A 266 -0.70 -19.70 3.47
C SER A 266 -0.13 -20.37 2.23
N PHE A 267 0.22 -21.64 2.37
CA PHE A 267 0.55 -22.44 1.17
C PHE A 267 -0.80 -22.88 0.58
N LEU A 268 -0.95 -22.87 -0.72
CA LEU A 268 -2.26 -23.13 -1.36
C LEU A 268 -2.21 -24.35 -2.28
N ASN A 269 -1.01 -24.84 -2.60
CA ASN A 269 -0.89 -26.04 -3.46
C ASN A 269 0.44 -26.75 -3.26
N TYR A 270 0.43 -28.08 -3.29
CA TYR A 270 1.63 -28.89 -3.15
C TYR A 270 1.60 -29.98 -4.22
N ALA A 271 2.75 -30.21 -4.85
CA ALA A 271 2.82 -31.23 -5.89
C ALA A 271 4.20 -31.87 -5.89
N GLN A 272 4.26 -33.08 -6.44
CA GLN A 272 5.50 -33.82 -6.62
C GLN A 272 5.64 -34.20 -8.09
N SER A 273 6.87 -34.10 -8.61
CA SER A 273 7.11 -34.43 -10.02
C SER A 273 6.78 -35.89 -10.32
N SER A 274 6.99 -36.78 -9.35
CA SER A 274 6.55 -38.17 -9.43
C SER A 274 6.40 -38.67 -8.01
N GLN A 275 5.87 -39.88 -7.87
CA GLN A 275 5.63 -40.48 -6.57
C GLN A 275 6.67 -41.57 -6.32
N CYS A 276 7.67 -41.25 -5.49
CA CYS A 276 8.71 -42.22 -5.16
C CYS A 276 8.13 -43.35 -4.32
N ARG A 277 8.44 -44.59 -4.70
CA ARG A 277 7.93 -45.74 -3.96
C ARG A 277 9.04 -46.67 -3.49
N ASN A 278 10.14 -46.66 -4.25
CA ASN A 278 11.32 -47.51 -3.93
C ASN A 278 12.55 -46.62 -3.82
N TRP A 279 13.67 -47.19 -3.38
CA TRP A 279 14.86 -46.39 -3.11
C TRP A 279 15.58 -45.92 -4.36
N GLN A 280 15.27 -46.50 -5.51
CA GLN A 280 15.87 -46.07 -6.76
C GLN A 280 15.09 -44.93 -7.43
N ASP A 281 13.94 -44.54 -6.86
CA ASP A 281 13.14 -43.48 -7.43
C ASP A 281 13.71 -42.11 -7.05
N SER A 282 13.29 -41.09 -7.81
CA SER A 282 13.61 -39.71 -7.48
C SER A 282 12.44 -38.81 -7.84
N SER A 283 12.30 -37.72 -7.09
CA SER A 283 11.25 -36.75 -7.37
C SER A 283 11.68 -35.39 -6.86
N VAL A 284 11.03 -34.35 -7.38
CA VAL A 284 11.20 -32.98 -6.90
C VAL A 284 9.83 -32.47 -6.49
N SER A 285 9.77 -31.74 -5.37
CA SER A 285 8.53 -31.22 -4.83
C SER A 285 8.36 -29.74 -5.16
N TYR A 286 7.11 -29.34 -5.36
CA TYR A 286 6.75 -27.96 -5.66
C TYR A 286 5.66 -27.53 -4.70
N ALA A 287 5.78 -26.29 -4.22
CA ALA A 287 4.80 -25.72 -3.31
C ALA A 287 4.57 -24.26 -3.68
N ALA A 288 3.32 -23.83 -3.69
CA ALA A 288 2.96 -22.45 -4.01
C ALA A 288 2.26 -21.84 -2.81
N GLY A 289 2.67 -20.63 -2.43
CA GLY A 289 2.06 -19.98 -1.27
C GLY A 289 2.07 -18.48 -1.40
N ALA A 290 1.28 -17.83 -0.54
CA ALA A 290 1.10 -16.38 -0.58
C ALA A 290 1.10 -15.76 0.82
N LEU A 291 1.77 -14.61 0.92
CA LEU A 291 1.81 -13.76 2.10
C LEU A 291 0.95 -12.53 1.88
N THR A 292 0.00 -12.28 2.80
CA THR A 292 -0.81 -11.08 2.80
C THR A 292 -0.50 -10.26 4.05
N VAL A 293 -0.39 -8.95 3.86
CA VAL A 293 -0.07 -8.01 4.92
C VAL A 293 -1.24 -7.06 5.13
N HIS A 294 -1.76 -7.00 6.35
CA HIS A 294 -2.69 -5.92 6.71
C HIS A 294 -2.05 -5.11 7.84
N ARG B 1 -16.52 10.34 30.28
CA ARG B 1 -17.75 9.81 30.88
C ARG B 1 -18.55 9.00 29.86
N VAL B 2 -18.95 9.64 28.77
CA VAL B 2 -19.68 8.96 27.70
C VAL B 2 -18.67 8.41 26.71
N VAL B 3 -18.82 7.12 26.38
CA VAL B 3 -17.85 6.45 25.52
C VAL B 3 -18.27 6.45 24.05
N CYS B 4 -19.56 6.67 23.75
CA CYS B 4 -20.09 6.48 22.40
C CYS B 4 -20.77 7.74 21.89
N ARG B 5 -20.41 8.14 20.68
CA ARG B 5 -21.14 9.15 19.94
C ARG B 5 -22.31 8.50 19.21
N GLU B 6 -23.53 8.88 19.56
CA GLU B 6 -24.70 8.34 18.87
C GLU B 6 -24.74 8.82 17.42
N ALA B 7 -25.35 8.01 16.55
CA ALA B 7 -25.54 8.38 15.14
C ALA B 7 -26.74 9.33 15.08
N SER B 8 -26.48 10.59 15.46
CA SER B 8 -27.55 11.54 15.75
C SER B 8 -28.31 11.99 14.51
N HIS B 9 -27.78 11.76 13.31
CA HIS B 9 -28.47 12.13 12.09
C HIS B 9 -29.02 10.93 11.35
N ALA B 10 -28.92 9.73 11.94
CA ALA B 10 -29.57 8.56 11.40
C ALA B 10 -31.08 8.73 11.46
N GLY B 11 -31.76 8.32 10.40
CA GLY B 11 -33.19 8.49 10.27
C GLY B 11 -33.60 9.73 9.51
N SER B 12 -32.77 10.77 9.53
CA SER B 12 -33.07 12.02 8.85
C SER B 12 -32.14 12.33 7.69
N TRP B 13 -30.82 12.17 7.88
CA TRP B 13 -29.90 12.37 6.77
C TRP B 13 -29.57 11.06 6.05
N TYR B 14 -29.85 9.92 6.68
CA TYR B 14 -29.69 8.61 6.08
C TYR B 14 -30.53 7.64 6.90
N THR B 15 -30.88 6.50 6.30
CA THR B 15 -31.77 5.58 6.98
C THR B 15 -31.13 5.00 8.24
N ALA B 16 -31.93 4.88 9.28
CA ALA B 16 -31.47 4.32 10.55
C ALA B 16 -31.41 2.80 10.54
N SER B 17 -32.10 2.14 9.61
CA SER B 17 -32.09 0.69 9.51
C SER B 17 -30.78 0.20 8.90
N GLY B 18 -30.05 -0.61 9.67
CA GLY B 18 -28.81 -1.21 9.22
C GLY B 18 -28.91 -1.95 7.90
N PRO B 19 -29.84 -2.92 7.80
CA PRO B 19 -29.98 -3.64 6.52
C PRO B 19 -30.34 -2.75 5.35
N GLN B 20 -31.28 -1.82 5.53
CA GLN B 20 -31.63 -0.87 4.47
C GLN B 20 -30.42 -0.07 4.02
N LEU B 21 -29.68 0.46 5.00
CA LEU B 21 -28.52 1.29 4.69
C LEU B 21 -27.47 0.49 3.94
N ASN B 22 -27.23 -0.74 4.39
CA ASN B 22 -26.26 -1.60 3.74
C ASN B 22 -26.64 -1.89 2.29
N ALA B 23 -27.92 -2.22 2.05
CA ALA B 23 -28.35 -2.50 0.69
C ALA B 23 -28.25 -1.27 -0.20
N GLN B 24 -28.63 -0.10 0.32
CA GLN B 24 -28.55 1.13 -0.45
C GLN B 24 -27.11 1.44 -0.85
N LEU B 25 -26.19 1.38 0.12
CA LEU B 25 -24.78 1.65 -0.18
C LEU B 25 -24.21 0.62 -1.15
N GLU B 26 -24.60 -0.65 -0.98
CA GLU B 26 -24.13 -1.71 -1.88
C GLU B 26 -24.58 -1.45 -3.31
N GLY B 27 -25.83 -1.05 -3.51
CA GLY B 27 -26.28 -0.72 -4.85
C GLY B 27 -25.46 0.40 -5.47
N TRP B 28 -25.30 1.49 -4.72
CA TRP B 28 -24.52 2.63 -5.26
C TRP B 28 -23.09 2.22 -5.60
N LEU B 29 -22.44 1.45 -4.71
CA LEU B 29 -21.06 1.05 -4.96
C LEU B 29 -20.97 0.08 -6.13
N SER B 30 -21.96 -0.81 -6.28
CA SER B 30 -21.94 -1.75 -7.39
C SER B 30 -22.12 -1.05 -8.71
N GLN B 31 -22.66 0.17 -8.72
CA GLN B 31 -22.75 0.90 -9.98
C GLN B 31 -21.40 1.47 -10.45
N VAL B 32 -20.36 1.45 -9.63
CA VAL B 32 -19.11 2.15 -9.91
C VAL B 32 -18.01 1.12 -10.22
N GLN B 33 -17.27 1.35 -11.28
CA GLN B 33 -16.08 0.55 -11.58
C GLN B 33 -14.86 1.25 -10.98
N SER B 34 -14.10 0.52 -10.17
CA SER B 34 -12.94 1.10 -9.52
C SER B 34 -11.81 1.33 -10.51
N THR B 35 -11.24 2.53 -10.47
CA THR B 35 -10.13 2.89 -11.34
C THR B 35 -8.95 3.51 -10.60
N LYS B 36 -9.13 3.89 -9.34
CA LYS B 36 -8.08 4.63 -8.58
C LYS B 36 -7.67 3.92 -7.28
N ARG B 37 -7.72 2.59 -7.27
N ARG B 37 -7.72 2.59 -7.27
CA ARG B 37 -7.28 1.82 -6.07
CA ARG B 37 -7.27 1.83 -6.07
C ARG B 37 -5.75 1.76 -6.07
C ARG B 37 -5.75 1.76 -6.07
N PRO B 38 -5.07 1.91 -4.89
CA PRO B 38 -5.76 2.06 -3.60
C PRO B 38 -5.77 3.52 -3.09
N ALA B 39 -6.94 4.13 -3.01
CA ALA B 39 -7.00 5.57 -2.66
C ALA B 39 -6.29 5.90 -1.34
N ARG B 40 -5.37 6.84 -1.40
CA ARG B 40 -4.76 7.36 -0.19
C ARG B 40 -5.57 8.51 0.37
N ALA B 41 -6.33 9.21 -0.49
CA ALA B 41 -7.27 10.19 0.05
C ALA B 41 -8.48 10.27 -0.86
N ILE B 42 -9.59 10.79 -0.33
CA ILE B 42 -10.78 11.03 -1.15
C ILE B 42 -11.44 12.32 -0.72
N ILE B 43 -12.13 12.95 -1.66
CA ILE B 43 -13.06 14.03 -1.37
C ILE B 43 -14.45 13.50 -1.69
N ALA B 44 -15.36 13.67 -0.73
CA ALA B 44 -16.72 13.13 -0.86
C ALA B 44 -17.70 14.09 -0.19
N PRO B 45 -18.94 14.16 -0.70
CA PRO B 45 -19.92 15.10 -0.15
C PRO B 45 -20.48 14.62 1.19
N HIS B 46 -21.15 15.55 1.89
CA HIS B 46 -21.73 15.23 3.19
C HIS B 46 -23.19 15.66 3.29
N ALA B 47 -23.89 15.69 2.16
CA ALA B 47 -25.32 15.97 2.19
C ALA B 47 -26.08 14.69 2.55
N GLY B 48 -27.40 14.80 2.62
CA GLY B 48 -28.21 13.60 2.81
C GLY B 48 -27.97 12.59 1.70
N TYR B 49 -28.01 11.31 2.06
CA TYR B 49 -27.69 10.26 1.10
C TYR B 49 -28.64 10.27 -0.09
N THR B 50 -29.90 10.65 0.13
CA THR B 50 -30.83 10.73 -0.99
C THR B 50 -30.32 11.68 -2.08
N TYR B 51 -29.59 12.72 -1.70
CA TYR B 51 -29.06 13.71 -2.65
C TYR B 51 -27.69 13.33 -3.21
N CYS B 52 -26.80 12.77 -2.39
CA CYS B 52 -25.40 12.68 -2.80
C CYS B 52 -24.79 11.28 -2.65
N GLY B 53 -25.59 10.26 -2.31
CA GLY B 53 -25.02 8.94 -2.05
C GLY B 53 -24.41 8.28 -3.27
N SER B 54 -25.11 8.35 -4.40
CA SER B 54 -24.56 7.76 -5.63
C SER B 54 -23.30 8.46 -6.08
N CYS B 55 -23.20 9.78 -5.85
CA CYS B 55 -21.96 10.50 -6.13
C CYS B 55 -20.84 10.04 -5.20
N ALA B 56 -21.11 9.97 -3.90
CA ALA B 56 -20.08 9.57 -2.93
C ALA B 56 -19.56 8.16 -3.17
N ALA B 57 -20.40 7.27 -3.70
CA ALA B 57 -19.92 5.93 -4.04
C ALA B 57 -18.73 5.96 -4.99
N HIS B 58 -18.64 6.98 -5.86
CA HIS B 58 -17.52 7.04 -6.79
C HIS B 58 -16.21 7.24 -6.07
N ALA B 59 -16.21 7.96 -4.95
CA ALA B 59 -15.02 8.07 -4.13
C ALA B 59 -14.79 6.80 -3.32
N TYR B 60 -15.84 6.29 -2.66
CA TYR B 60 -15.62 5.20 -1.73
C TYR B 60 -15.28 3.89 -2.43
N LYS B 61 -15.64 3.72 -3.71
CA LYS B 61 -15.25 2.52 -4.43
C LYS B 61 -13.75 2.39 -4.60
N GLN B 62 -13.00 3.49 -4.50
CA GLN B 62 -11.56 3.47 -4.69
C GLN B 62 -10.80 3.08 -3.43
N VAL B 63 -11.49 2.88 -2.32
CA VAL B 63 -10.84 2.43 -1.09
C VAL B 63 -10.61 0.93 -1.17
N ASP B 64 -9.39 0.50 -0.88
CA ASP B 64 -9.08 -0.92 -0.79
C ASP B 64 -9.05 -1.34 0.67
N PRO B 65 -10.05 -2.10 1.15
CA PRO B 65 -10.10 -2.43 2.58
C PRO B 65 -9.00 -3.36 3.04
N SER B 66 -8.32 -4.07 2.14
CA SER B 66 -7.23 -4.94 2.57
C SER B 66 -5.93 -4.18 2.77
N ILE B 67 -5.86 -2.93 2.33
CA ILE B 67 -4.68 -2.10 2.51
C ILE B 67 -4.90 -1.05 3.59
N THR B 68 -6.05 -0.38 3.58
CA THR B 68 -6.30 0.70 4.51
C THR B 68 -6.60 0.15 5.91
N ARG B 69 -5.94 0.72 6.93
CA ARG B 69 -6.14 0.33 8.32
C ARG B 69 -6.56 1.47 9.24
N ARG B 70 -6.35 2.72 8.84
CA ARG B 70 -6.66 3.88 9.66
C ARG B 70 -7.27 4.94 8.76
N ILE B 71 -8.45 5.43 9.12
CA ILE B 71 -9.19 6.35 8.26
C ILE B 71 -9.38 7.66 9.00
N PHE B 72 -8.62 8.67 8.59
CA PHE B 72 -8.85 10.05 9.03
C PHE B 72 -10.06 10.60 8.31
N ILE B 73 -10.92 11.30 9.03
CA ILE B 73 -12.09 11.96 8.45
C ILE B 73 -12.05 13.43 8.86
N LEU B 74 -11.78 14.29 7.89
CA LEU B 74 -11.65 15.73 8.13
C LEU B 74 -12.91 16.41 7.62
N GLY B 75 -13.75 16.90 8.54
CA GLY B 75 -14.98 17.54 8.18
C GLY B 75 -15.05 18.98 8.67
N PRO B 76 -15.67 19.86 7.89
CA PRO B 76 -15.78 21.26 8.32
C PRO B 76 -16.82 21.41 9.43
N SER B 77 -16.58 22.41 10.29
CA SER B 77 -17.52 22.72 11.36
C SER B 77 -18.61 23.65 10.84
N HIS B 78 -19.86 23.28 11.06
CA HIS B 78 -21.00 24.07 10.64
C HIS B 78 -21.65 24.88 11.75
N HIS B 79 -21.46 24.49 13.01
CA HIS B 79 -22.27 25.04 14.09
C HIS B 79 -21.52 25.83 15.14
N VAL B 80 -20.21 25.65 15.27
CA VAL B 80 -19.48 26.25 16.38
C VAL B 80 -18.41 27.18 15.85
N PRO B 81 -18.10 28.27 16.55
CA PRO B 81 -16.92 29.07 16.18
C PRO B 81 -15.66 28.30 16.55
N LEU B 82 -14.88 27.96 15.52
CA LEU B 82 -13.68 27.15 15.71
C LEU B 82 -12.61 27.68 14.78
N SER B 83 -11.50 28.15 15.34
CA SER B 83 -10.38 28.66 14.55
C SER B 83 -9.25 27.65 14.39
N ARG B 84 -9.37 26.47 15.02
CA ARG B 84 -8.38 25.41 14.89
C ARG B 84 -9.03 24.13 14.40
N CYS B 85 -8.48 22.99 14.80
CA CYS B 85 -9.12 21.70 14.63
C CYS B 85 -9.45 21.13 16.00
N ALA B 86 -10.41 20.21 16.03
CA ALA B 86 -10.89 19.65 17.27
C ALA B 86 -10.97 18.13 17.17
N LEU B 87 -10.66 17.47 18.28
CA LEU B 87 -10.72 16.02 18.40
C LEU B 87 -11.89 15.62 19.28
N SER B 88 -12.42 14.43 19.03
CA SER B 88 -13.54 13.91 19.78
C SER B 88 -13.13 13.55 21.20
N SER B 89 -14.12 13.55 22.11
CA SER B 89 -13.91 13.16 23.50
C SER B 89 -14.37 11.74 23.81
N VAL B 90 -14.91 11.02 22.82
CA VAL B 90 -15.38 9.65 23.06
C VAL B 90 -14.40 8.67 22.43
N ASP B 91 -14.70 7.37 22.54
CA ASP B 91 -13.85 6.33 21.97
C ASP B 91 -14.48 5.61 20.79
N ILE B 92 -15.80 5.69 20.62
CA ILE B 92 -16.51 4.90 19.64
C ILE B 92 -17.53 5.79 18.93
N TYR B 93 -17.56 5.71 17.59
CA TYR B 93 -18.58 6.36 16.77
C TYR B 93 -19.57 5.29 16.32
N ARG B 94 -20.82 5.42 16.73
CA ARG B 94 -21.84 4.45 16.34
C ARG B 94 -22.31 4.68 14.91
N THR B 95 -22.62 3.60 14.22
CA THR B 95 -23.31 3.65 12.93
C THR B 95 -24.36 2.55 12.94
N PRO B 96 -25.37 2.65 12.06
CA PRO B 96 -26.36 1.56 11.98
C PRO B 96 -25.79 0.25 11.45
N LEU B 97 -24.62 0.26 10.81
CA LEU B 97 -24.02 -0.99 10.33
C LEU B 97 -23.25 -1.68 11.46
N TYR B 98 -22.18 -1.05 11.92
CA TYR B 98 -21.47 -1.47 13.12
C TYR B 98 -20.72 -0.25 13.63
N ASP B 99 -20.24 -0.33 14.87
CA ASP B 99 -19.63 0.81 15.53
C ASP B 99 -18.15 0.91 15.20
N LEU B 100 -17.65 2.14 15.10
CA LEU B 100 -16.29 2.40 14.67
C LEU B 100 -15.47 2.91 15.85
N ARG B 101 -14.25 2.38 16.02
CA ARG B 101 -13.40 2.76 17.14
C ARG B 101 -12.34 3.76 16.70
N ILE B 102 -12.09 4.75 17.55
CA ILE B 102 -11.08 5.78 17.31
C ILE B 102 -9.70 5.21 17.63
N ASP B 103 -8.72 5.56 16.79
CA ASP B 103 -7.35 5.10 16.98
C ASP B 103 -6.72 5.83 18.16
N GLN B 104 -6.53 5.13 19.27
CA GLN B 104 -6.09 5.78 20.51
C GLN B 104 -4.66 6.30 20.40
N LYS B 105 -3.78 5.53 19.75
CA LYS B 105 -2.40 5.96 19.61
C LYS B 105 -2.31 7.26 18.82
N ILE B 106 -2.99 7.32 17.67
CA ILE B 106 -2.91 8.51 16.84
C ILE B 106 -3.62 9.68 17.51
N TYR B 107 -4.75 9.43 18.18
CA TYR B 107 -5.41 10.50 18.91
C TYR B 107 -4.50 11.06 19.99
N GLY B 108 -3.72 10.20 20.66
CA GLY B 108 -2.77 10.69 21.64
C GLY B 108 -1.69 11.56 21.04
N GLU B 109 -1.12 11.12 19.91
CA GLU B 109 -0.09 11.93 19.25
C GLU B 109 -0.64 13.30 18.84
N LEU B 110 -1.79 13.30 18.18
CA LEU B 110 -2.39 14.56 17.74
C LEU B 110 -2.68 15.46 18.93
N TRP B 111 -3.27 14.92 20.00
CA TRP B 111 -3.57 15.75 21.16
C TRP B 111 -2.31 16.34 21.76
N LYS B 112 -1.23 15.55 21.83
CA LYS B 112 0.00 16.04 22.41
C LYS B 112 0.63 17.15 21.59
N THR B 113 0.32 17.24 20.28
CA THR B 113 0.84 18.40 19.54
C THR B 113 0.37 19.74 20.13
N GLY B 114 -0.74 19.76 20.85
CA GLY B 114 -1.27 21.01 21.36
C GLY B 114 -1.97 21.86 20.33
N MET B 115 -2.11 21.37 19.10
CA MET B 115 -2.75 22.13 18.03
C MET B 115 -4.26 21.98 18.02
N PHE B 116 -4.82 21.10 18.83
CA PHE B 116 -6.23 20.73 18.75
C PHE B 116 -6.97 21.13 20.03
N GLU B 117 -8.23 21.49 19.84
CA GLU B 117 -9.17 21.61 20.96
C GLU B 117 -9.90 20.28 21.11
N ARG B 118 -10.59 20.13 22.23
CA ARG B 118 -11.39 18.94 22.49
C ARG B 118 -12.86 19.27 22.20
N MET B 119 -13.47 18.49 21.33
CA MET B 119 -14.89 18.63 21.01
C MET B 119 -15.73 18.15 22.18
N SER B 120 -16.69 18.97 22.61
CA SER B 120 -17.67 18.46 23.56
C SER B 120 -18.53 17.41 22.86
N LEU B 121 -19.17 16.55 23.66
CA LEU B 121 -20.05 15.54 23.08
C LEU B 121 -21.19 16.18 22.30
N GLN B 122 -21.77 17.27 22.84
CA GLN B 122 -22.85 17.96 22.14
C GLN B 122 -22.39 18.52 20.81
N THR B 123 -21.23 19.20 20.79
CA THR B 123 -20.66 19.65 19.53
C THR B 123 -20.43 18.47 18.58
N ASP B 124 -19.88 17.38 19.11
CA ASP B 124 -19.56 16.21 18.29
C ASP B 124 -20.81 15.66 17.61
N GLU B 125 -21.87 15.44 18.38
CA GLU B 125 -23.10 14.85 17.86
C GLU B 125 -23.91 15.84 17.01
N ASP B 126 -23.77 17.15 17.28
CA ASP B 126 -24.51 18.14 16.51
C ASP B 126 -23.99 18.22 15.08
N GLU B 127 -22.69 18.09 14.88
CA GLU B 127 -22.11 18.18 13.55
C GLU B 127 -22.46 16.95 12.71
N HIS B 128 -22.66 17.16 11.41
CA HIS B 128 -22.93 16.06 10.49
C HIS B 128 -21.81 15.82 9.49
N SER B 129 -20.87 16.75 9.34
CA SER B 129 -19.93 16.67 8.22
C SER B 129 -18.98 15.48 8.35
N ILE B 130 -18.75 14.99 9.56
CA ILE B 130 -17.97 13.76 9.75
C ILE B 130 -18.88 12.54 9.73
N GLU B 131 -20.04 12.64 10.38
CA GLU B 131 -20.95 11.51 10.53
C GLU B 131 -21.37 10.94 9.18
N MET B 132 -21.59 11.79 8.17
CA MET B 132 -22.09 11.27 6.90
C MET B 132 -21.09 10.35 6.21
N HIS B 133 -19.86 10.28 6.69
CA HIS B 133 -18.89 9.36 6.15
C HIS B 133 -18.74 8.09 6.97
N LEU B 134 -19.41 8.01 8.14
CA LEU B 134 -19.28 6.80 8.94
C LEU B 134 -19.94 5.61 8.27
N PRO B 135 -21.19 5.68 7.80
CA PRO B 135 -21.76 4.49 7.12
C PRO B 135 -20.94 4.07 5.91
N TYR B 136 -20.61 5.02 5.03
CA TYR B 136 -19.85 4.66 3.84
C TYR B 136 -18.53 3.99 4.21
N THR B 137 -17.78 4.58 5.13
CA THR B 137 -16.56 3.96 5.60
C THR B 137 -16.84 2.55 6.11
N ALA B 138 -17.85 2.42 6.98
CA ALA B 138 -18.20 1.12 7.52
C ALA B 138 -18.51 0.13 6.40
N LYS B 139 -19.17 0.61 5.35
CA LYS B 139 -19.52 -0.28 4.26
C LYS B 139 -18.29 -0.69 3.47
N ALA B 140 -17.37 0.26 3.23
CA ALA B 140 -16.21 -0.07 2.39
C ALA B 140 -15.26 -1.00 3.13
N MET B 141 -15.20 -0.90 4.45
CA MET B 141 -14.25 -1.65 5.27
C MET B 141 -14.82 -2.92 5.84
N GLU B 142 -16.05 -3.30 5.46
CA GLU B 142 -16.75 -4.34 6.22
C GLU B 142 -16.00 -5.66 6.21
N SER B 143 -15.34 -5.99 5.09
CA SER B 143 -14.60 -7.25 5.01
C SER B 143 -13.44 -7.28 5.99
N HIS B 144 -13.05 -6.15 6.54
CA HIS B 144 -12.00 -6.08 7.55
C HIS B 144 -12.49 -5.31 8.77
N LYS B 145 -13.75 -5.53 9.14
CA LYS B 145 -14.37 -4.71 10.18
C LYS B 145 -13.61 -4.77 11.51
N ASP B 146 -12.88 -5.86 11.76
CA ASP B 146 -12.16 -6.02 13.03
C ASP B 146 -10.77 -5.41 13.02
N GLU B 147 -10.33 -4.82 11.89
CA GLU B 147 -8.92 -4.46 11.76
C GLU B 147 -8.70 -3.01 11.33
N PHE B 148 -9.66 -2.10 11.55
CA PHE B 148 -9.42 -0.72 11.18
C PHE B 148 -9.96 0.22 12.26
N THR B 149 -9.40 1.44 12.27
CA THR B 149 -9.78 2.48 13.21
C THR B 149 -10.06 3.77 12.43
N ILE B 150 -10.66 4.74 13.11
CA ILE B 150 -10.94 6.03 12.51
C ILE B 150 -10.29 7.12 13.34
N ILE B 151 -10.02 8.25 12.70
CA ILE B 151 -9.47 9.44 13.35
C ILE B 151 -10.33 10.63 12.95
N PRO B 152 -11.41 10.91 13.68
CA PRO B 152 -12.26 12.06 13.34
C PRO B 152 -11.58 13.37 13.71
N VAL B 153 -11.65 14.35 12.80
CA VAL B 153 -11.06 15.66 13.01
C VAL B 153 -12.07 16.70 12.54
N LEU B 154 -12.52 17.57 13.45
CA LEU B 154 -13.36 18.70 13.07
C LEU B 154 -12.45 19.85 12.66
N VAL B 155 -12.64 20.38 11.45
CA VAL B 155 -11.79 21.43 10.90
C VAL B 155 -12.58 22.73 10.93
N GLY B 156 -12.06 23.72 11.65
CA GLY B 156 -12.70 25.02 11.78
C GLY B 156 -12.33 25.98 10.66
N ALA B 157 -12.58 27.26 10.93
CA ALA B 157 -12.33 28.32 9.94
C ALA B 157 -10.84 28.64 9.96
N LEU B 158 -10.07 27.76 9.34
CA LEU B 158 -8.62 27.84 9.38
C LEU B 158 -8.11 29.02 8.56
N SER B 159 -7.15 29.74 9.13
CA SER B 159 -6.35 30.68 8.35
C SER B 159 -5.46 29.94 7.36
N GLU B 160 -4.87 30.68 6.43
CA GLU B 160 -3.93 30.10 5.47
C GLU B 160 -2.74 29.48 6.19
N SER B 161 -2.21 30.20 7.18
CA SER B 161 -1.07 29.69 7.95
C SER B 161 -1.42 28.40 8.67
N LYS B 162 -2.63 28.32 9.24
CA LYS B 162 -3.02 27.09 9.92
C LYS B 162 -3.32 25.98 8.93
N GLU B 163 -3.86 26.31 7.76
CA GLU B 163 -4.01 25.29 6.73
C GLU B 163 -2.65 24.67 6.39
N GLN B 164 -1.62 25.52 6.27
CA GLN B 164 -0.26 25.01 6.03
C GLN B 164 0.26 24.21 7.21
N GLU B 165 0.05 24.69 8.43
CA GLU B 165 0.57 24.00 9.61
C GLU B 165 -0.06 22.63 9.78
N PHE B 166 -1.39 22.55 9.69
CA PHE B 166 -2.08 21.28 9.82
C PHE B 166 -1.77 20.37 8.64
N GLY B 167 -1.60 20.92 7.43
CA GLY B 167 -1.17 20.09 6.32
C GLY B 167 0.18 19.46 6.59
N LYS B 168 1.14 20.25 7.07
CA LYS B 168 2.45 19.72 7.42
C LYS B 168 2.35 18.64 8.49
N LEU B 169 1.55 18.90 9.53
CA LEU B 169 1.36 17.91 10.59
C LEU B 169 0.81 16.60 10.04
N PHE B 170 -0.24 16.68 9.21
CA PHE B 170 -0.89 15.48 8.72
C PHE B 170 -0.12 14.79 7.61
N SER B 171 0.87 15.47 7.00
CA SER B 171 1.60 14.87 5.90
C SER B 171 2.30 13.58 6.32
N LYS B 172 2.81 13.51 7.55
CA LYS B 172 3.48 12.30 7.99
C LYS B 172 2.53 11.11 8.03
N TYR B 173 1.25 11.34 8.32
CA TYR B 173 0.25 10.27 8.26
C TYR B 173 -0.20 10.01 6.83
N LEU B 174 -0.31 11.04 6.01
CA LEU B 174 -0.70 10.83 4.62
C LEU B 174 0.32 9.95 3.89
N ALA B 175 1.58 10.01 4.30
CA ALA B 175 2.64 9.22 3.67
C ALA B 175 2.57 7.73 4.02
N ASP B 176 1.77 7.36 5.01
CA ASP B 176 1.67 5.95 5.41
C ASP B 176 0.70 5.22 4.50
N PRO B 177 1.12 4.19 3.78
CA PRO B 177 0.19 3.50 2.86
C PRO B 177 -0.97 2.82 3.56
N SER B 178 -0.90 2.58 4.86
CA SER B 178 -2.03 2.01 5.58
C SER B 178 -3.09 3.03 5.95
N ASN B 179 -2.87 4.32 5.68
CA ASN B 179 -3.80 5.37 6.10
C ASN B 179 -4.62 5.87 4.92
N LEU B 180 -5.80 6.40 5.25
CA LEU B 180 -6.69 7.02 4.27
C LEU B 180 -7.26 8.30 4.85
N PHE B 181 -7.23 9.38 4.08
CA PHE B 181 -7.79 10.67 4.50
C PHE B 181 -9.09 10.92 3.74
N VAL B 182 -10.20 10.96 4.46
CA VAL B 182 -11.49 11.36 3.91
C VAL B 182 -11.67 12.85 4.17
N VAL B 183 -11.78 13.63 3.10
CA VAL B 183 -11.94 15.08 3.18
C VAL B 183 -13.37 15.41 2.79
N SER B 184 -14.13 15.94 3.73
CA SER B 184 -15.57 16.11 3.57
C SER B 184 -15.85 17.52 3.05
N SER B 185 -16.55 17.60 1.93
CA SER B 185 -16.93 18.91 1.41
C SER B 185 -18.07 18.74 0.41
N ASP B 186 -18.98 19.70 0.42
CA ASP B 186 -19.87 19.92 -0.71
C ASP B 186 -19.31 21.06 -1.54
N PHE B 187 -19.82 21.21 -2.77
CA PHE B 187 -19.34 22.32 -3.58
C PHE B 187 -20.41 23.40 -3.66
N CYS B 188 -20.55 24.07 -4.80
CA CYS B 188 -21.29 25.34 -4.85
C CYS B 188 -22.67 25.24 -4.21
N HIS B 189 -22.94 26.13 -3.26
CA HIS B 189 -24.29 26.38 -2.75
C HIS B 189 -24.79 27.65 -3.45
N TRP B 190 -25.68 27.49 -4.41
CA TRP B 190 -26.12 28.59 -5.25
C TRP B 190 -27.56 28.95 -4.94
N GLY B 191 -27.79 30.24 -4.76
CA GLY B 191 -29.15 30.76 -4.50
C GLY B 191 -29.18 31.90 -3.52
N GLN B 192 -30.29 32.64 -3.49
CA GLN B 192 -30.48 33.74 -2.53
C GLN B 192 -30.47 33.21 -1.09
N ARG B 193 -30.91 32.03 -0.84
CA ARG B 193 -30.97 31.42 0.50
C ARG B 193 -29.55 31.23 1.03
N PHE B 194 -28.57 31.16 0.08
CA PHE B 194 -27.14 31.10 0.48
C PHE B 194 -26.45 32.45 0.24
N ARG B 195 -27.18 33.48 -0.20
CA ARG B 195 -26.56 34.76 -0.55
C ARG B 195 -25.37 34.57 -1.51
N TYR B 196 -25.53 33.68 -2.48
CA TYR B 196 -24.50 33.44 -3.48
C TYR B 196 -25.20 33.20 -4.81
N SER B 197 -25.09 34.17 -5.72
CA SER B 197 -25.79 34.10 -7.00
C SER B 197 -24.85 34.43 -8.15
N TYR B 198 -23.56 34.12 -8.00
CA TYR B 198 -22.62 34.40 -9.07
C TYR B 198 -23.06 33.70 -10.36
N TYR B 199 -23.04 34.43 -11.46
CA TYR B 199 -23.53 33.90 -12.73
C TYR B 199 -22.74 34.49 -13.88
N ASP B 200 -22.10 33.63 -14.65
CA ASP B 200 -21.37 34.01 -15.86
C ASP B 200 -22.22 33.50 -17.01
N GLU B 201 -22.94 34.39 -17.68
CA GLU B 201 -23.87 33.89 -18.69
C GLU B 201 -23.18 33.52 -19.99
N SER B 202 -21.87 33.70 -20.08
CA SER B 202 -21.13 33.15 -21.21
C SER B 202 -21.09 31.63 -21.15
N GLN B 203 -21.41 31.05 -19.99
CA GLN B 203 -21.48 29.60 -19.83
C GLN B 203 -22.85 29.05 -20.16
N GLY B 204 -23.82 29.91 -20.43
CA GLY B 204 -25.15 29.48 -20.79
C GLY B 204 -26.10 29.58 -19.60
N GLU B 205 -26.86 28.51 -19.36
CA GLU B 205 -27.80 28.50 -18.26
C GLU B 205 -27.08 28.54 -16.91
N ILE B 206 -27.83 28.93 -15.87
CA ILE B 206 -27.25 29.10 -14.54
C ILE B 206 -26.57 27.82 -14.07
N TYR B 207 -27.22 26.66 -14.27
CA TYR B 207 -26.62 25.42 -13.79
C TYR B 207 -25.33 25.11 -14.55
N ARG B 208 -25.22 25.54 -15.81
CA ARG B 208 -23.96 25.38 -16.54
C ARG B 208 -22.88 26.32 -16.01
N SER B 209 -23.25 27.54 -15.65
CA SER B 209 -22.28 28.44 -15.02
C SER B 209 -21.79 27.87 -13.69
N ILE B 210 -22.70 27.29 -12.90
CA ILE B 210 -22.31 26.65 -11.64
C ILE B 210 -21.37 25.48 -11.91
N GLU B 211 -21.72 24.64 -12.90
CA GLU B 211 -20.86 23.53 -13.24
C GLU B 211 -19.47 24.00 -13.62
N HIS B 212 -19.39 25.09 -14.40
CA HIS B 212 -18.10 25.63 -14.81
C HIS B 212 -17.30 26.12 -13.62
N LEU B 213 -17.94 26.88 -12.73
CA LEU B 213 -17.27 27.36 -11.53
C LEU B 213 -16.73 26.21 -10.68
N ASP B 214 -17.60 25.23 -10.40
CA ASP B 214 -17.18 24.07 -9.61
C ASP B 214 -16.01 23.34 -10.28
N LYS B 215 -16.11 23.10 -11.58
CA LYS B 215 -15.07 22.32 -12.24
C LYS B 215 -13.77 23.12 -12.38
N MET B 216 -13.82 24.45 -12.38
CA MET B 216 -12.59 25.21 -12.24
C MET B 216 -11.93 24.92 -10.91
N GLY B 217 -12.71 24.91 -9.84
CA GLY B 217 -12.16 24.54 -8.53
C GLY B 217 -11.63 23.12 -8.51
N MET B 218 -12.38 22.19 -9.08
CA MET B 218 -11.97 20.78 -9.11
C MET B 218 -10.67 20.60 -9.89
N SER B 219 -10.55 21.28 -11.03
CA SER B 219 -9.31 21.20 -11.80
CA SER B 219 -9.31 21.22 -11.81
C SER B 219 -8.13 21.75 -11.01
N ILE B 220 -8.33 22.87 -10.30
CA ILE B 220 -7.24 23.39 -9.49
C ILE B 220 -6.82 22.37 -8.43
N ILE B 221 -7.79 21.71 -7.83
CA ILE B 221 -7.46 20.65 -6.88
C ILE B 221 -6.65 19.55 -7.56
N GLU B 222 -7.02 19.19 -8.79
CA GLU B 222 -6.26 18.17 -9.52
C GLU B 222 -4.85 18.64 -9.86
N GLN B 223 -4.61 19.95 -9.89
CA GLN B 223 -3.24 20.43 -10.05
C GLN B 223 -2.45 20.39 -8.75
N LEU B 224 -3.08 19.99 -7.64
CA LEU B 224 -2.41 19.86 -6.33
C LEU B 224 -1.75 21.17 -5.91
N ASP B 225 -2.45 22.28 -6.10
CA ASP B 225 -1.86 23.61 -5.90
C ASP B 225 -2.65 24.38 -4.86
N PRO B 226 -2.22 24.39 -3.60
CA PRO B 226 -2.98 25.11 -2.56
C PRO B 226 -3.03 26.61 -2.78
N VAL B 227 -1.94 27.21 -3.29
CA VAL B 227 -1.94 28.64 -3.56
C VAL B 227 -2.99 28.98 -4.60
N SER B 228 -3.05 28.19 -5.67
CA SER B 228 -4.02 28.44 -6.72
CA SER B 228 -4.02 28.45 -6.71
C SER B 228 -5.45 28.24 -6.22
N PHE B 229 -5.67 27.24 -5.36
CA PHE B 229 -7.00 27.02 -4.80
C PHE B 229 -7.41 28.21 -3.95
N SER B 230 -6.49 28.71 -3.12
CA SER B 230 -6.76 29.90 -2.33
C SER B 230 -7.07 31.11 -3.20
N ASN B 231 -6.33 31.29 -4.30
CA ASN B 231 -6.59 32.43 -5.18
C ASN B 231 -7.96 32.29 -5.84
N TYR B 232 -8.34 31.08 -6.22
CA TYR B 232 -9.65 30.84 -6.81
C TYR B 232 -10.76 31.17 -5.83
N LEU B 233 -10.58 30.79 -4.56
CA LEU B 233 -11.56 31.15 -3.54
C LEU B 233 -11.64 32.66 -3.38
N LYS B 234 -10.49 33.35 -3.40
CA LYS B 234 -10.51 34.80 -3.26
C LYS B 234 -11.13 35.48 -4.46
N LYS B 235 -11.07 34.84 -5.64
CA LYS B 235 -11.55 35.48 -6.85
C LYS B 235 -13.07 35.32 -7.03
N TYR B 236 -13.61 34.12 -6.79
CA TYR B 236 -15.04 33.90 -7.00
C TYR B 236 -15.84 33.68 -5.73
N HIS B 237 -15.19 33.38 -4.61
CA HIS B 237 -15.88 33.13 -3.34
C HIS B 237 -16.90 32.01 -3.48
N ASN B 238 -16.55 30.98 -4.27
CA ASN B 238 -17.42 29.83 -4.39
C ASN B 238 -17.69 29.23 -3.02
N THR B 239 -18.97 28.95 -2.80
CA THR B 239 -19.50 28.43 -1.53
C THR B 239 -19.14 26.96 -1.32
N ILE B 240 -17.86 26.68 -1.14
CA ILE B 240 -17.38 25.29 -0.93
C ILE B 240 -17.28 25.06 0.58
N CYS B 241 -18.28 24.41 1.14
CA CYS B 241 -18.27 24.01 2.60
CA CYS B 241 -18.21 24.25 2.64
C CYS B 241 -16.97 23.58 3.37
N GLY B 242 -16.27 22.68 2.65
CA GLY B 242 -15.01 22.16 3.21
C GLY B 242 -13.79 22.73 2.50
N ARG B 243 -13.77 24.04 2.29
N ARG B 243 -13.78 23.96 2.29
CA ARG B 243 -12.59 24.70 1.69
CA ARG B 243 -12.60 24.60 1.70
C ARG B 243 -11.37 24.54 2.62
C ARG B 243 -11.38 24.46 2.61
N HIS B 244 -11.59 24.51 3.94
CA HIS B 244 -10.45 24.42 4.85
C HIS B 244 -9.88 23.01 4.94
N PRO B 245 -10.68 21.94 5.10
CA PRO B 245 -10.10 20.59 4.98
C PRO B 245 -9.42 20.36 3.64
N ILE B 246 -9.96 20.91 2.55
CA ILE B 246 -9.32 20.76 1.25
C ILE B 246 -7.96 21.46 1.25
N GLY B 247 -7.88 22.67 1.82
CA GLY B 247 -6.59 23.34 1.89
C GLY B 247 -5.57 22.57 2.72
N VAL B 248 -6.03 21.94 3.81
CA VAL B 248 -5.15 21.10 4.62
C VAL B 248 -4.63 19.94 3.77
N LEU B 249 -5.53 19.27 3.05
CA LEU B 249 -5.11 18.14 2.21
C LEU B 249 -4.11 18.58 1.15
N LEU B 250 -4.34 19.73 0.52
CA LEU B 250 -3.45 20.20 -0.54
C LEU B 250 -2.07 20.55 0.02
N ASN B 251 -2.01 21.17 1.20
CA ASN B 251 -0.72 21.47 1.80
C ASN B 251 0.00 20.20 2.24
N ALA B 252 -0.74 19.22 2.75
CA ALA B 252 -0.13 17.93 3.07
C ALA B 252 0.47 17.29 1.82
N ILE B 253 -0.24 17.37 0.71
CA ILE B 253 0.25 16.81 -0.55
C ILE B 253 1.51 17.51 -1.01
N THR B 254 1.55 18.84 -0.93
CA THR B 254 2.76 19.54 -1.35
C THR B 254 3.94 19.22 -0.44
N GLU B 255 3.69 19.07 0.87
CA GLU B 255 4.74 18.67 1.78
C GLU B 255 5.31 17.31 1.38
N LEU B 256 4.44 16.37 1.01
CA LEU B 256 4.93 15.06 0.57
C LEU B 256 5.68 15.15 -0.76
N GLN B 257 5.22 16.01 -1.67
CA GLN B 257 5.91 16.14 -2.95
C GLN B 257 7.31 16.72 -2.78
N LYS B 258 7.46 17.70 -1.87
CA LYS B 258 8.78 18.24 -1.57
C LYS B 258 9.71 17.18 -0.98
N ASN B 259 9.15 16.12 -0.40
CA ASN B 259 9.93 15.01 0.14
C ASN B 259 10.13 13.88 -0.87
N GLY B 260 9.74 14.09 -2.13
CA GLY B 260 10.00 13.17 -3.21
C GLY B 260 8.89 12.20 -3.57
N MET B 261 7.73 12.27 -2.92
CA MET B 261 6.63 11.38 -3.25
C MET B 261 5.85 11.87 -4.47
N ASN B 262 5.43 10.93 -5.31
CA ASN B 262 4.66 11.28 -6.52
C ASN B 262 3.22 10.85 -6.33
N MET B 263 2.29 11.75 -6.65
CA MET B 263 0.86 11.45 -6.44
C MET B 263 0.00 12.20 -7.44
N SER B 264 -1.22 11.72 -7.62
CA SER B 264 -2.16 12.34 -8.57
C SER B 264 -3.56 12.37 -7.94
N PHE B 265 -4.36 13.39 -8.24
CA PHE B 265 -5.74 13.47 -7.80
C PHE B 265 -6.67 13.53 -9.01
N SER B 266 -7.74 12.73 -8.97
CA SER B 266 -8.73 12.71 -10.04
C SER B 266 -10.13 12.80 -9.45
N PHE B 267 -10.92 13.75 -9.92
CA PHE B 267 -12.35 13.74 -9.64
C PHE B 267 -13.06 12.79 -10.59
N LEU B 268 -13.99 12.00 -10.05
CA LEU B 268 -14.61 10.91 -10.76
C LEU B 268 -16.11 11.10 -10.98
N ASN B 269 -16.75 12.02 -10.30
CA ASN B 269 -18.18 12.23 -10.49
C ASN B 269 -18.57 13.62 -9.99
N TYR B 270 -19.47 14.26 -10.72
CA TYR B 270 -19.97 15.58 -10.38
C TYR B 270 -21.49 15.56 -10.48
N ALA B 271 -22.16 16.15 -9.50
CA ALA B 271 -23.62 16.16 -9.48
C ALA B 271 -24.14 17.45 -8.83
N GLN B 272 -25.38 17.79 -9.18
CA GLN B 272 -26.08 18.93 -8.61
C GLN B 272 -27.42 18.45 -8.05
N SER B 273 -27.80 18.98 -6.88
CA SER B 273 -29.05 18.55 -6.26
C SER B 273 -30.25 18.86 -7.15
N SER B 274 -30.18 19.96 -7.89
CA SER B 274 -31.18 20.31 -8.90
C SER B 274 -30.49 21.20 -9.92
N GLN B 275 -31.20 21.50 -11.00
CA GLN B 275 -30.65 22.29 -12.10
C GLN B 275 -31.24 23.70 -12.03
N CYS B 276 -30.45 24.64 -11.52
CA CYS B 276 -30.90 26.02 -11.41
C CYS B 276 -31.05 26.66 -12.79
N ARG B 277 -32.20 27.30 -13.01
CA ARG B 277 -32.47 27.98 -14.27
C ARG B 277 -32.89 29.44 -14.14
N ASN B 278 -33.38 29.89 -12.99
CA ASN B 278 -33.69 31.30 -12.80
C ASN B 278 -33.30 31.71 -11.39
N TRP B 279 -33.54 32.98 -11.08
CA TRP B 279 -33.01 33.59 -9.87
C TRP B 279 -33.67 33.08 -8.60
N GLN B 280 -34.83 32.43 -8.70
CA GLN B 280 -35.49 31.88 -7.53
C GLN B 280 -35.04 30.46 -7.22
N ASP B 281 -34.24 29.84 -8.07
CA ASP B 281 -33.79 28.47 -7.84
C ASP B 281 -32.61 28.44 -6.87
N SER B 282 -32.38 27.26 -6.30
CA SER B 282 -31.19 27.01 -5.49
C SER B 282 -30.73 25.58 -5.71
N SER B 283 -29.43 25.35 -5.55
CA SER B 283 -28.91 24.01 -5.66
C SER B 283 -27.61 23.90 -4.87
N VAL B 284 -27.24 22.65 -4.56
CA VAL B 284 -25.97 22.33 -3.96
C VAL B 284 -25.28 21.31 -4.86
N SER B 285 -23.98 21.50 -5.08
CA SER B 285 -23.17 20.65 -5.94
C SER B 285 -22.37 19.66 -5.11
N TYR B 286 -22.14 18.48 -5.69
CA TYR B 286 -21.38 17.40 -5.08
C TYR B 286 -20.33 16.88 -6.04
N ALA B 287 -19.14 16.60 -5.51
CA ALA B 287 -18.03 16.06 -6.29
C ALA B 287 -17.33 15.00 -5.47
N ALA B 288 -16.98 13.90 -6.12
CA ALA B 288 -16.25 12.80 -5.50
C ALA B 288 -14.94 12.61 -6.24
N GLY B 289 -13.84 12.48 -5.50
CA GLY B 289 -12.54 12.32 -6.12
C GLY B 289 -11.61 11.51 -5.24
N ALA B 290 -10.50 11.09 -5.84
CA ALA B 290 -9.52 10.22 -5.16
C ALA B 290 -8.09 10.66 -5.45
N LEU B 291 -7.27 10.59 -4.41
CA LEU B 291 -5.83 10.80 -4.46
C LEU B 291 -5.14 9.44 -4.39
N THR B 292 -4.30 9.16 -5.39
CA THR B 292 -3.51 7.95 -5.47
C THR B 292 -2.02 8.29 -5.45
N VAL B 293 -1.26 7.48 -4.73
CA VAL B 293 0.18 7.67 -4.56
C VAL B 293 0.90 6.64 -5.42
N HIS B 294 1.84 7.11 -6.24
CA HIS B 294 2.63 6.21 -7.08
C HIS B 294 4.06 6.13 -6.56
N ARG C 1 -29.41 -4.82 22.15
CA ARG C 1 -29.26 -5.18 23.56
C ARG C 1 -28.08 -4.44 24.18
N VAL C 2 -27.42 -5.09 25.14
CA VAL C 2 -26.26 -4.52 25.82
C VAL C 2 -25.01 -4.85 25.03
N VAL C 3 -24.18 -3.84 24.80
CA VAL C 3 -23.00 -4.02 23.96
C VAL C 3 -21.73 -4.35 24.77
N CYS C 4 -21.72 -4.05 26.07
CA CYS C 4 -20.52 -4.16 26.88
C CYS C 4 -20.75 -5.04 28.09
N ARG C 5 -19.83 -5.98 28.32
CA ARG C 5 -19.79 -6.72 29.57
C ARG C 5 -19.01 -5.92 30.60
N GLU C 6 -19.68 -5.50 31.66
CA GLU C 6 -19.03 -4.72 32.71
C GLU C 6 -17.99 -5.58 33.44
N ALA C 7 -16.98 -4.90 34.00
CA ALA C 7 -15.95 -5.57 34.79
C ALA C 7 -16.55 -5.87 36.16
N SER C 8 -17.37 -6.93 36.20
CA SER C 8 -18.26 -7.14 37.33
C SER C 8 -17.53 -7.54 38.61
N HIS C 9 -16.27 -7.95 38.53
CA HIS C 9 -15.49 -8.32 39.70
C HIS C 9 -14.39 -7.31 40.01
N ALA C 10 -14.35 -6.18 39.31
CA ALA C 10 -13.42 -5.11 39.67
C ALA C 10 -13.79 -4.56 41.03
N GLY C 11 -12.76 -4.29 41.84
CA GLY C 11 -12.95 -3.84 43.19
C GLY C 11 -12.95 -4.96 44.22
N SER C 12 -13.44 -6.14 43.85
CA SER C 12 -13.52 -7.27 44.78
CA SER C 12 -13.52 -7.27 44.77
C SER C 12 -12.45 -8.33 44.52
N TRP C 13 -12.16 -8.65 43.26
CA TRP C 13 -11.14 -9.63 42.92
C TRP C 13 -9.83 -9.01 42.45
N TYR C 14 -9.85 -7.72 42.11
CA TYR C 14 -8.66 -6.99 41.72
C TYR C 14 -8.95 -5.52 41.90
N THR C 15 -7.89 -4.71 41.91
CA THR C 15 -8.04 -3.28 42.16
C THR C 15 -8.90 -2.63 41.07
N ALA C 16 -9.82 -1.77 41.50
CA ALA C 16 -10.70 -1.10 40.55
C ALA C 16 -10.08 0.14 39.94
N SER C 17 -9.09 0.75 40.59
CA SER C 17 -8.44 1.93 40.06
C SER C 17 -7.48 1.56 38.94
N GLY C 18 -7.70 2.12 37.76
CA GLY C 18 -6.84 1.90 36.62
C GLY C 18 -5.36 2.12 36.91
N PRO C 19 -5.00 3.30 37.42
CA PRO C 19 -3.57 3.54 37.72
C PRO C 19 -3.01 2.58 38.77
N GLN C 20 -3.75 2.31 39.83
CA GLN C 20 -3.24 1.43 40.89
C GLN C 20 -3.11 -0.01 40.38
N LEU C 21 -4.13 -0.49 39.65
CA LEU C 21 -4.05 -1.82 39.06
C LEU C 21 -2.88 -1.91 38.08
N ASN C 22 -2.67 -0.86 37.28
CA ASN C 22 -1.55 -0.82 36.34
C ASN C 22 -0.22 -0.93 37.08
N ALA C 23 -0.08 -0.19 38.18
CA ALA C 23 1.17 -0.25 38.95
C ALA C 23 1.39 -1.64 39.54
N GLN C 24 0.33 -2.26 40.06
CA GLN C 24 0.45 -3.62 40.61
C GLN C 24 0.92 -4.60 39.55
N LEU C 25 0.26 -4.57 38.38
CA LEU C 25 0.62 -5.48 37.30
C LEU C 25 2.05 -5.23 36.83
N GLU C 26 2.46 -3.96 36.75
CA GLU C 26 3.82 -3.65 36.33
C GLU C 26 4.84 -4.20 37.32
N GLY C 27 4.60 -4.06 38.63
CA GLY C 27 5.51 -4.65 39.60
C GLY C 27 5.64 -6.16 39.44
N TRP C 28 4.49 -6.85 39.35
CA TRP C 28 4.54 -8.30 39.19
C TRP C 28 5.28 -8.68 37.90
N LEU C 29 5.03 -7.98 36.80
CA LEU C 29 5.68 -8.31 35.54
C LEU C 29 7.17 -8.01 35.58
N SER C 30 7.56 -6.92 36.25
CA SER C 30 8.98 -6.59 36.35
C SER C 30 9.74 -7.59 37.19
N GLN C 31 9.04 -8.36 38.04
CA GLN C 31 9.75 -9.43 38.74
C GLN C 31 10.09 -10.64 37.86
N VAL C 32 9.58 -10.72 36.63
CA VAL C 32 9.68 -11.91 35.80
C VAL C 32 10.60 -11.63 34.61
N GLN C 33 11.54 -12.54 34.35
CA GLN C 33 12.37 -12.49 33.15
C GLN C 33 11.75 -13.35 32.06
N SER C 34 11.59 -12.79 30.87
CA SER C 34 10.99 -13.55 29.78
C SER C 34 11.98 -14.60 29.27
N THR C 35 11.52 -15.84 29.17
CA THR C 35 12.31 -16.95 28.68
C THR C 35 11.59 -17.79 27.65
N LYS C 36 10.27 -17.63 27.48
CA LYS C 36 9.48 -18.49 26.63
C LYS C 36 8.75 -17.72 25.54
N ARG C 37 9.23 -16.53 25.20
CA ARG C 37 8.59 -15.77 24.13
C ARG C 37 8.88 -16.43 22.77
N PRO C 38 7.93 -16.42 21.84
CA PRO C 38 6.59 -15.85 22.01
C PRO C 38 5.54 -16.91 22.32
N ALA C 39 4.94 -16.84 23.51
CA ALA C 39 4.01 -17.87 23.93
C ALA C 39 2.87 -18.01 22.92
N ARG C 40 2.61 -19.25 22.52
CA ARG C 40 1.43 -19.57 21.73
C ARG C 40 0.24 -19.93 22.61
N ALA C 41 0.50 -20.43 23.81
CA ALA C 41 -0.58 -20.59 24.78
C ALA C 41 -0.01 -20.39 26.16
N ILE C 42 -0.89 -20.13 27.13
CA ILE C 42 -0.49 -20.05 28.53
C ILE C 42 -1.55 -20.72 29.38
N ILE C 43 -1.12 -21.25 30.52
CA ILE C 43 -2.01 -21.66 31.60
C ILE C 43 -1.73 -20.69 32.74
N ALA C 44 -2.80 -20.08 33.27
CA ALA C 44 -2.65 -19.05 34.27
C ALA C 44 -3.81 -19.11 35.24
N PRO C 45 -3.61 -18.74 36.50
CA PRO C 45 -4.67 -18.86 37.51
C PRO C 45 -5.73 -17.77 37.36
N HIS C 46 -6.86 -17.99 38.03
CA HIS C 46 -7.99 -17.07 38.00
C HIS C 46 -8.50 -16.72 39.40
N ALA C 47 -7.63 -16.78 40.40
CA ALA C 47 -8.01 -16.32 41.72
C ALA C 47 -7.88 -14.80 41.79
N GLY C 48 -8.22 -14.23 42.95
CA GLY C 48 -7.98 -12.81 43.16
C GLY C 48 -6.50 -12.48 43.02
N TYR C 49 -6.23 -11.29 42.49
CA TYR C 49 -4.85 -10.90 42.21
C TYR C 49 -3.99 -10.86 43.46
N THR C 50 -4.55 -10.49 44.61
CA THR C 50 -3.77 -10.53 45.85
C THR C 50 -3.22 -11.93 46.11
N TYR C 51 -3.93 -12.97 45.67
CA TYR C 51 -3.48 -14.34 45.87
C TYR C 51 -2.58 -14.85 44.75
N CYS C 52 -2.86 -14.50 43.49
CA CYS C 52 -2.21 -15.18 42.37
C CYS C 52 -1.62 -14.26 41.31
N GLY C 53 -1.61 -12.93 41.52
CA GLY C 53 -1.15 -12.03 40.47
C GLY C 53 0.33 -12.19 40.18
N SER C 54 1.14 -12.32 41.23
CA SER C 54 2.57 -12.51 41.03
C SER C 54 2.87 -13.82 40.33
N CYS C 55 2.03 -14.84 40.55
CA CYS C 55 2.17 -16.09 39.82
C CYS C 55 1.80 -15.90 38.35
N ALA C 56 0.65 -15.29 38.08
CA ALA C 56 0.17 -15.15 36.70
C ALA C 56 1.12 -14.31 35.85
N ALA C 57 1.84 -13.38 36.47
CA ALA C 57 2.82 -12.60 35.71
C ALA C 57 3.85 -13.49 35.03
N HIS C 58 4.17 -14.66 35.59
CA HIS C 58 5.15 -15.53 34.97
C HIS C 58 4.67 -16.07 33.63
N ALA C 59 3.36 -16.27 33.48
CA ALA C 59 2.79 -16.62 32.18
C ALA C 59 2.70 -15.41 31.27
N TYR C 60 2.20 -14.29 31.79
CA TYR C 60 1.92 -13.17 30.90
C TYR C 60 3.18 -12.47 30.40
N LYS C 61 4.30 -12.58 31.12
CA LYS C 61 5.55 -12.02 30.62
C LYS C 61 6.03 -12.71 29.36
N GLN C 62 5.56 -13.93 29.10
CA GLN C 62 5.98 -14.69 27.92
C GLN C 62 5.19 -14.32 26.68
N VAL C 63 4.20 -13.45 26.79
CA VAL C 63 3.45 -12.98 25.63
C VAL C 63 4.26 -11.91 24.91
N ASP C 64 4.42 -12.07 23.59
CA ASP C 64 5.07 -11.07 22.76
C ASP C 64 4.03 -10.23 22.04
N PRO C 65 3.77 -8.98 22.46
CA PRO C 65 2.71 -8.18 21.83
C PRO C 65 3.00 -7.75 20.41
N SER C 66 4.25 -7.85 19.96
CA SER C 66 4.54 -7.53 18.57
C SER C 66 4.18 -8.68 17.63
N ILE C 67 3.87 -9.86 18.16
CA ILE C 67 3.49 -11.03 17.38
C ILE C 67 2.00 -11.33 17.51
N THR C 68 1.50 -11.36 18.75
CA THR C 68 0.13 -11.78 19.02
C THR C 68 -0.86 -10.68 18.67
N ARG C 69 -1.94 -11.05 17.95
CA ARG C 69 -3.02 -10.13 17.61
C ARG C 69 -4.39 -10.60 18.06
N ARG C 70 -4.56 -11.87 18.40
CA ARG C 70 -5.87 -12.40 18.76
C ARG C 70 -5.70 -13.33 19.96
N ILE C 71 -6.46 -13.07 21.02
CA ILE C 71 -6.29 -13.76 22.29
C ILE C 71 -7.56 -14.54 22.63
N PHE C 72 -7.50 -15.85 22.48
CA PHE C 72 -8.54 -16.75 22.98
C PHE C 72 -8.37 -16.89 24.49
N ILE C 73 -9.48 -16.81 25.22
CA ILE C 73 -9.46 -17.01 26.66
C ILE C 73 -10.52 -18.06 26.99
N LEU C 74 -10.07 -19.24 27.39
CA LEU C 74 -10.92 -20.39 27.70
C LEU C 74 -10.98 -20.54 29.21
N GLY C 75 -12.15 -20.26 29.80
CA GLY C 75 -12.33 -20.36 31.22
C GLY C 75 -13.42 -21.35 31.59
N PRO C 76 -13.24 -22.07 32.70
CA PRO C 76 -14.27 -23.01 33.13
C PRO C 76 -15.47 -22.30 33.74
N SER C 77 -16.64 -22.92 33.59
CA SER C 77 -17.86 -22.38 34.18
C SER C 77 -17.97 -22.82 35.64
N HIS C 78 -18.22 -21.86 36.52
CA HIS C 78 -18.38 -22.15 37.94
C HIS C 78 -19.82 -22.17 38.40
N HIS C 79 -20.74 -21.54 37.65
CA HIS C 79 -22.08 -21.28 38.16
C HIS C 79 -23.20 -21.92 37.37
N VAL C 80 -22.98 -22.30 36.12
CA VAL C 80 -24.08 -22.72 35.27
C VAL C 80 -23.88 -24.15 34.83
N PRO C 81 -24.96 -24.93 34.67
CA PRO C 81 -24.82 -26.25 34.04
C PRO C 81 -24.53 -26.07 32.56
N LEU C 82 -23.35 -26.51 32.15
CA LEU C 82 -22.92 -26.37 30.76
C LEU C 82 -22.17 -27.63 30.40
N SER C 83 -22.68 -28.35 29.40
CA SER C 83 -22.04 -29.56 28.92
C SER C 83 -21.24 -29.31 27.66
N ARG C 84 -21.28 -28.08 27.13
CA ARG C 84 -20.49 -27.71 25.97
C ARG C 84 -19.64 -26.47 26.24
N CYS C 85 -19.40 -25.68 25.21
CA CYS C 85 -18.79 -24.37 25.36
C CYS C 85 -19.78 -23.29 24.95
N ALA C 86 -19.57 -22.08 25.47
CA ALA C 86 -20.49 -20.97 25.23
C ALA C 86 -19.71 -19.72 24.83
N LEU C 87 -20.31 -18.94 23.93
CA LEU C 87 -19.76 -17.69 23.45
C LEU C 87 -20.56 -16.52 24.01
N SER C 88 -19.90 -15.38 24.16
CA SER C 88 -20.52 -14.18 24.70
C SER C 88 -21.55 -13.60 23.73
N SER C 89 -22.51 -12.86 24.29
CA SER C 89 -23.52 -12.18 23.50
C SER C 89 -23.23 -10.68 23.30
N VAL C 90 -22.14 -10.17 23.86
CA VAL C 90 -21.79 -8.76 23.72
C VAL C 90 -20.63 -8.62 22.76
N ASP C 91 -20.18 -7.38 22.54
CA ASP C 91 -19.08 -7.09 21.62
C ASP C 91 -17.82 -6.58 22.30
N ILE C 92 -17.92 -6.09 23.54
CA ILE C 92 -16.83 -5.41 24.22
C ILE C 92 -16.75 -5.93 25.65
N TYR C 93 -15.54 -6.26 26.10
CA TYR C 93 -15.27 -6.61 27.49
C TYR C 93 -14.55 -5.44 28.15
N ARG C 94 -15.17 -4.83 29.15
CA ARG C 94 -14.56 -3.71 29.84
C ARG C 94 -13.52 -4.20 30.87
N THR C 95 -12.47 -3.41 31.03
CA THR C 95 -11.50 -3.55 32.12
C THR C 95 -11.18 -2.17 32.64
N PRO C 96 -10.60 -2.07 33.84
CA PRO C 96 -10.20 -0.75 34.35
C PRO C 96 -9.06 -0.09 33.57
N LEU C 97 -8.30 -0.84 32.76
CA LEU C 97 -7.24 -0.23 31.98
C LEU C 97 -7.80 0.36 30.68
N TYR C 98 -8.29 -0.52 29.80
CA TYR C 98 -9.05 -0.10 28.62
C TYR C 98 -9.90 -1.29 28.19
N ASP C 99 -10.88 -1.01 27.34
CA ASP C 99 -11.86 -2.01 26.96
C ASP C 99 -11.37 -2.87 25.79
N LEU C 100 -11.76 -4.13 25.80
CA LEU C 100 -11.30 -5.13 24.84
C LEU C 100 -12.44 -5.54 23.93
N ARG C 101 -12.15 -5.64 22.63
CA ARG C 101 -13.15 -5.95 21.62
C ARG C 101 -13.09 -7.42 21.23
N ILE C 102 -14.25 -8.02 21.06
CA ILE C 102 -14.36 -9.41 20.64
C ILE C 102 -14.15 -9.51 19.14
N ASP C 103 -13.42 -10.55 18.71
CA ASP C 103 -13.17 -10.78 17.30
C ASP C 103 -14.44 -11.27 16.61
N GLN C 104 -15.06 -10.41 15.80
CA GLN C 104 -16.35 -10.75 15.22
C GLN C 104 -16.25 -11.87 14.18
N LYS C 105 -15.19 -11.84 13.36
CA LYS C 105 -15.02 -12.86 12.33
C LYS C 105 -14.90 -14.25 12.93
N ILE C 106 -14.02 -14.40 13.92
CA ILE C 106 -13.79 -15.70 14.53
C ILE C 106 -15.03 -16.14 15.30
N TYR C 107 -15.70 -15.19 15.96
CA TYR C 107 -16.94 -15.53 16.65
C TYR C 107 -17.98 -16.05 15.68
N GLY C 108 -18.05 -15.45 14.48
CA GLY C 108 -18.98 -15.95 13.47
C GLY C 108 -18.65 -17.34 13.01
N GLU C 109 -17.37 -17.61 12.74
CA GLU C 109 -16.98 -18.96 12.32
C GLU C 109 -17.30 -19.99 13.41
N LEU C 110 -16.89 -19.71 14.65
CA LEU C 110 -17.15 -20.61 15.76
C LEU C 110 -18.63 -20.88 15.92
N TRP C 111 -19.45 -19.82 15.89
CA TRP C 111 -20.88 -19.99 16.03
C TRP C 111 -21.45 -20.83 14.89
N LYS C 112 -20.96 -20.62 13.67
CA LYS C 112 -21.46 -21.40 12.54
C LYS C 112 -21.13 -22.88 12.66
N THR C 113 -20.09 -23.24 13.44
CA THR C 113 -19.84 -24.66 13.68
C THR C 113 -21.01 -25.37 14.36
N GLY C 114 -21.89 -24.64 15.06
CA GLY C 114 -22.99 -25.26 15.75
C GLY C 114 -22.62 -25.95 17.04
N MET C 115 -21.38 -25.84 17.49
CA MET C 115 -20.92 -26.56 18.67
C MET C 115 -21.07 -25.73 19.95
N PHE C 116 -21.47 -24.48 19.85
CA PHE C 116 -21.43 -23.54 20.95
C PHE C 116 -22.83 -23.08 21.33
N GLU C 117 -23.01 -22.83 22.62
CA GLU C 117 -24.20 -22.14 23.11
C GLU C 117 -23.92 -20.65 23.27
N ARG C 118 -24.98 -19.88 23.47
CA ARG C 118 -24.88 -18.45 23.68
C ARG C 118 -24.94 -18.14 25.18
N MET C 119 -23.92 -17.47 25.68
CA MET C 119 -23.86 -17.01 27.06
C MET C 119 -24.81 -15.84 27.25
N SER C 120 -25.71 -15.92 28.23
CA SER C 120 -26.48 -14.74 28.58
C SER C 120 -25.56 -13.70 29.21
N LEU C 121 -26.01 -12.44 29.20
CA LEU C 121 -25.24 -11.38 29.84
C LEU C 121 -25.05 -11.66 31.34
N GLN C 122 -26.11 -12.15 31.99
CA GLN C 122 -26.01 -12.48 33.41
C GLN C 122 -24.97 -13.57 33.67
N THR C 123 -25.04 -14.65 32.91
CA THR C 123 -24.03 -15.70 33.04
C THR C 123 -22.64 -15.14 32.82
N ASP C 124 -22.50 -14.34 31.77
CA ASP C 124 -21.21 -13.77 31.39
C ASP C 124 -20.60 -12.94 32.51
N GLU C 125 -21.38 -12.02 33.08
CA GLU C 125 -20.85 -11.14 34.11
C GLU C 125 -20.68 -11.87 35.44
N ASP C 126 -21.47 -12.91 35.69
CA ASP C 126 -21.34 -13.65 36.95
C ASP C 126 -20.03 -14.45 37.00
N GLU C 127 -19.62 -15.02 35.87
CA GLU C 127 -18.39 -15.82 35.85
C GLU C 127 -17.16 -14.93 36.00
N HIS C 128 -16.15 -15.46 36.71
CA HIS C 128 -14.88 -14.76 36.89
C HIS C 128 -13.71 -15.41 36.15
N SER C 129 -13.85 -16.66 35.70
CA SER C 129 -12.70 -17.40 35.20
C SER C 129 -12.12 -16.81 33.92
N ILE C 130 -12.92 -16.07 33.15
CA ILE C 130 -12.42 -15.35 31.98
C ILE C 130 -12.00 -13.92 32.33
N GLU C 131 -12.81 -13.25 33.16
CA GLU C 131 -12.56 -11.85 33.50
C GLU C 131 -11.19 -11.65 34.12
N MET C 132 -10.72 -12.58 34.96
CA MET C 132 -9.44 -12.36 35.64
C MET C 132 -8.26 -12.30 34.70
N HIS C 133 -8.44 -12.66 33.43
CA HIS C 133 -7.38 -12.55 32.46
C HIS C 133 -7.47 -11.31 31.61
N LEU C 134 -8.56 -10.53 31.77
CA LEU C 134 -8.72 -9.31 30.98
C LEU C 134 -7.70 -8.24 31.35
N PRO C 135 -7.54 -7.86 32.63
CA PRO C 135 -6.51 -6.83 32.92
C PRO C 135 -5.12 -7.26 32.47
N TYR C 136 -4.68 -8.46 32.85
CA TYR C 136 -3.35 -8.93 32.46
C TYR C 136 -3.19 -8.89 30.94
N THR C 137 -4.16 -9.42 30.20
CA THR C 137 -4.13 -9.33 28.74
C THR C 137 -4.02 -7.89 28.30
N ALA C 138 -4.91 -7.03 28.82
CA ALA C 138 -4.87 -5.62 28.45
C ALA C 138 -3.51 -5.04 28.76
N LYS C 139 -2.90 -5.45 29.88
CA LYS C 139 -1.61 -4.90 30.24
C LYS C 139 -0.52 -5.41 29.31
N ALA C 140 -0.58 -6.71 28.96
CA ALA C 140 0.49 -7.29 28.16
C ALA C 140 0.47 -6.75 26.74
N MET C 141 -0.72 -6.40 26.23
CA MET C 141 -0.95 -5.98 24.85
C MET C 141 -0.97 -4.47 24.68
N GLU C 142 -0.69 -3.69 25.73
CA GLU C 142 -1.01 -2.26 25.73
C GLU C 142 -0.30 -1.50 24.61
N SER C 143 0.90 -1.94 24.21
CA SER C 143 1.59 -1.28 23.11
C SER C 143 0.86 -1.42 21.79
N HIS C 144 -0.10 -2.33 21.69
CA HIS C 144 -0.90 -2.55 20.45
C HIS C 144 -2.38 -2.55 20.81
N LYS C 145 -2.82 -1.70 21.65
CA LYS C 145 -4.21 -1.71 22.19
C LYS C 145 -5.26 -1.50 21.11
N ASP C 146 -4.85 -0.90 19.96
CA ASP C 146 -5.78 -0.69 18.87
C ASP C 146 -5.78 -1.82 17.84
N GLU C 147 -4.95 -2.86 18.03
CA GLU C 147 -4.72 -3.82 16.96
C GLU C 147 -4.91 -5.26 17.41
N PHE C 148 -5.61 -5.51 18.51
CA PHE C 148 -5.79 -6.89 18.93
C PHE C 148 -7.23 -7.09 19.39
N THR C 149 -7.66 -8.36 19.34
CA THR C 149 -9.01 -8.75 19.73
C THR C 149 -8.93 -9.91 20.71
N ILE C 150 -10.07 -10.20 21.33
CA ILE C 150 -10.18 -11.35 22.22
C ILE C 150 -11.29 -12.26 21.72
N ILE C 151 -11.18 -13.53 22.08
CA ILE C 151 -12.20 -14.53 21.75
C ILE C 151 -12.55 -15.23 23.05
N PRO C 152 -13.50 -14.72 23.83
CA PRO C 152 -13.86 -15.39 25.09
C PRO C 152 -14.66 -16.66 24.84
N VAL C 153 -14.30 -17.73 25.56
CA VAL C 153 -14.99 -19.00 25.46
C VAL C 153 -15.18 -19.55 26.86
N LEU C 154 -16.43 -19.75 27.27
CA LEU C 154 -16.74 -20.41 28.53
C LEU C 154 -16.76 -21.92 28.29
N VAL C 155 -15.96 -22.66 29.03
CA VAL C 155 -15.82 -24.10 28.83
C VAL C 155 -16.54 -24.82 29.96
N GLY C 156 -17.53 -25.64 29.60
CA GLY C 156 -18.33 -26.38 30.55
C GLY C 156 -17.74 -27.72 30.93
N ALA C 157 -18.60 -28.57 31.50
CA ALA C 157 -18.19 -29.89 31.98
C ALA C 157 -18.13 -30.86 30.80
N LEU C 158 -17.04 -30.74 30.03
CA LEU C 158 -16.93 -31.51 28.80
C LEU C 158 -16.65 -32.98 29.08
N SER C 159 -17.34 -33.84 28.33
CA SER C 159 -16.92 -35.22 28.24
C SER C 159 -15.57 -35.31 27.52
N GLU C 160 -14.94 -36.48 27.59
CA GLU C 160 -13.67 -36.69 26.88
C GLU C 160 -13.84 -36.50 25.37
N SER C 161 -14.94 -37.02 24.82
CA SER C 161 -15.20 -36.86 23.39
C SER C 161 -15.33 -35.38 23.02
N LYS C 162 -15.97 -34.59 23.88
CA LYS C 162 -16.09 -33.16 23.60
C LYS C 162 -14.75 -32.46 23.77
N GLU C 163 -13.94 -32.88 24.74
CA GLU C 163 -12.59 -32.33 24.85
C GLU C 163 -11.81 -32.55 23.56
N GLN C 164 -11.90 -33.76 23.00
CA GLN C 164 -11.21 -34.04 21.75
C GLN C 164 -11.79 -33.22 20.60
N GLU C 165 -13.12 -33.14 20.51
CA GLU C 165 -13.74 -32.41 19.41
C GLU C 165 -13.38 -30.93 19.45
N PHE C 166 -13.48 -30.31 20.62
CA PHE C 166 -13.15 -28.89 20.74
C PHE C 166 -11.66 -28.65 20.55
N GLY C 167 -10.80 -29.57 21.01
CA GLY C 167 -9.37 -29.44 20.73
C GLY C 167 -9.08 -29.46 19.25
N LYS C 168 -9.68 -30.41 18.53
CA LYS C 168 -9.52 -30.45 17.08
C LYS C 168 -10.03 -29.17 16.43
N LEU C 169 -11.21 -28.69 16.86
CA LEU C 169 -11.76 -27.45 16.32
C LEU C 169 -10.80 -26.29 16.51
N PHE C 170 -10.25 -26.16 17.72
CA PHE C 170 -9.39 -25.00 18.03
C PHE C 170 -7.97 -25.15 17.50
N SER C 171 -7.55 -26.35 17.09
CA SER C 171 -6.17 -26.54 16.64
C SER C 171 -5.84 -25.64 15.44
N LYS C 172 -6.79 -25.41 14.54
CA LYS C 172 -6.50 -24.56 13.38
C LYS C 172 -6.20 -23.13 13.81
N TYR C 173 -6.80 -22.67 14.91
CA TYR C 173 -6.48 -21.35 15.44
C TYR C 173 -5.17 -21.39 16.23
N LEU C 174 -4.91 -22.49 16.94
CA LEU C 174 -3.66 -22.60 17.69
C LEU C 174 -2.45 -22.55 16.77
N ALA C 175 -2.59 -23.05 15.55
CA ALA C 175 -1.50 -23.07 14.57
C ALA C 175 -1.18 -21.69 14.00
N ASP C 176 -2.01 -20.69 14.24
CA ASP C 176 -1.79 -19.36 13.70
C ASP C 176 -0.84 -18.58 14.60
N PRO C 177 0.31 -18.13 14.09
CA PRO C 177 1.26 -17.41 14.95
C PRO C 177 0.73 -16.09 15.48
N SER C 178 -0.34 -15.55 14.91
CA SER C 178 -0.95 -14.34 15.46
C SER C 178 -1.86 -14.62 16.65
N ASN C 179 -2.12 -15.87 16.98
CA ASN C 179 -3.10 -16.22 18.01
C ASN C 179 -2.40 -16.61 19.31
N LEU C 180 -3.13 -16.43 20.41
CA LEU C 180 -2.69 -16.85 21.73
C LEU C 180 -3.87 -17.46 22.45
N PHE C 181 -3.67 -18.64 23.05
CA PHE C 181 -4.72 -19.30 23.83
C PHE C 181 -4.40 -19.15 25.32
N VAL C 182 -5.25 -18.42 26.02
CA VAL C 182 -5.19 -18.33 27.48
C VAL C 182 -6.13 -19.40 28.06
N VAL C 183 -5.56 -20.33 28.80
CA VAL C 183 -6.31 -21.43 29.40
C VAL C 183 -6.35 -21.19 30.90
N SER C 184 -7.54 -20.93 31.43
CA SER C 184 -7.70 -20.47 32.79
C SER C 184 -7.91 -21.65 33.72
N SER C 185 -7.07 -21.79 34.73
CA SER C 185 -7.26 -22.85 35.71
C SER C 185 -6.49 -22.52 36.97
N ASP C 186 -7.08 -22.88 38.11
CA ASP C 186 -6.36 -23.04 39.36
C ASP C 186 -6.07 -24.52 39.55
N PHE C 187 -5.15 -24.83 40.46
CA PHE C 187 -4.88 -26.24 40.71
C PHE C 187 -5.48 -26.66 42.05
N CYS C 188 -4.82 -27.54 42.80
CA CYS C 188 -5.47 -28.24 43.90
C CYS C 188 -6.22 -27.31 44.85
N HIS C 189 -7.49 -27.60 45.06
CA HIS C 189 -8.29 -27.02 46.14
C HIS C 189 -8.34 -28.06 47.25
N TRP C 190 -7.57 -27.83 48.31
CA TRP C 190 -7.39 -28.84 49.36
C TRP C 190 -8.07 -28.38 50.65
N GLY C 191 -8.79 -29.30 51.28
CA GLY C 191 -9.39 -29.06 52.58
C GLY C 191 -10.81 -29.58 52.66
N GLN C 192 -11.30 -29.70 53.89
CA GLN C 192 -12.66 -30.18 54.13
C GLN C 192 -13.68 -29.28 53.44
N ARG C 193 -13.42 -27.98 53.38
CA ARG C 193 -14.34 -27.01 52.72
C ARG C 193 -14.52 -27.36 51.25
N PHE C 194 -13.55 -28.05 50.64
CA PHE C 194 -13.68 -28.53 49.28
C PHE C 194 -14.02 -30.00 49.21
N ARG C 195 -14.22 -30.67 50.35
CA ARG C 195 -14.41 -32.13 50.39
C ARG C 195 -13.32 -32.85 49.61
N TYR C 196 -12.09 -32.36 49.75
CA TYR C 196 -10.93 -32.97 49.11
C TYR C 196 -9.75 -32.85 50.06
N SER C 197 -9.35 -33.97 50.67
CA SER C 197 -8.29 -33.98 51.66
C SER C 197 -7.29 -35.09 51.38
N TYR C 198 -7.07 -35.41 50.10
CA TYR C 198 -6.12 -36.46 49.77
C TYR C 198 -4.76 -36.13 50.37
N TYR C 199 -4.16 -37.11 51.04
CA TYR C 199 -2.85 -36.89 51.71
C TYR C 199 -1.94 -38.11 51.63
N ASP C 200 -0.76 -37.93 51.03
CA ASP C 200 0.28 -38.98 51.02
C ASP C 200 1.38 -38.55 52.00
N GLU C 201 1.43 -39.18 53.17
CA GLU C 201 2.41 -38.86 54.25
C GLU C 201 3.86 -39.14 53.80
N SER C 202 4.06 -39.97 52.78
CA SER C 202 5.41 -40.20 52.22
C SER C 202 6.01 -38.90 51.70
N GLN C 203 5.17 -37.93 51.32
CA GLN C 203 5.67 -36.67 50.71
C GLN C 203 6.04 -35.66 51.80
N GLY C 204 5.70 -35.97 53.05
CA GLY C 204 6.00 -35.07 54.17
C GLY C 204 4.79 -34.32 54.65
N GLU C 205 4.94 -33.02 54.90
CA GLU C 205 3.82 -32.16 55.33
C GLU C 205 2.72 -32.08 54.28
N ILE C 206 1.53 -31.72 54.71
CA ILE C 206 0.38 -31.72 53.82
C ILE C 206 0.66 -30.85 52.60
N TYR C 207 1.23 -29.67 52.81
CA TYR C 207 1.49 -28.78 51.67
C TYR C 207 2.51 -29.38 50.71
N ARG C 208 3.43 -30.20 51.22
CA ARG C 208 4.37 -30.89 50.33
C ARG C 208 3.68 -32.00 49.53
N SER C 209 2.74 -32.71 50.16
CA SER C 209 1.94 -33.70 49.45
C SER C 209 1.11 -33.03 48.35
N ILE C 210 0.53 -31.87 48.67
CA ILE C 210 -0.23 -31.11 47.67
C ILE C 210 0.67 -30.69 46.52
N GLU C 211 1.85 -30.17 46.85
CA GLU C 211 2.80 -29.78 45.80
C GLU C 211 3.14 -30.97 44.91
N HIS C 212 3.34 -32.15 45.50
CA HIS C 212 3.66 -33.32 44.70
C HIS C 212 2.50 -33.73 43.78
N LEU C 213 1.27 -33.75 44.31
CA LEU C 213 0.11 -34.07 43.49
C LEU C 213 -0.02 -33.10 42.31
N ASP C 214 0.06 -31.80 42.62
CA ASP C 214 -0.03 -30.78 41.59
C ASP C 214 1.06 -30.94 40.54
N LYS C 215 2.30 -31.18 40.99
CA LYS C 215 3.40 -31.26 40.03
C LYS C 215 3.37 -32.55 39.24
N MET C 216 2.75 -33.61 39.75
CA MET C 216 2.50 -34.78 38.91
C MET C 216 1.63 -34.37 37.73
N GLY C 217 0.54 -33.65 38.02
CA GLY C 217 -0.30 -33.15 36.93
C GLY C 217 0.42 -32.21 35.98
N MET C 218 1.17 -31.26 36.54
CA MET C 218 1.89 -30.30 35.69
C MET C 218 2.89 -30.99 34.80
N SER C 219 3.63 -31.97 35.32
CA SER C 219 4.61 -32.67 34.51
C SER C 219 3.93 -33.44 33.39
N ILE C 220 2.76 -34.04 33.65
CA ILE C 220 2.02 -34.70 32.58
C ILE C 220 1.59 -33.69 31.51
N ILE C 221 1.18 -32.49 31.93
CA ILE C 221 0.83 -31.44 30.97
C ILE C 221 2.05 -31.08 30.11
N GLU C 222 3.22 -30.97 30.74
CA GLU C 222 4.43 -30.66 29.99
C GLU C 222 4.82 -31.78 29.02
N GLN C 223 4.33 -32.99 29.25
CA GLN C 223 4.48 -34.07 28.31
C GLN C 223 3.48 -34.02 27.17
N LEU C 224 2.56 -33.06 27.18
CA LEU C 224 1.58 -32.87 26.10
C LEU C 224 0.74 -34.14 25.89
N ASP C 225 0.30 -34.75 26.97
CA ASP C 225 -0.31 -36.08 26.94
C ASP C 225 -1.73 -36.02 27.51
N PRO C 226 -2.75 -35.83 26.65
CA PRO C 226 -4.12 -35.75 27.16
C PRO C 226 -4.64 -37.05 27.76
N VAL C 227 -4.27 -38.20 27.19
CA VAL C 227 -4.72 -39.48 27.74
C VAL C 227 -4.18 -39.66 29.15
N SER C 228 -2.88 -39.38 29.34
CA SER C 228 -2.30 -39.50 30.67
C SER C 228 -2.90 -38.49 31.64
N PHE C 229 -3.21 -37.28 31.16
CA PHE C 229 -3.84 -36.29 32.03
C PHE C 229 -5.22 -36.76 32.49
N SER C 230 -6.00 -37.32 31.56
CA SER C 230 -7.30 -37.89 31.92
C SER C 230 -7.14 -39.03 32.93
N ASN C 231 -6.16 -39.92 32.72
CA ASN C 231 -5.95 -41.02 33.66
C ASN C 231 -5.51 -40.51 35.03
N TYR C 232 -4.67 -39.49 35.06
CA TYR C 232 -4.25 -38.87 36.31
C TYR C 232 -5.42 -38.30 37.08
N LEU C 233 -6.32 -37.60 36.38
CA LEU C 233 -7.53 -37.10 37.02
C LEU C 233 -8.38 -38.23 37.56
N LYS C 234 -8.52 -39.32 36.78
CA LYS C 234 -9.33 -40.44 37.26
C LYS C 234 -8.66 -41.15 38.44
N LYS C 235 -7.34 -41.05 38.54
CA LYS C 235 -6.62 -41.77 39.60
C LYS C 235 -6.65 -41.01 40.92
N TYR C 236 -6.38 -39.71 40.90
CA TYR C 236 -6.30 -38.95 42.14
C TYR C 236 -7.43 -37.95 42.35
N HIS C 237 -8.19 -37.63 41.31
CA HIS C 237 -9.31 -36.67 41.38
C HIS C 237 -8.87 -35.32 41.93
N ASN C 238 -7.67 -34.89 41.56
CA ASN C 238 -7.18 -33.57 41.95
C ASN C 238 -8.17 -32.48 41.52
N THR C 239 -8.40 -31.51 42.40
CA THR C 239 -9.41 -30.49 42.18
C THR C 239 -8.87 -29.34 41.31
N ILE C 240 -8.54 -29.65 40.07
CA ILE C 240 -8.06 -28.65 39.08
C ILE C 240 -9.32 -28.12 38.38
N CYS C 241 -9.77 -26.92 38.72
CA CYS C 241 -11.07 -26.37 38.23
C CYS C 241 -11.13 -26.18 36.71
N GLY C 242 -9.99 -25.91 36.07
CA GLY C 242 -9.95 -25.73 34.62
C GLY C 242 -9.45 -26.97 33.89
N ARG C 243 -9.73 -28.15 34.44
CA ARG C 243 -9.25 -29.38 33.81
C ARG C 243 -9.84 -29.57 32.42
N HIS C 244 -11.06 -29.07 32.18
CA HIS C 244 -11.64 -29.23 30.85
C HIS C 244 -11.00 -28.29 29.82
N PRO C 245 -10.80 -26.99 30.09
CA PRO C 245 -9.99 -26.19 29.15
C PRO C 245 -8.60 -26.75 28.92
N ILE C 246 -7.99 -27.31 29.97
CA ILE C 246 -6.66 -27.91 29.80
C ILE C 246 -6.74 -29.10 28.86
N GLY C 247 -7.77 -29.95 29.01
CA GLY C 247 -7.93 -31.07 28.11
C GLY C 247 -8.15 -30.63 26.67
N VAL C 248 -8.91 -29.54 26.47
CA VAL C 248 -9.08 -28.98 25.13
C VAL C 248 -7.73 -28.56 24.56
N LEU C 249 -6.95 -27.84 25.36
CA LEU C 249 -5.63 -27.40 24.89
C LEU C 249 -4.73 -28.58 24.54
N LEU C 250 -4.74 -29.62 25.36
CA LEU C 250 -3.87 -30.78 25.11
C LEU C 250 -4.29 -31.52 23.84
N ASN C 251 -5.59 -31.65 23.61
CA ASN C 251 -6.04 -32.31 22.38
C ASN C 251 -5.71 -31.47 21.15
N ALA C 252 -5.81 -30.13 21.27
CA ALA C 252 -5.39 -29.27 20.17
C ALA C 252 -3.89 -29.43 19.89
N ILE C 253 -3.07 -29.52 20.95
CA ILE C 253 -1.63 -29.69 20.78
C ILE C 253 -1.32 -31.00 20.06
N THR C 254 -1.97 -32.09 20.48
CA THR C 254 -1.70 -33.37 19.81
C THR C 254 -2.16 -33.34 18.36
N GLU C 255 -3.30 -32.69 18.09
CA GLU C 255 -3.75 -32.57 16.71
C GLU C 255 -2.69 -31.87 15.86
N LEU C 256 -2.10 -30.79 16.39
CA LEU C 256 -1.06 -30.10 15.64
C LEU C 256 0.20 -30.94 15.51
N GLN C 257 0.54 -31.70 16.55
CA GLN C 257 1.72 -32.55 16.50
C GLN C 257 1.59 -33.64 15.44
N LYS C 258 0.37 -34.10 15.18
CA LYS C 258 0.20 -35.09 14.11
C LYS C 258 0.71 -34.57 12.77
N ASN C 259 0.77 -33.25 12.58
CA ASN C 259 1.29 -32.67 11.35
C ASN C 259 2.77 -32.32 11.43
N GLY C 260 3.48 -32.76 12.47
CA GLY C 260 4.92 -32.57 12.50
C GLY C 260 5.37 -31.32 13.22
N MET C 261 4.45 -30.55 13.78
CA MET C 261 4.81 -29.32 14.46
C MET C 261 5.48 -29.64 15.78
N ASN C 262 6.53 -28.90 16.11
CA ASN C 262 7.28 -29.10 17.34
C ASN C 262 6.93 -27.99 18.32
N MET C 263 6.53 -28.38 19.53
CA MET C 263 6.19 -27.39 20.54
C MET C 263 6.54 -27.97 21.90
N SER C 264 6.68 -27.09 22.88
CA SER C 264 6.98 -27.52 24.23
C SER C 264 6.24 -26.62 25.21
N PHE C 265 5.80 -27.21 26.31
CA PHE C 265 5.12 -26.48 27.37
C PHE C 265 5.95 -26.58 28.63
N SER C 266 6.15 -25.44 29.29
CA SER C 266 6.91 -25.38 30.53
C SER C 266 6.14 -24.57 31.56
N PHE C 267 5.98 -25.13 32.75
CA PHE C 267 5.52 -24.35 33.89
C PHE C 267 6.69 -23.58 34.47
N LEU C 268 6.43 -22.32 34.83
CA LEU C 268 7.47 -21.38 35.24
C LEU C 268 7.33 -20.93 36.68
N ASN C 269 6.18 -21.15 37.32
CA ASN C 269 5.99 -20.76 38.71
C ASN C 269 4.86 -21.57 39.32
N TYR C 270 5.03 -21.92 40.59
CA TYR C 270 4.05 -22.66 41.37
C TYR C 270 3.89 -21.98 42.71
N ALA C 271 2.65 -21.81 43.17
CA ALA C 271 2.39 -21.14 44.43
C ALA C 271 1.16 -21.75 45.09
N GLN C 272 1.07 -21.59 46.40
CA GLN C 272 -0.08 -22.02 47.18
C GLN C 272 -0.61 -20.82 47.97
N SER C 273 -1.94 -20.73 48.08
CA SER C 273 -2.54 -19.61 48.81
C SER C 273 -2.13 -19.61 50.28
N SER C 274 -1.90 -20.78 50.87
CA SER C 274 -1.35 -20.91 52.21
C SER C 274 -0.71 -22.28 52.31
N GLN C 275 -0.06 -22.54 53.44
CA GLN C 275 0.64 -23.80 53.67
C GLN C 275 -0.19 -24.65 54.62
N CYS C 276 -0.90 -25.63 54.07
CA CYS C 276 -1.69 -26.54 54.89
C CYS C 276 -0.76 -27.44 55.70
N ARG C 277 -1.02 -27.53 57.01
CA ARG C 277 -0.23 -28.39 57.89
C ARG C 277 -1.06 -29.36 58.71
N ASN C 278 -2.35 -29.12 58.90
CA ASN C 278 -3.22 -30.06 59.62
C ASN C 278 -4.57 -30.13 58.91
N TRP C 279 -5.42 -31.04 59.39
CA TRP C 279 -6.64 -31.37 58.68
C TRP C 279 -7.64 -30.22 58.63
N GLN C 280 -7.49 -29.21 59.48
CA GLN C 280 -8.37 -28.05 59.45
C GLN C 280 -7.94 -26.96 58.49
N ASP C 281 -6.76 -27.08 57.88
CA ASP C 281 -6.30 -26.05 56.94
C ASP C 281 -6.92 -26.25 55.56
N SER C 282 -6.90 -25.18 54.77
CA SER C 282 -7.29 -25.28 53.37
C SER C 282 -6.41 -24.35 52.55
N SER C 283 -6.19 -24.72 51.29
CA SER C 283 -5.43 -23.88 50.37
C SER C 283 -5.85 -24.17 48.95
N VAL C 284 -5.52 -23.23 48.07
CA VAL C 284 -5.66 -23.35 46.62
C VAL C 284 -4.29 -23.15 45.99
N SER C 285 -3.98 -23.96 44.99
CA SER C 285 -2.69 -23.90 44.30
C SER C 285 -2.81 -23.18 42.98
N TYR C 286 -1.74 -22.48 42.61
CA TYR C 286 -1.65 -21.72 41.37
C TYR C 286 -0.40 -22.13 40.62
N ALA C 287 -0.53 -22.29 39.31
CA ALA C 287 0.58 -22.63 38.45
C ALA C 287 0.48 -21.82 37.15
N ALA C 288 1.61 -21.29 36.71
CA ALA C 288 1.68 -20.50 35.48
C ALA C 288 2.62 -21.19 34.52
N GLY C 289 2.20 -21.33 33.26
CA GLY C 289 3.02 -22.01 32.28
C GLY C 289 2.78 -21.47 30.89
N ALA C 290 3.68 -21.82 29.98
CA ALA C 290 3.63 -21.31 28.61
C ALA C 290 3.96 -22.39 27.60
N LEU C 291 3.21 -22.37 26.50
CA LEU C 291 3.41 -23.22 25.33
C LEU C 291 4.08 -22.37 24.27
N THR C 292 5.25 -22.84 23.81
CA THR C 292 6.03 -22.22 22.76
C THR C 292 6.15 -23.18 21.58
N VAL C 293 6.06 -22.63 20.38
CA VAL C 293 6.10 -23.42 19.15
C VAL C 293 7.50 -23.26 18.56
N HIS C 294 8.15 -24.39 18.28
CA HIS C 294 9.48 -24.37 17.69
C HIS C 294 9.48 -24.91 16.26
N ARG D 1 13.75 -6.54 -32.99
CA ARG D 1 13.79 -5.12 -33.32
C ARG D 1 14.86 -4.39 -32.53
N VAL D 2 15.06 -3.12 -32.84
CA VAL D 2 16.04 -2.28 -32.18
C VAL D 2 15.38 -1.60 -30.97
N VAL D 3 16.05 -1.65 -29.83
CA VAL D 3 15.48 -1.11 -28.60
C VAL D 3 15.88 0.35 -28.35
N CYS D 4 16.98 0.81 -28.93
CA CYS D 4 17.57 2.11 -28.62
C CYS D 4 17.72 2.95 -29.87
N ARG D 5 17.30 4.21 -29.79
CA ARG D 5 17.63 5.20 -30.81
C ARG D 5 18.99 5.78 -30.48
N GLU D 6 19.97 5.58 -31.37
CA GLU D 6 21.30 6.12 -31.14
C GLU D 6 21.27 7.65 -31.18
N ALA D 7 22.20 8.26 -30.44
CA ALA D 7 22.35 9.71 -30.42
C ALA D 7 23.10 10.12 -31.70
N SER D 8 22.35 10.13 -32.81
CA SER D 8 22.97 10.18 -34.13
C SER D 8 23.61 11.52 -34.45
N HIS D 9 23.28 12.58 -33.71
CA HIS D 9 23.85 13.90 -33.95
C HIS D 9 24.84 14.30 -32.86
N ALA D 10 25.15 13.40 -31.93
CA ALA D 10 26.22 13.64 -30.97
C ALA D 10 27.56 13.72 -31.70
N GLY D 11 28.38 14.68 -31.30
CA GLY D 11 29.65 14.91 -31.94
C GLY D 11 29.64 15.95 -33.03
N SER D 12 28.46 16.34 -33.53
CA SER D 12 28.40 17.31 -34.62
C SER D 12 27.44 18.45 -34.30
N TRP D 13 26.37 18.17 -33.57
CA TRP D 13 25.46 19.21 -33.10
C TRP D 13 25.63 19.53 -31.63
N TYR D 14 26.30 18.65 -30.88
CA TYR D 14 26.66 18.87 -29.49
C TYR D 14 27.79 17.91 -29.20
N THR D 15 28.58 18.22 -28.16
CA THR D 15 29.75 17.38 -27.89
C THR D 15 29.32 15.99 -27.46
N ALA D 16 30.02 14.99 -27.97
CA ALA D 16 29.71 13.60 -27.65
C ALA D 16 30.28 13.18 -26.30
N SER D 17 31.25 13.92 -25.76
CA SER D 17 31.84 13.58 -24.47
C SER D 17 30.86 13.90 -23.35
N GLY D 18 30.47 12.87 -22.60
CA GLY D 18 29.57 13.01 -21.47
C GLY D 18 29.99 14.07 -20.46
N PRO D 19 31.21 13.97 -19.92
CA PRO D 19 31.66 14.99 -18.96
C PRO D 19 31.65 16.40 -19.54
N GLN D 20 32.12 16.56 -20.78
CA GLN D 20 32.16 17.88 -21.39
C GLN D 20 30.76 18.44 -21.60
N LEU D 21 29.86 17.60 -22.13
CA LEU D 21 28.48 18.05 -22.37
C LEU D 21 27.81 18.43 -21.06
N ASN D 22 28.02 17.62 -20.02
CA ASN D 22 27.47 17.93 -18.71
C ASN D 22 27.97 19.28 -18.21
N ALA D 23 29.27 19.53 -18.35
CA ALA D 23 29.82 20.80 -17.89
C ALA D 23 29.25 21.98 -18.66
N GLN D 24 29.13 21.88 -19.99
CA GLN D 24 28.55 22.97 -20.81
C GLN D 24 27.10 23.26 -20.39
N LEU D 25 26.27 22.23 -20.27
CA LEU D 25 24.86 22.40 -19.87
C LEU D 25 24.75 23.02 -18.47
N GLU D 26 25.58 22.58 -17.52
CA GLU D 26 25.58 23.14 -16.14
C GLU D 26 25.95 24.64 -16.18
N GLY D 27 26.97 25.01 -16.94
CA GLY D 27 27.33 26.43 -17.09
C GLY D 27 26.18 27.26 -17.60
N TRP D 28 25.56 26.80 -18.68
CA TRP D 28 24.43 27.55 -19.24
C TRP D 28 23.27 27.62 -18.24
N LEU D 29 22.97 26.54 -17.56
CA LEU D 29 21.85 26.55 -16.56
C LEU D 29 22.20 27.45 -15.36
N SER D 30 23.48 27.51 -14.97
CA SER D 30 23.95 28.36 -13.83
C SER D 30 23.81 29.85 -14.14
N GLN D 31 23.71 30.21 -15.40
CA GLN D 31 23.62 31.64 -15.78
C GLN D 31 22.16 32.10 -15.71
N VAL D 32 21.24 31.19 -15.43
CA VAL D 32 19.79 31.51 -15.44
C VAL D 32 19.17 31.45 -14.05
N GLN D 33 18.36 32.43 -13.70
CA GLN D 33 17.59 32.44 -12.47
C GLN D 33 16.21 31.88 -12.77
N SER D 34 15.77 30.92 -11.97
CA SER D 34 14.44 30.36 -12.19
C SER D 34 13.41 31.39 -11.73
N THR D 35 12.45 31.69 -12.63
CA THR D 35 11.39 32.64 -12.33
C THR D 35 10.00 32.14 -12.72
N LYS D 36 9.89 31.06 -13.49
CA LYS D 36 8.62 30.59 -14.02
C LYS D 36 8.31 29.15 -13.62
N ARG D 37 8.94 28.64 -12.56
CA ARG D 37 8.70 27.27 -12.16
C ARG D 37 7.31 27.13 -11.54
N PRO D 38 6.66 25.97 -11.73
CA PRO D 38 7.11 24.82 -12.50
C PRO D 38 6.61 24.86 -13.95
N ALA D 39 7.51 24.92 -14.92
CA ALA D 39 7.07 25.03 -16.31
C ALA D 39 6.16 23.87 -16.67
N ARG D 40 4.99 24.19 -17.22
CA ARG D 40 4.11 23.18 -17.80
C ARG D 40 4.42 22.97 -19.26
N ALA D 41 4.97 23.99 -19.93
CA ALA D 41 5.47 23.76 -21.28
C ALA D 41 6.64 24.70 -21.51
N ILE D 42 7.47 24.40 -22.51
CA ILE D 42 8.52 25.32 -22.92
C ILE D 42 8.65 25.30 -24.43
N ILE D 43 9.10 26.44 -24.97
CA ILE D 43 9.55 26.54 -26.35
C ILE D 43 11.05 26.78 -26.30
N ALA D 44 11.81 25.96 -27.03
CA ALA D 44 13.26 26.01 -26.95
C ALA D 44 13.86 25.69 -28.31
N PRO D 45 15.00 26.27 -28.66
CA PRO D 45 15.57 26.08 -29.99
C PRO D 45 16.19 24.69 -30.16
N HIS D 46 16.45 24.34 -31.42
CA HIS D 46 17.02 23.03 -31.77
C HIS D 46 18.22 23.16 -32.72
N ALA D 47 18.95 24.26 -32.66
CA ALA D 47 20.19 24.39 -33.40
C ALA D 47 21.33 23.72 -32.63
N GLY D 48 22.54 23.76 -33.20
CA GLY D 48 23.70 23.29 -32.48
C GLY D 48 23.89 24.05 -31.19
N TYR D 49 24.37 23.36 -30.15
CA TYR D 49 24.47 23.97 -28.84
C TYR D 49 25.44 25.16 -28.83
N THR D 50 26.48 25.11 -29.66
CA THR D 50 27.37 26.26 -29.76
C THR D 50 26.60 27.52 -30.12
N TYR D 51 25.53 27.38 -30.89
CA TYR D 51 24.74 28.54 -31.30
C TYR D 51 23.62 28.89 -30.31
N CYS D 52 22.92 27.91 -29.75
CA CYS D 52 21.68 28.21 -29.05
C CYS D 52 21.60 27.63 -27.63
N GLY D 53 22.68 27.02 -27.12
CA GLY D 53 22.58 26.36 -25.82
C GLY D 53 22.34 27.33 -24.68
N SER D 54 23.02 28.49 -24.72
CA SER D 54 22.81 29.50 -23.68
C SER D 54 21.40 30.05 -23.72
N CYS D 55 20.80 30.14 -24.91
CA CYS D 55 19.40 30.55 -25.02
C CYS D 55 18.47 29.49 -24.44
N ALA D 56 18.66 28.22 -24.84
CA ALA D 56 17.77 27.14 -24.42
C ALA D 56 17.80 26.93 -22.89
N ALA D 57 18.93 27.23 -22.25
CA ALA D 57 19.00 27.14 -20.79
C ALA D 57 17.95 27.99 -20.11
N HIS D 58 17.56 29.11 -20.73
CA HIS D 58 16.56 29.97 -20.11
C HIS D 58 15.20 29.27 -20.02
N ALA D 59 14.90 28.39 -20.97
CA ALA D 59 13.69 27.58 -20.86
C ALA D 59 13.88 26.43 -19.88
N TYR D 60 15.00 25.71 -19.99
CA TYR D 60 15.13 24.48 -19.21
C TYR D 60 15.33 24.77 -17.72
N LYS D 61 15.82 25.95 -17.34
CA LYS D 61 15.91 26.29 -15.93
C LYS D 61 14.54 26.39 -15.25
N GLN D 62 13.47 26.58 -16.03
CA GLN D 62 12.14 26.71 -15.46
C GLN D 62 11.46 25.37 -15.19
N VAL D 63 12.09 24.26 -15.56
CA VAL D 63 11.54 22.94 -15.27
C VAL D 63 11.82 22.60 -13.81
N ASP D 64 10.77 22.15 -13.11
CA ASP D 64 10.92 21.72 -11.73
C ASP D 64 11.02 20.21 -11.70
N PRO D 65 12.22 19.64 -11.48
CA PRO D 65 12.38 18.18 -11.57
C PRO D 65 11.68 17.42 -10.46
N SER D 66 11.31 18.06 -9.35
CA SER D 66 10.59 17.34 -8.32
C SER D 66 9.09 17.22 -8.62
N ILE D 67 8.58 17.95 -9.60
CA ILE D 67 7.18 17.90 -9.98
C ILE D 67 6.99 17.16 -11.31
N THR D 68 7.81 17.47 -12.30
CA THR D 68 7.63 16.91 -13.62
C THR D 68 8.08 15.45 -13.67
N ARG D 69 7.23 14.59 -14.24
CA ARG D 69 7.55 13.16 -14.38
C ARG D 69 7.44 12.64 -15.80
N ARG D 70 6.78 13.34 -16.71
CA ARG D 70 6.60 12.88 -18.08
C ARG D 70 6.81 14.06 -19.01
N ILE D 71 7.75 13.92 -19.96
CA ILE D 71 8.15 15.03 -20.79
C ILE D 71 7.83 14.69 -22.24
N PHE D 72 6.78 15.32 -22.76
CA PHE D 72 6.47 15.27 -24.19
C PHE D 72 7.45 16.17 -24.93
N ILE D 73 7.96 15.69 -26.05
CA ILE D 73 8.85 16.49 -26.89
C ILE D 73 8.30 16.49 -28.29
N LEU D 74 7.76 17.64 -28.72
CA LEU D 74 7.14 17.81 -30.02
C LEU D 74 8.10 18.58 -30.92
N GLY D 75 8.67 17.89 -31.91
CA GLY D 75 9.61 18.50 -32.82
C GLY D 75 9.11 18.44 -34.25
N PRO D 76 9.40 19.47 -35.04
CA PRO D 76 8.97 19.46 -36.44
C PRO D 76 9.80 18.52 -37.30
N SER D 77 9.17 18.00 -38.33
CA SER D 77 9.86 17.11 -39.27
C SER D 77 10.59 17.93 -40.34
N HIS D 78 11.87 17.65 -40.52
CA HIS D 78 12.70 18.34 -41.51
C HIS D 78 12.95 17.52 -42.76
N HIS D 79 12.84 16.19 -42.70
CA HIS D 79 13.36 15.33 -43.76
C HIS D 79 12.32 14.48 -44.48
N VAL D 80 11.15 14.26 -43.89
CA VAL D 80 10.20 13.32 -44.49
C VAL D 80 8.88 14.04 -44.78
N PRO D 81 8.15 13.63 -45.82
CA PRO D 81 6.79 14.14 -46.01
C PRO D 81 5.86 13.54 -44.97
N LEU D 82 5.30 14.39 -44.12
CA LEU D 82 4.45 13.93 -43.03
C LEU D 82 3.31 14.92 -42.84
N SER D 83 2.08 14.45 -43.03
CA SER D 83 0.90 15.29 -42.87
C SER D 83 0.22 15.11 -41.52
N ARG D 84 0.70 14.19 -40.68
CA ARG D 84 0.15 14.00 -39.34
C ARG D 84 1.27 14.11 -38.31
N CYS D 85 1.12 13.39 -37.20
CA CYS D 85 2.20 13.23 -36.23
C CYS D 85 2.61 11.76 -36.21
N ALA D 86 3.84 11.52 -35.76
CA ALA D 86 4.41 10.18 -35.77
C ALA D 86 5.05 9.86 -34.43
N LEU D 87 4.94 8.59 -34.02
CA LEU D 87 5.53 8.06 -32.80
C LEU D 87 6.70 7.16 -33.13
N SER D 88 7.65 7.09 -32.19
CA SER D 88 8.86 6.30 -32.37
C SER D 88 8.56 4.80 -32.32
N SER D 89 9.46 4.03 -32.91
CA SER D 89 9.40 2.57 -32.90
C SER D 89 10.29 1.94 -31.84
N VAL D 90 11.06 2.73 -31.10
CA VAL D 90 11.97 2.19 -30.10
C VAL D 90 11.43 2.43 -28.70
N ASP D 91 12.19 1.99 -27.69
CA ASP D 91 11.83 2.15 -26.29
C ASP D 91 12.75 3.09 -25.53
N ILE D 92 13.95 3.34 -26.03
CA ILE D 92 14.97 4.09 -25.30
C ILE D 92 15.63 5.08 -26.27
N TYR D 93 15.76 6.32 -25.84
CA TYR D 93 16.52 7.34 -26.55
C TYR D 93 17.86 7.54 -25.84
N ARG D 94 18.96 7.24 -26.52
CA ARG D 94 20.27 7.40 -25.93
C ARG D 94 20.70 8.87 -25.94
N THR D 95 21.45 9.26 -24.91
CA THR D 95 22.15 10.53 -24.84
C THR D 95 23.53 10.28 -24.26
N PRO D 96 24.46 11.22 -24.42
CA PRO D 96 25.78 11.06 -23.77
C PRO D 96 25.74 11.14 -22.25
N LEU D 97 24.67 11.69 -21.66
CA LEU D 97 24.58 11.77 -20.21
C LEU D 97 24.04 10.47 -19.62
N TYR D 98 22.76 10.18 -19.91
CA TYR D 98 22.16 8.89 -19.58
C TYR D 98 20.96 8.71 -20.50
N ASP D 99 20.50 7.47 -20.58
CA ASP D 99 19.43 7.09 -21.55
C ASP D 99 18.03 7.44 -21.05
N LEU D 100 17.15 7.80 -21.97
CA LEU D 100 15.78 8.24 -21.60
C LEU D 100 14.78 7.19 -22.07
N ARG D 101 13.83 6.85 -21.21
CA ARG D 101 12.85 5.79 -21.51
C ARG D 101 11.53 6.38 -22.01
N ILE D 102 10.98 5.81 -23.07
CA ILE D 102 9.69 6.26 -23.62
C ILE D 102 8.52 5.78 -22.74
N ASP D 103 7.58 6.68 -22.47
CA ASP D 103 6.44 6.31 -21.64
C ASP D 103 5.53 5.35 -22.40
N GLN D 104 5.54 4.08 -22.01
CA GLN D 104 4.84 3.05 -22.77
C GLN D 104 3.32 3.19 -22.67
N LYS D 105 2.82 3.54 -21.48
CA LYS D 105 1.38 3.68 -21.31
C LYS D 105 0.82 4.79 -22.21
N ILE D 106 1.45 5.96 -22.18
CA ILE D 106 0.97 7.08 -23.00
C ILE D 106 1.16 6.79 -24.48
N TYR D 107 2.27 6.14 -24.84
CA TYR D 107 2.44 5.77 -26.24
C TYR D 107 1.33 4.84 -26.71
N GLY D 108 0.91 3.92 -25.84
CA GLY D 108 -0.22 3.06 -26.19
C GLY D 108 -1.51 3.83 -26.37
N GLU D 109 -1.78 4.78 -25.47
CA GLU D 109 -2.99 5.59 -25.60
C GLU D 109 -2.98 6.42 -26.89
N LEU D 110 -1.87 7.11 -27.14
CA LEU D 110 -1.75 7.93 -28.35
C LEU D 110 -1.94 7.06 -29.58
N TRP D 111 -1.27 5.90 -29.63
CA TRP D 111 -1.41 5.02 -30.79
C TRP D 111 -2.86 4.57 -30.96
N LYS D 112 -3.53 4.24 -29.86
CA LYS D 112 -4.92 3.78 -29.96
C LYS D 112 -5.86 4.87 -30.47
N THR D 113 -5.48 6.14 -30.37
CA THR D 113 -6.33 7.17 -31.00
C THR D 113 -6.41 7.01 -32.51
N GLY D 114 -5.43 6.38 -33.15
CA GLY D 114 -5.42 6.24 -34.60
C GLY D 114 -5.01 7.47 -35.38
N MET D 115 -4.61 8.56 -34.70
CA MET D 115 -4.24 9.82 -35.38
C MET D 115 -2.73 9.86 -35.68
N PHE D 116 -2.00 8.83 -35.28
CA PHE D 116 -0.53 8.87 -35.41
C PHE D 116 0.04 7.83 -36.37
N GLU D 117 1.11 8.21 -37.05
CA GLU D 117 1.84 7.25 -37.89
C GLU D 117 3.01 6.70 -37.07
N ARG D 118 3.64 5.66 -37.58
CA ARG D 118 4.82 5.07 -36.89
C ARG D 118 6.09 5.52 -37.59
N MET D 119 6.96 6.17 -36.87
CA MET D 119 8.26 6.59 -37.34
C MET D 119 9.18 5.39 -37.53
N SER D 120 9.77 5.27 -38.72
CA SER D 120 10.82 4.28 -38.89
C SER D 120 12.05 4.68 -38.07
N LEU D 121 12.89 3.67 -37.79
CA LEU D 121 14.13 3.95 -37.06
C LEU D 121 15.01 4.93 -37.84
N GLN D 122 15.07 4.77 -39.17
CA GLN D 122 15.84 5.69 -40.00
C GLN D 122 15.30 7.11 -39.90
N THR D 123 13.99 7.27 -40.07
CA THR D 123 13.38 8.58 -39.91
C THR D 123 13.67 9.15 -38.53
N ASP D 124 13.53 8.32 -37.49
CA ASP D 124 13.72 8.76 -36.11
C ASP D 124 15.12 9.31 -35.90
N GLU D 125 16.14 8.56 -36.33
CA GLU D 125 17.52 8.95 -36.10
C GLU D 125 17.95 10.09 -37.01
N ASP D 126 17.34 10.22 -38.19
CA ASP D 126 17.73 11.27 -39.11
C ASP D 126 17.32 12.65 -38.59
N GLU D 127 16.16 12.73 -37.92
CA GLU D 127 15.67 14.00 -37.41
C GLU D 127 16.50 14.46 -36.21
N HIS D 128 16.68 15.78 -36.11
CA HIS D 128 17.39 16.37 -34.98
C HIS D 128 16.49 17.19 -34.07
N SER D 129 15.28 17.54 -34.51
CA SER D 129 14.49 18.52 -33.78
C SER D 129 14.01 18.01 -32.43
N ILE D 130 13.91 16.69 -32.26
CA ILE D 130 13.64 16.12 -30.94
C ILE D 130 14.92 15.82 -30.18
N GLU D 131 15.92 15.27 -30.89
CA GLU D 131 17.17 14.85 -30.25
C GLU D 131 17.83 15.98 -29.51
N MET D 132 17.76 17.21 -30.06
CA MET D 132 18.45 18.35 -29.46
C MET D 132 17.92 18.69 -28.07
N HIS D 133 16.78 18.14 -27.69
CA HIS D 133 16.24 18.38 -26.37
C HIS D 133 16.53 17.25 -25.39
N LEU D 134 17.11 16.14 -25.87
CA LEU D 134 17.39 15.01 -24.97
C LEU D 134 18.49 15.34 -23.97
N PRO D 135 19.67 15.85 -24.38
CA PRO D 135 20.69 16.18 -23.36
C PRO D 135 20.18 17.20 -22.36
N TYR D 136 19.59 18.30 -22.82
CA TYR D 136 19.08 19.30 -21.89
C TYR D 136 18.07 18.69 -20.93
N THR D 137 17.09 17.95 -21.45
CA THR D 137 16.14 17.27 -20.57
C THR D 137 16.86 16.41 -19.56
N ALA D 138 17.79 15.58 -20.04
CA ALA D 138 18.55 14.72 -19.14
C ALA D 138 19.24 15.56 -18.08
N LYS D 139 19.77 16.72 -18.47
CA LYS D 139 20.49 17.54 -17.52
C LYS D 139 19.53 18.18 -16.52
N ALA D 140 18.37 18.65 -16.98
CA ALA D 140 17.46 19.35 -16.09
C ALA D 140 16.84 18.40 -15.08
N MET D 141 16.66 17.15 -15.48
CA MET D 141 15.97 16.12 -14.72
C MET D 141 16.91 15.26 -13.87
N GLU D 142 18.22 15.58 -13.86
CA GLU D 142 19.21 14.62 -13.36
C GLU D 142 19.00 14.26 -11.90
N SER D 143 18.51 15.18 -11.08
CA SER D 143 18.26 14.85 -9.68
C SER D 143 17.18 13.79 -9.52
N HIS D 144 16.37 13.57 -10.55
CA HIS D 144 15.34 12.54 -10.55
C HIS D 144 15.44 11.69 -11.81
N LYS D 145 16.68 11.38 -12.21
CA LYS D 145 16.93 10.74 -13.49
C LYS D 145 16.19 9.41 -13.63
N ASP D 146 15.94 8.72 -12.51
CA ASP D 146 15.33 7.39 -12.56
C ASP D 146 13.81 7.41 -12.48
N GLU D 147 13.16 8.58 -12.48
CA GLU D 147 11.74 8.64 -12.18
C GLU D 147 10.93 9.38 -13.25
N PHE D 148 11.45 9.53 -14.45
CA PHE D 148 10.69 10.23 -15.48
C PHE D 148 10.81 9.50 -16.81
N THR D 149 9.84 9.78 -17.68
CA THR D 149 9.78 9.20 -19.01
C THR D 149 9.63 10.33 -20.03
N ILE D 150 9.81 9.99 -21.30
CA ILE D 150 9.64 10.95 -22.38
C ILE D 150 8.60 10.42 -23.36
N ILE D 151 7.97 11.34 -24.08
CA ILE D 151 7.01 11.01 -25.12
C ILE D 151 7.42 11.78 -26.38
N PRO D 152 8.30 11.21 -27.22
CA PRO D 152 8.71 11.92 -28.45
C PRO D 152 7.58 11.91 -29.47
N VAL D 153 7.34 13.06 -30.09
CA VAL D 153 6.30 13.19 -31.10
C VAL D 153 6.88 13.98 -32.27
N LEU D 154 6.93 13.36 -33.44
CA LEU D 154 7.33 14.08 -34.65
C LEU D 154 6.08 14.75 -35.23
N VAL D 155 6.15 16.06 -35.44
CA VAL D 155 5.03 16.85 -35.92
C VAL D 155 5.28 17.21 -37.37
N GLY D 156 4.38 16.81 -38.26
CA GLY D 156 4.51 17.08 -39.68
C GLY D 156 3.90 18.41 -40.08
N ALA D 157 3.65 18.55 -41.39
CA ALA D 157 3.10 19.78 -41.96
C ALA D 157 1.58 19.77 -41.74
N LEU D 158 1.20 20.06 -40.49
CA LEU D 158 -0.20 19.97 -40.12
C LEU D 158 -1.02 21.08 -40.75
N SER D 159 -2.20 20.73 -41.26
CA SER D 159 -3.20 21.73 -41.59
C SER D 159 -3.70 22.40 -40.31
N GLU D 160 -4.44 23.52 -40.48
CA GLU D 160 -4.99 24.21 -39.32
C GLU D 160 -5.95 23.31 -38.55
N SER D 161 -6.83 22.61 -39.25
CA SER D 161 -7.76 21.71 -38.58
C SER D 161 -7.01 20.60 -37.83
N LYS D 162 -5.92 20.10 -38.43
CA LYS D 162 -5.14 19.08 -37.74
C LYS D 162 -4.42 19.67 -36.54
N GLU D 163 -3.95 20.92 -36.65
CA GLU D 163 -3.37 21.58 -35.48
C GLU D 163 -4.38 21.66 -34.34
N GLN D 164 -5.63 21.99 -34.67
CA GLN D 164 -6.67 22.04 -33.65
C GLN D 164 -6.97 20.66 -33.08
N GLU D 165 -7.04 19.63 -33.94
CA GLU D 165 -7.35 18.29 -33.48
C GLU D 165 -6.26 17.76 -32.55
N PHE D 166 -5.01 17.91 -32.96
CA PHE D 166 -3.91 17.46 -32.11
C PHE D 166 -3.80 18.30 -30.84
N GLY D 167 -4.11 19.61 -30.92
CA GLY D 167 -4.14 20.41 -29.71
C GLY D 167 -5.17 19.92 -28.72
N LYS D 168 -6.38 19.64 -29.21
CA LYS D 168 -7.43 19.10 -28.36
C LYS D 168 -7.01 17.76 -27.75
N LEU D 169 -6.43 16.89 -28.57
CA LEU D 169 -5.95 15.61 -28.06
C LEU D 169 -4.94 15.79 -26.94
N PHE D 170 -3.97 16.68 -27.12
CA PHE D 170 -2.90 16.84 -26.15
C PHE D 170 -3.32 17.67 -24.93
N SER D 171 -4.44 18.39 -25.01
CA SER D 171 -4.83 19.26 -23.90
C SER D 171 -5.01 18.47 -22.60
N LYS D 172 -5.56 17.26 -22.68
CA LYS D 172 -5.77 16.48 -21.45
C LYS D 172 -4.44 16.11 -20.79
N TYR D 173 -3.38 15.94 -21.57
CA TYR D 173 -2.06 15.70 -20.99
C TYR D 173 -1.43 16.99 -20.47
N LEU D 174 -1.66 18.11 -21.16
CA LEU D 174 -1.14 19.38 -20.70
C LEU D 174 -1.70 19.77 -19.33
N ALA D 175 -2.94 19.36 -19.03
CA ALA D 175 -3.59 19.68 -17.76
C ALA D 175 -3.04 18.87 -16.58
N ASP D 176 -2.24 17.85 -16.83
CA ASP D 176 -1.70 17.02 -15.78
C ASP D 176 -0.47 17.71 -15.18
N PRO D 177 -0.45 18.02 -13.89
CA PRO D 177 0.71 18.73 -13.32
C PRO D 177 2.02 17.97 -13.37
N SER D 178 1.98 16.65 -13.58
CA SER D 178 3.18 15.85 -13.73
C SER D 178 3.78 15.90 -15.13
N ASN D 179 3.11 16.54 -16.09
CA ASN D 179 3.55 16.51 -17.47
C ASN D 179 4.23 17.82 -17.86
N LEU D 180 5.12 17.73 -18.85
CA LEU D 180 5.77 18.89 -19.42
C LEU D 180 5.81 18.74 -20.93
N PHE D 181 5.43 19.79 -21.66
CA PHE D 181 5.47 19.78 -23.11
C PHE D 181 6.64 20.63 -23.59
N VAL D 182 7.63 19.97 -24.19
CA VAL D 182 8.73 20.64 -24.86
C VAL D 182 8.37 20.80 -26.32
N VAL D 183 8.29 22.05 -26.78
CA VAL D 183 7.92 22.39 -28.14
C VAL D 183 9.15 22.94 -28.84
N SER D 184 9.63 22.23 -29.86
CA SER D 184 10.92 22.52 -30.48
C SER D 184 10.74 23.46 -31.67
N SER D 185 11.42 24.60 -31.65
CA SER D 185 11.37 25.49 -32.79
C SER D 185 12.52 26.48 -32.74
N ASP D 186 13.05 26.82 -33.91
CA ASP D 186 13.84 28.03 -34.11
C ASP D 186 12.95 29.09 -34.72
N PHE D 187 13.40 30.34 -34.66
CA PHE D 187 12.59 31.38 -35.25
C PHE D 187 13.22 31.81 -36.57
N CYS D 188 13.15 33.09 -36.93
CA CYS D 188 13.39 33.53 -38.31
C CYS D 188 14.70 33.00 -38.89
N HIS D 189 14.61 32.36 -40.05
CA HIS D 189 15.75 32.07 -40.91
C HIS D 189 15.76 33.11 -42.03
N TRP D 190 16.69 34.07 -41.94
CA TRP D 190 16.75 35.21 -42.84
C TRP D 190 17.96 35.11 -43.75
N GLY D 191 17.77 35.38 -45.03
CA GLY D 191 18.85 35.44 -45.98
C GLY D 191 18.46 34.77 -47.28
N GLN D 192 19.24 35.07 -48.32
CA GLN D 192 18.97 34.48 -49.64
C GLN D 192 19.02 32.96 -49.59
N ARG D 193 19.91 32.40 -48.78
CA ARG D 193 20.00 30.95 -48.67
C ARG D 193 18.73 30.31 -48.13
N PHE D 194 17.89 31.07 -47.43
CA PHE D 194 16.59 30.60 -46.99
C PHE D 194 15.45 31.12 -47.85
N ARG D 195 15.75 31.88 -48.91
CA ARG D 195 14.71 32.53 -49.73
C ARG D 195 13.73 33.32 -48.86
N TYR D 196 14.26 34.04 -47.87
CA TYR D 196 13.44 34.87 -46.99
C TYR D 196 14.20 36.15 -46.67
N SER D 197 13.74 37.27 -47.20
CA SER D 197 14.45 38.52 -47.03
C SER D 197 13.51 39.65 -46.61
N TYR D 198 12.45 39.32 -45.88
CA TYR D 198 11.54 40.35 -45.39
C TYR D 198 12.31 41.38 -44.57
N TYR D 199 12.04 42.66 -44.83
CA TYR D 199 12.77 43.74 -44.19
C TYR D 199 11.82 44.91 -43.98
N ASP D 200 11.65 45.34 -42.74
CA ASP D 200 10.84 46.50 -42.41
C ASP D 200 11.81 47.63 -42.10
N GLU D 201 11.90 48.59 -43.01
CA GLU D 201 12.92 49.62 -42.95
C GLU D 201 12.64 50.67 -41.90
N SER D 202 11.43 50.70 -41.35
CA SER D 202 11.18 51.55 -40.20
C SER D 202 11.88 51.05 -38.94
N GLN D 203 12.33 49.79 -38.94
CA GLN D 203 13.00 49.23 -37.77
C GLN D 203 14.50 49.45 -37.76
N GLY D 204 15.08 49.97 -38.82
CA GLY D 204 16.51 50.27 -38.84
C GLY D 204 17.29 49.17 -39.55
N GLU D 205 18.33 48.68 -38.89
CA GLU D 205 19.17 47.64 -39.46
C GLU D 205 18.39 46.34 -39.63
N ILE D 206 18.90 45.48 -40.52
CA ILE D 206 18.20 44.25 -40.85
C ILE D 206 17.98 43.40 -39.61
N TYR D 207 19.01 43.26 -38.77
CA TYR D 207 18.86 42.42 -37.58
C TYR D 207 17.81 42.98 -36.62
N ARG D 208 17.62 44.31 -36.62
CA ARG D 208 16.56 44.90 -35.82
C ARG D 208 15.18 44.60 -36.42
N SER D 209 15.09 44.60 -37.74
CA SER D 209 13.84 44.21 -38.40
C SER D 209 13.51 42.75 -38.10
N ILE D 210 14.52 41.88 -38.13
CA ILE D 210 14.31 40.47 -37.79
C ILE D 210 13.84 40.33 -36.35
N GLU D 211 14.50 41.03 -35.43
CA GLU D 211 14.08 40.96 -34.03
C GLU D 211 12.63 41.42 -33.88
N HIS D 212 12.25 42.49 -34.58
CA HIS D 212 10.87 42.98 -34.48
C HIS D 212 9.87 41.97 -35.03
N LEU D 213 10.16 41.38 -36.19
CA LEU D 213 9.27 40.36 -36.74
C LEU D 213 9.12 39.17 -35.78
N ASP D 214 10.26 38.66 -35.30
CA ASP D 214 10.24 37.53 -34.38
C ASP D 214 9.43 37.87 -33.13
N LYS D 215 9.64 39.05 -32.57
CA LYS D 215 8.97 39.42 -31.33
C LYS D 215 7.50 39.75 -31.53
N MET D 216 7.09 40.13 -32.73
CA MET D 216 5.66 40.17 -33.02
C MET D 216 5.05 38.77 -32.88
N GLY D 217 5.73 37.77 -33.48
CA GLY D 217 5.26 36.40 -33.31
C GLY D 217 5.28 35.93 -31.87
N MET D 218 6.36 36.22 -31.14
CA MET D 218 6.46 35.81 -29.74
C MET D 218 5.42 36.50 -28.88
N SER D 219 5.11 37.76 -29.19
CA SER D 219 4.06 38.48 -28.49
C SER D 219 2.71 37.81 -28.71
N ILE D 220 2.44 37.37 -29.94
CA ILE D 220 1.16 36.70 -30.19
C ILE D 220 1.09 35.39 -29.42
N ILE D 221 2.21 34.65 -29.38
CA ILE D 221 2.26 33.42 -28.61
C ILE D 221 2.00 33.69 -27.13
N GLU D 222 2.57 34.77 -26.59
CA GLU D 222 2.32 35.15 -25.21
C GLU D 222 0.86 35.55 -24.99
N GLN D 223 0.14 35.93 -26.04
CA GLN D 223 -1.29 36.15 -25.93
C GLN D 223 -2.08 34.86 -26.03
N LEU D 224 -1.41 33.72 -26.22
CA LEU D 224 -2.08 32.41 -26.25
C LEU D 224 -3.16 32.35 -27.32
N ASP D 225 -2.85 32.89 -28.51
CA ASP D 225 -3.85 33.13 -29.55
C ASP D 225 -3.47 32.39 -30.82
N PRO D 226 -3.99 31.16 -31.02
CA PRO D 226 -3.61 30.40 -32.21
C PRO D 226 -4.12 31.00 -33.51
N VAL D 227 -5.32 31.58 -33.52
CA VAL D 227 -5.87 32.17 -34.74
C VAL D 227 -4.98 33.32 -35.20
N SER D 228 -4.63 34.20 -34.26
CA SER D 228 -3.78 35.34 -34.62
C SER D 228 -2.37 34.90 -35.00
N PHE D 229 -1.86 33.83 -34.39
CA PHE D 229 -0.57 33.29 -34.81
C PHE D 229 -0.62 32.77 -36.24
N SER D 230 -1.70 32.06 -36.58
CA SER D 230 -1.90 31.61 -37.96
C SER D 230 -1.99 32.79 -38.93
N ASN D 231 -2.72 33.84 -38.55
CA ASN D 231 -2.85 35.01 -39.42
C ASN D 231 -1.50 35.70 -39.61
N TYR D 232 -0.71 35.78 -38.55
CA TYR D 232 0.62 36.37 -38.60
C TYR D 232 1.52 35.58 -39.54
N LEU D 233 1.47 34.24 -39.47
CA LEU D 233 2.24 33.42 -40.40
C LEU D 233 1.78 33.63 -41.84
N LYS D 234 0.47 33.76 -42.05
CA LYS D 234 -0.02 33.99 -43.41
C LYS D 234 0.38 35.37 -43.92
N LYS D 235 0.56 36.33 -43.02
CA LYS D 235 0.83 37.70 -43.42
C LYS D 235 2.29 37.93 -43.75
N TYR D 236 3.21 37.42 -42.90
CA TYR D 236 4.62 37.66 -43.13
C TYR D 236 5.42 36.43 -43.55
N HIS D 237 4.89 35.22 -43.34
CA HIS D 237 5.59 33.98 -43.69
C HIS D 237 6.96 33.88 -43.02
N ASN D 238 7.04 34.31 -41.77
CA ASN D 238 8.27 34.16 -41.00
C ASN D 238 8.68 32.69 -40.99
N THR D 239 9.98 32.44 -41.16
CA THR D 239 10.50 31.08 -41.30
C THR D 239 10.71 30.44 -39.93
N ILE D 240 9.61 30.25 -39.22
CA ILE D 240 9.61 29.59 -37.91
C ILE D 240 9.40 28.10 -38.17
N CYS D 241 10.43 27.30 -37.99
N CYS D 241 10.47 27.34 -38.02
CA CYS D 241 10.33 25.92 -38.47
CA CYS D 241 10.46 25.91 -38.36
C CYS D 241 9.49 25.02 -37.56
C CYS D 241 9.36 25.18 -37.60
N GLY D 242 9.29 25.37 -36.29
CA GLY D 242 8.39 24.61 -35.44
C GLY D 242 7.03 25.27 -35.32
N ARG D 243 6.59 25.96 -36.38
CA ARG D 243 5.30 26.63 -36.35
C ARG D 243 4.16 25.66 -36.10
N HIS D 244 4.25 24.42 -36.61
CA HIS D 244 3.16 23.47 -36.41
C HIS D 244 3.11 22.94 -34.98
N PRO D 245 4.22 22.51 -34.36
CA PRO D 245 4.15 22.19 -32.92
C PRO D 245 3.65 23.36 -32.08
N ILE D 246 4.04 24.58 -32.46
CA ILE D 246 3.59 25.76 -31.73
C ILE D 246 2.08 25.92 -31.86
N GLY D 247 1.54 25.73 -33.06
CA GLY D 247 0.10 25.80 -33.24
C GLY D 247 -0.63 24.73 -32.45
N VAL D 248 -0.05 23.52 -32.38
CA VAL D 248 -0.63 22.46 -31.56
C VAL D 248 -0.68 22.89 -30.09
N LEU D 249 0.44 23.41 -29.59
CA LEU D 249 0.49 23.86 -28.20
C LEU D 249 -0.51 24.97 -27.94
N LEU D 250 -0.64 25.92 -28.86
CA LEU D 250 -1.56 27.03 -28.66
C LEU D 250 -3.01 26.55 -28.63
N ASN D 251 -3.35 25.58 -29.50
CA ASN D 251 -4.70 25.04 -29.46
C ASN D 251 -4.96 24.24 -28.19
N ALA D 252 -3.96 23.51 -27.72
CA ALA D 252 -4.10 22.84 -26.42
C ALA D 252 -4.35 23.84 -25.30
N ILE D 253 -3.60 24.95 -25.32
CA ILE D 253 -3.77 25.97 -24.30
C ILE D 253 -5.15 26.58 -24.35
N THR D 254 -5.64 26.92 -25.56
CA THR D 254 -6.96 27.51 -25.65
CA THR D 254 -6.97 27.51 -25.65
C THR D 254 -8.05 26.53 -25.21
N GLU D 255 -7.84 25.23 -25.46
CA GLU D 255 -8.80 24.25 -24.99
C GLU D 255 -8.84 24.23 -23.47
N LEU D 256 -7.66 24.29 -22.83
CA LEU D 256 -7.63 24.32 -21.37
C LEU D 256 -8.21 25.62 -20.81
N GLN D 257 -7.99 26.74 -21.50
CA GLN D 257 -8.55 28.01 -21.05
C GLN D 257 -10.07 28.02 -21.14
N LYS D 258 -10.62 27.42 -22.19
CA LYS D 258 -12.07 27.31 -22.30
C LYS D 258 -12.67 26.57 -21.11
N ASN D 259 -11.90 25.72 -20.44
CA ASN D 259 -12.37 25.04 -19.23
C ASN D 259 -12.10 25.84 -17.97
N GLY D 260 -11.58 27.07 -18.10
CA GLY D 260 -11.40 27.93 -16.94
C GLY D 260 -10.03 27.90 -16.30
N MET D 261 -9.07 27.16 -16.85
CA MET D 261 -7.73 27.15 -16.29
C MET D 261 -7.01 28.44 -16.62
N ASN D 262 -6.21 28.94 -15.68
CA ASN D 262 -5.45 30.17 -15.88
C ASN D 262 -3.98 29.81 -16.07
N MET D 263 -3.37 30.34 -17.15
CA MET D 263 -1.97 30.09 -17.41
C MET D 263 -1.39 31.27 -18.16
N SER D 264 -0.07 31.38 -18.15
CA SER D 264 0.60 32.44 -18.88
C SER D 264 1.89 31.93 -19.49
N PHE D 265 2.24 32.47 -20.65
CA PHE D 265 3.46 32.14 -21.36
C PHE D 265 4.35 33.37 -21.43
N SER D 266 5.62 33.19 -21.10
CA SER D 266 6.60 34.27 -21.14
C SER D 266 7.84 33.80 -21.86
N PHE D 267 8.28 34.57 -22.86
CA PHE D 267 9.60 34.37 -23.43
C PHE D 267 10.64 35.06 -22.54
N LEU D 268 11.76 34.37 -22.32
CA LEU D 268 12.77 34.78 -21.35
C LEU D 268 14.11 35.13 -21.97
N ASN D 269 14.36 34.76 -23.22
CA ASN D 269 15.61 35.09 -23.88
C ASN D 269 15.42 34.99 -25.38
N TYR D 270 16.06 35.91 -26.10
CA TYR D 270 16.02 35.98 -27.55
C TYR D 270 17.44 36.17 -28.04
N ALA D 271 17.83 35.43 -29.07
CA ALA D 271 19.18 35.55 -29.59
C ALA D 271 19.16 35.28 -31.09
N GLN D 272 20.19 35.79 -31.76
CA GLN D 272 20.39 35.60 -33.19
C GLN D 272 21.77 34.99 -33.41
N SER D 273 21.87 34.06 -34.36
CA SER D 273 23.15 33.42 -34.60
C SER D 273 24.20 34.42 -35.04
N SER D 274 23.78 35.46 -35.76
CA SER D 274 24.62 36.60 -36.09
C SER D 274 23.69 37.77 -36.36
N GLN D 275 24.26 38.94 -36.56
CA GLN D 275 23.50 40.17 -36.79
C GLN D 275 23.60 40.55 -38.26
N CYS D 276 22.52 40.29 -39.00
CA CYS D 276 22.49 40.63 -40.41
C CYS D 276 22.48 42.15 -40.61
N ARG D 277 23.39 42.62 -41.46
CA ARG D 277 23.48 44.04 -41.74
C ARG D 277 23.40 44.38 -43.22
N ASN D 278 23.75 43.46 -44.12
N ASN D 278 23.72 43.45 -44.12
CA ASN D 278 23.64 43.64 -45.56
CA ASN D 278 23.58 43.68 -45.55
C ASN D 278 22.78 42.52 -46.15
C ASN D 278 22.85 42.49 -46.17
N TRP D 279 22.45 42.65 -47.43
CA TRP D 279 21.59 41.67 -48.09
C TRP D 279 22.29 40.33 -48.32
N GLN D 280 23.60 40.28 -48.22
CA GLN D 280 24.30 39.01 -48.38
C GLN D 280 24.42 38.24 -47.07
N ASP D 281 24.01 38.83 -45.94
CA ASP D 281 24.09 38.15 -44.65
C ASP D 281 22.94 37.18 -44.47
N SER D 282 23.12 36.25 -43.53
CA SER D 282 22.07 35.34 -43.13
C SER D 282 22.20 35.06 -41.64
N SER D 283 21.07 34.78 -41.00
CA SER D 283 21.06 34.48 -39.58
C SER D 283 19.86 33.60 -39.26
N VAL D 284 19.94 32.94 -38.10
CA VAL D 284 18.84 32.17 -37.52
C VAL D 284 18.58 32.71 -36.12
N SER D 285 17.31 32.87 -35.77
CA SER D 285 16.93 33.39 -34.47
C SER D 285 16.52 32.27 -33.52
N TYR D 286 16.79 32.49 -32.23
CA TYR D 286 16.43 31.54 -31.18
C TYR D 286 15.69 32.28 -30.07
N ALA D 287 14.63 31.65 -29.57
CA ALA D 287 13.82 32.21 -28.48
C ALA D 287 13.45 31.09 -27.53
N ALA D 288 13.57 31.35 -26.23
CA ALA D 288 13.25 30.38 -25.19
C ALA D 288 12.15 30.95 -24.32
N GLY D 289 11.14 30.13 -24.03
CA GLY D 289 10.02 30.59 -23.23
C GLY D 289 9.37 29.46 -22.45
N ALA D 290 8.53 29.84 -21.49
CA ALA D 290 7.90 28.88 -20.59
C ALA D 290 6.43 29.22 -20.35
N LEU D 291 5.62 28.16 -20.31
CA LEU D 291 4.22 28.22 -19.94
C LEU D 291 4.09 27.72 -18.51
N THR D 292 3.51 28.57 -17.65
CA THR D 292 3.25 28.29 -16.25
C THR D 292 1.74 28.35 -15.97
N VAL D 293 1.26 27.42 -15.15
CA VAL D 293 -0.15 27.31 -14.83
C VAL D 293 -0.37 27.92 -13.45
N HIS D 294 -1.32 28.84 -13.34
CA HIS D 294 -1.61 29.48 -12.06
C HIS D 294 -2.97 29.10 -11.47
N1 GSH E . 13.87 -28.88 -19.17
N1 GSH E . 13.87 -28.89 -19.08
CA1 GSH E . 14.70 -28.34 -18.10
CA1 GSH E . 14.67 -28.38 -17.98
C1 GSH E . 15.99 -29.14 -18.01
C1 GSH E . 15.96 -29.19 -17.88
O11 GSH E . 16.77 -29.00 -17.03
O11 GSH E . 16.67 -29.16 -16.84
O12 GSH E . 16.30 -29.95 -18.92
O12 GSH E . 16.32 -29.91 -18.86
CB1 GSH E . 13.94 -28.38 -16.77
CB1 GSH E . 13.89 -28.47 -16.66
CG1 GSH E . 13.60 -29.82 -16.41
CG1 GSH E . 13.48 -29.91 -16.39
CD1 GSH E . 12.86 -29.88 -15.08
CD1 GSH E . 12.77 -30.02 -15.03
OE1 GSH E . 12.06 -29.04 -14.78
OE1 GSH E . 12.04 -29.17 -14.66
N2 GSH E . 13.14 -30.98 -14.16
N2 GSH E . 13.01 -31.20 -14.21
CA2 GSH E . 12.47 -31.13 -12.89
CA2 GSH E . 12.39 -31.43 -12.92
C2 GSH E . 12.83 -30.03 -11.90
C2 GSH E . 12.68 -30.28 -11.94
O2 GSH E . 12.15 -29.86 -10.93
O2 GSH E . 11.90 -30.07 -11.05
CB2 GSH E . 12.84 -32.49 -12.30
CB2 GSH E . 12.88 -32.74 -12.33
SG2 GSH E . 11.58 -33.69 -12.79
SG2 GSH E . 14.69 -32.68 -12.09
N3 GSH E . 13.99 -29.17 -12.12
N3 GSH E . 13.87 -29.47 -12.08
CA3 GSH E . 14.31 -28.12 -11.18
CA3 GSH E . 14.13 -28.38 -11.16
C3 GSH E . 14.86 -28.67 -9.86
C3 GSH E . 14.71 -28.88 -9.84
O31 GSH E . 15.40 -29.80 -9.84
O31 GSH E . 15.27 -30.00 -9.78
O32 GSH E . 14.79 -27.97 -8.81
O32 GSH E . 14.64 -28.14 -8.81
C1 EDO F . 18.00 -15.98 -13.63
O1 EDO F . 16.91 -16.74 -14.15
C2 EDO F . 18.08 -14.61 -14.29
O2 EDO F . 19.19 -13.90 -13.73
C1 EDO G . -4.72 -12.19 -23.08
O1 EDO G . -3.34 -12.38 -23.42
C2 EDO G . -5.60 -12.93 -24.08
O2 EDO G . -5.35 -14.35 -23.98
C1 EDO H . -9.08 -13.01 -3.35
O1 EDO H . -9.98 -12.12 -4.02
C2 EDO H . -9.43 -12.98 -1.87
O2 EDO H . -10.76 -13.48 -1.70
C1 EDO I . 17.52 -17.21 11.67
O1 EDO I . 18.85 -17.77 11.75
C2 EDO I . 17.60 -15.71 11.45
O2 EDO I . 16.47 -15.04 12.00
C1 EDO J . 21.96 -1.49 -14.27
O1 EDO J . 21.24 -2.73 -14.22
C2 EDO J . 21.16 -0.41 -13.53
O2 EDO J . 19.82 -0.41 -14.03
C1 EDO K . 8.02 -21.98 15.37
O1 EDO K . 7.55 -20.63 15.50
C2 EDO K . 7.66 -22.55 14.01
O2 EDO K . 8.25 -23.82 13.81
C1 EDO L . 1.09 -26.47 4.87
O1 EDO L . 1.42 -27.85 5.09
C2 EDO L . -0.41 -26.28 5.05
O2 EDO L . -0.74 -26.34 6.45
C1 EDO M . -3.30 -23.10 4.97
O1 EDO M . -2.04 -23.55 4.47
C2 EDO M . -3.17 -22.78 6.45
O2 EDO M . -2.31 -21.64 6.61
C1 EDO N . 8.20 -23.49 -29.25
O1 EDO N . 6.94 -22.83 -29.15
C2 EDO N . 8.35 -24.48 -28.09
O2 EDO N . 9.35 -24.00 -27.20
C1 EDO O . 0.63 -11.92 -22.86
O1 EDO O . -0.07 -11.71 -21.63
C2 EDO O . 0.69 -10.65 -23.68
O2 EDO O . 1.53 -10.90 -24.81
C1 EDO P . 11.44 -40.77 -11.51
O1 EDO P . 12.50 -40.31 -12.36
C2 EDO P . 11.94 -41.99 -10.74
O2 EDO P . 11.03 -42.25 -9.67
C1 EDO Q . 19.40 -2.66 7.18
O1 EDO Q . 18.39 -1.87 6.55
C2 EDO Q . 19.91 -3.71 6.20
O2 EDO Q . 20.89 -4.55 6.84
C1 EDO R . 1.21 -33.57 6.57
O1 EDO R . 1.22 -33.57 8.00
C2 EDO R . 1.31 -35.01 6.09
O2 EDO R . 1.47 -35.01 4.66
C1 EDO S . -0.57 -27.08 0.70
O1 EDO S . -0.85 -27.75 1.93
C2 EDO S . -1.78 -27.19 -0.20
O2 EDO S . -2.94 -26.75 0.52
C1 EDO T . 9.28 -28.69 -18.74
O1 EDO T . 8.89 -27.39 -19.18
C2 EDO T . 10.57 -29.07 -19.43
O2 EDO T . 11.50 -28.05 -19.11
FE FE2 U . 16.77 -25.89 -7.85
N1 GSH V . -32.39 16.05 5.61
N1 GSH V . -32.39 16.01 5.63
CA1 GSH V . -31.27 16.91 5.94
CA1 GSH V . -31.25 16.86 5.96
C1 GSH V . -31.78 18.28 6.38
C1 GSH V . -31.74 18.24 6.39
O11 GSH V . -32.93 18.41 6.87
O11 GSH V . -32.93 18.39 6.82
O12 GSH V . -31.04 19.30 6.25
O12 GSH V . -30.98 19.24 6.33
CB1 GSH V . -30.32 17.05 4.73
CB1 GSH V . -30.30 16.97 4.77
CG1 GSH V . -31.03 17.72 3.57
CG1 GSH V . -30.95 17.74 3.61
CD1 GSH V . -30.06 17.88 2.38
CD1 GSH V . -29.97 17.87 2.44
OE1 GSH V . -29.20 17.09 2.21
OE1 GSH V . -29.14 17.04 2.27
N2 GSH V . -30.20 19.02 1.49
N2 GSH V . -30.04 19.01 1.55
CA2 GSH V . -29.32 19.24 0.35
CA2 GSH V . -29.13 19.18 0.42
C2 GSH V . -27.87 19.45 0.79
C2 GSH V . -27.70 19.45 0.87
O2 GSH V . -27.00 19.38 -0.02
O2 GSH V . -26.84 19.48 0.07
CB2 GSH V . -29.81 20.45 -0.44
CB2 GSH V . -29.65 20.33 -0.45
SG2 GSH V . -30.08 21.84 0.68
SG2 GSH V . -31.20 19.80 -1.22
N3 GSH V . -27.55 19.76 2.17
N3 GSH V . -27.38 19.69 2.28
CA3 GSH V . -26.18 19.97 2.61
CA3 GSH V . -26.02 19.93 2.71
C3 GSH V . -25.61 21.31 2.15
C3 GSH V . -25.47 21.29 2.23
O31 GSH V . -24.37 21.41 1.93
O31 GSH V . -24.23 21.42 2.04
O32 GSH V . -26.36 22.31 2.00
O32 GSH V . -26.24 22.26 2.05
C1 GOL W . -1.35 27.49 1.54
O1 GOL W . -0.45 27.10 0.50
C2 GOL W . -2.73 27.82 1.02
O2 GOL W . -3.72 27.32 1.92
C3 GOL W . -2.92 29.30 0.80
O3 GOL W . -1.79 29.88 0.15
C1 EDO X . -15.45 14.82 -13.21
O1 EDO X . -15.83 16.04 -13.85
C2 EDO X . -16.56 13.81 -13.41
O2 EDO X . -16.02 12.61 -13.96
C1 EDO Y . -35.55 25.64 -6.23
O1 EDO Y . -34.72 25.23 -7.33
C2 EDO Y . -35.06 24.89 -5.00
O2 EDO Y . -34.35 23.73 -5.43
C1 EDO Z . -20.63 27.14 2.11
O1 EDO Z . -19.66 28.14 2.50
C2 EDO Z . -21.97 27.38 2.78
O2 EDO Z . -22.90 27.96 1.83
C1 EDO AA . -31.99 33.96 -15.31
O1 EDO AA . -31.05 33.39 -16.22
C2 EDO AA . -33.36 34.05 -15.99
O2 EDO AA . -33.83 32.73 -16.30
C1 EDO BA . -32.18 12.10 2.93
O1 EDO BA . -30.84 11.63 2.67
C2 EDO BA . -32.25 13.61 2.72
O2 EDO BA . -31.88 14.25 3.96
C1 EDO CA . -3.28 25.23 -10.52
O1 EDO CA . -4.40 26.02 -10.96
C2 EDO CA . -1.97 25.92 -10.85
O2 EDO CA . -0.89 24.98 -10.79
C1 EDO DA . -12.84 17.60 -13.01
O1 EDO DA . -12.76 19.02 -13.20
C2 EDO DA . -12.02 16.88 -14.08
O2 EDO DA . -10.98 17.76 -14.56
C1 EDO EA . -22.21 15.67 -14.58
O1 EDO EA . -23.30 16.58 -14.37
C2 EDO EA . -21.05 16.41 -15.22
O2 EDO EA . -19.85 15.63 -15.13
C1 EDO FA . -2.56 36.31 -2.82
O1 EDO FA . -3.65 35.88 -2.02
C2 EDO FA . -2.18 37.74 -2.42
O2 EDO FA . -1.66 38.42 -3.55
C1 PEG GA . -9.73 32.74 8.49
O1 PEG GA . -10.62 33.40 9.34
C2 PEG GA . -10.12 33.02 7.04
O2 PEG GA . -9.04 32.72 6.20
C3 PEG GA . -9.24 31.55 5.46
C4 PEG GA . -7.91 31.10 4.85
O4 PEG GA . -7.96 29.73 4.51
C1 EDO HA . -34.40 8.82 5.78
O1 EDO HA . -33.39 8.25 4.93
C2 EDO HA . -34.51 10.30 5.48
O2 EDO HA . -34.65 10.48 4.07
C1 EDO IA . -32.85 23.37 -2.69
O1 EDO IA . -31.47 23.63 -2.42
C2 EDO IA . -33.69 23.43 -1.41
O2 EDO IA . -33.41 22.28 -0.60
C1 EDO JA . 2.30 28.19 -5.97
O1 EDO JA . 3.07 27.69 -4.87
C2 EDO JA . 2.95 29.45 -6.55
O2 EDO JA . 2.94 30.49 -5.57
FE FE2 KA . -21.68 21.75 4.20
N1 GSH LA . -11.80 -11.86 46.79
N1 GSH LA . -12.06 -11.72 46.49
CA1 GSH LA . -12.41 -12.83 45.89
CA1 GSH LA . -12.63 -12.92 45.87
C1 GSH LA . -13.60 -13.48 46.60
C1 GSH LA . -13.69 -13.52 46.81
O11 GSH LA . -14.19 -14.46 46.07
O11 GSH LA . -14.23 -14.62 46.54
O12 GSH LA . -14.00 -13.02 47.70
O12 GSH LA . -14.01 -12.90 47.86
CB1 GSH LA . -11.39 -13.88 45.47
CB1 GSH LA . -11.53 -13.93 45.52
CG1 GSH LA . -11.04 -14.77 46.67
CG1 GSH LA . -10.94 -14.56 46.80
CD1 GSH LA . -9.89 -15.71 46.33
CD1 GSH LA . -9.85 -15.58 46.45
OE1 GSH LA . -9.10 -15.44 45.48
OE1 GSH LA . -9.10 -15.42 45.54
N2 GSH LA . -9.76 -16.95 47.07
N2 GSH LA . -9.76 -16.78 47.27
CA2 GSH LA . -8.68 -17.89 46.82
CA2 GSH LA . -8.75 -17.81 47.05
C2 GSH LA . -8.85 -18.61 45.47
C2 GSH LA . -8.92 -18.49 45.69
O2 GSH LA . -7.95 -19.23 45.02
O2 GSH LA . -7.99 -19.06 45.21
CB2 GSH LA . -8.65 -18.92 47.94
CB2 GSH LA . -8.85 -18.85 48.17
SG2 GSH LA . -7.61 -18.29 49.28
SG2 GSH LA . -10.35 -19.86 47.95
N3 GSH LA . -10.11 -18.52 44.75
N3 GSH LA . -10.19 -18.43 44.97
CA3 GSH LA . -10.27 -19.19 43.47
CA3 GSH LA . -10.36 -19.06 43.68
C3 GSH LA . -10.44 -20.71 43.63
C3 GSH LA . -10.53 -20.58 43.76
O31 GSH LA . -10.74 -21.21 44.74
O31 GSH LA . -10.96 -21.10 44.82
O32 GSH LA . -10.26 -21.46 42.63
O32 GSH LA . -10.24 -21.30 42.77
C1 EDO MA . -11.22 -26.76 55.20
O1 EDO MA . -11.53 -25.45 55.69
C2 EDO MA . -10.32 -27.47 56.21
O2 EDO MA . -9.83 -28.74 55.75
C1 EDO NA . -0.89 -44.00 31.89
O1 EDO NA . -1.82 -42.97 31.53
C2 EDO NA . 0.00 -43.52 33.03
O2 EDO NA . 0.51 -42.22 32.73
C1 EDO OA . 1.63 -40.64 44.41
O1 EDO OA . 2.93 -40.68 43.80
C2 EDO OA . 1.62 -39.53 45.46
O2 EDO OA . 0.44 -39.61 46.27
C1 PEG PA . 8.62 -29.40 27.44
O1 PEG PA . 7.32 -29.65 26.94
C2 PEG PA . 8.72 -29.80 28.91
O2 PEG PA . 9.51 -28.86 29.61
C3 PEG PA . 9.37 -28.95 31.00
C4 PEG PA . 10.73 -28.75 31.69
O4 PEG PA . 10.99 -27.38 31.84
C1 PEG QA . -2.02 -41.32 35.09
O1 PEG QA . -1.03 -40.71 34.31
C2 PEG QA . -1.57 -41.52 36.54
O2 PEG QA . -1.00 -40.34 37.04
C3 PEG QA . 0.14 -40.56 37.84
C4 PEG QA . 1.14 -39.43 37.65
O4 PEG QA . 2.16 -39.82 36.76
C1 GOL RA . -5.89 -9.23 13.52
O1 GOL RA . -5.06 -8.12 13.23
C2 GOL RA . -7.21 -8.80 14.13
O2 GOL RA . -8.21 -9.80 13.99
C3 GOL RA . -7.08 -8.36 15.57
O3 GOL RA . -7.28 -6.97 15.72
C1 EDO SA . -8.38 -37.26 26.30
O1 EDO SA . -8.57 -38.62 26.71
C2 EDO SA . -9.14 -36.35 27.28
O2 EDO SA . -8.84 -34.97 27.03
C1 EDO TA . -25.84 -22.16 14.16
O1 EDO TA . -25.87 -22.73 15.47
C2 EDO TA . -24.91 -23.00 13.28
O2 EDO TA . -25.56 -24.23 12.94
C1 EDO UA . -8.70 -10.60 46.72
O1 EDO UA . -9.67 -11.26 45.96
C2 EDO UA . -8.22 -9.42 45.99
O2 EDO UA . -7.38 -9.80 44.94
FE FE2 VA . -11.85 -22.24 39.64
N1 GSH WA . 26.62 21.56 -36.77
CA1 GSH WA . 25.24 21.32 -37.21
C1 GSH WA . 25.20 21.24 -38.74
O11 GSH WA . 26.25 20.98 -39.40
O12 GSH WA . 24.10 21.41 -39.35
CB1 GSH WA . 24.30 22.41 -36.70
CG1 GSH WA . 24.75 23.78 -37.19
CD1 GSH WA . 23.79 24.88 -36.70
OE1 GSH WA . 23.28 24.81 -35.63
N2 GSH WA . 23.54 26.02 -37.56
CA2 GSH WA . 22.68 27.15 -37.23
C2 GSH WA . 21.21 26.77 -37.05
O2 GSH WA . 20.50 27.55 -36.50
CB2 GSH WA . 22.80 28.18 -38.33
SG2 GSH WA . 24.35 29.09 -38.05
N3 GSH WA . 20.69 25.51 -37.54
CA3 GSH WA . 19.29 25.13 -37.36
C3 GSH WA . 18.29 25.98 -38.15
O31 GSH WA . 17.09 26.07 -37.76
O32 GSH WA . 18.67 26.58 -39.19
C1 GOL XA . -6.09 29.05 -36.77
O1 GOL XA . -6.82 28.40 -37.80
C2 GOL XA . -5.44 28.07 -35.82
O2 GOL XA . -6.39 27.11 -35.37
C3 GOL XA . -4.25 27.34 -36.41
O3 GOL XA . -3.65 26.49 -35.44
C1 EDO YA . 12.98 37.59 -24.31
O1 EDO YA . 12.33 38.48 -25.23
C2 EDO YA . 13.82 38.41 -23.34
O2 EDO YA . 12.99 39.41 -22.73
C1 EDO ZA . -0.89 9.33 -17.62
O1 EDO ZA . 0.03 8.24 -17.66
C2 EDO ZA . -1.66 9.40 -18.95
O2 EDO ZA . -3.06 9.42 -18.70
C1 EDO AB . 20.58 51.65 -42.48
O1 EDO AB . 20.45 50.24 -42.28
C2 EDO AB . 20.73 52.34 -41.12
O2 EDO AB . 19.55 52.08 -40.36
C1 EDO BB . 20.24 47.12 -45.95
O1 EDO BB . 21.65 47.29 -46.16
C2 EDO BB . 19.60 48.46 -45.61
O2 EDO BB . 20.03 48.87 -44.30
C1 EDO CB . 11.14 27.13 -41.73
O1 EDO CB . 10.18 27.66 -42.66
C2 EDO CB . 12.31 26.49 -42.48
O2 EDO CB . 13.31 27.49 -42.74
C1 EDO DB . 27.17 35.91 -42.19
O1 EDO DB . 25.99 36.65 -42.48
C2 EDO DB . 26.81 34.67 -41.38
O2 EDO DB . 26.02 33.78 -42.18
C1 EDO EB . 0.58 27.48 -36.56
O1 EDO EB . -0.66 28.00 -37.06
C2 EDO EB . 1.45 26.98 -37.71
O2 EDO EB . 0.68 26.20 -38.63
C1 EDO FB . -2.18 38.57 -36.46
O1 EDO FB . -2.33 39.66 -35.53
C2 EDO FB . -2.09 39.13 -37.89
O2 EDO FB . -0.72 39.38 -38.22
C1 EDO GB . -1.45 28.05 -40.88
O1 EDO GB . -2.05 28.11 -39.59
C2 EDO GB . -0.85 29.40 -41.24
O2 EDO GB . -0.17 29.31 -42.50
FE FE2 HB . 14.52 23.97 -38.05
#